data_2XVH
#
_entry.id   2XVH
#
_cell.length_a   159.214
_cell.length_b   71.139
_cell.length_c   141.361
_cell.angle_alpha   90.00
_cell.angle_beta   90.05
_cell.angle_gamma   90.00
#
_symmetry.space_group_name_H-M   'C 1 2 1'
#
loop_
_entity.id
_entity.type
_entity.pdbx_description
1 polymer 'FLAVIN-CONTAINING MONOOXYGENASE'
2 non-polymer 'FLAVIN-ADENINE DINUCLEOTIDE'
3 non-polymer 'NADP NICOTINAMIDE-ADENINE-DINUCLEOTIDE PHOSPHATE'
4 non-polymer GLYCEROL
5 non-polymer '2-(N-MORPHOLINO)-ETHANESULFONIC ACID'
6 water water
#
_entity_poly.entity_id   1
_entity_poly.type   'polypeptide(L)'
_entity_poly.pdbx_seq_one_letter_code
;MATRIAILGAGPSGMAQLRAFQSAQEKGAEIPELVCFEKQADWGGQWNYTWRTGLDENGEPVHSSMYRYLWSNGPKECLE
FADYTFDEHFGKPIASYPPREVLWDYIKGRVEKAGVRKYIRFNTAVRHVEFNEDSQTFTVTVQDHTTDTIYSEEFDYVVC
CTGHFSTPYVPEFEGFEKFGGRILHAHDFRDALEFKDKTVLLVGSSYSAEDIGSQCYKYGAKKLISCYRTAPMGYKWPEN
WDERPNLVRVDTENAYFADGSSEKVDAIILCTGYIHHFPFLNDDLRLVTNNRLWPLNLYKGVVWEDNPKFFYIGMQDQWY
SFNMFDAQAWYARDVIMGRLPLPSKEEMKADSMAWREKELTLVTAEEMYTYQGDYIQNLIDMTDYPSFDIPATNKTFLEW
KHHKKENIMTFRDHSYRSLMTGTMAPKHHTPWIDALDDSLEAYLSDKSEIPVAKEALEHHHHHH
;
_entity_poly.pdbx_strand_id   A,B,C
#
loop_
_chem_comp.id
_chem_comp.type
_chem_comp.name
_chem_comp.formula
FAD non-polymer 'FLAVIN-ADENINE DINUCLEOTIDE' 'C27 H33 N9 O15 P2'
GOL non-polymer GLYCEROL 'C3 H8 O3'
MES non-polymer '2-(N-MORPHOLINO)-ETHANESULFONIC ACID' 'C6 H13 N O4 S'
NAP non-polymer 'NADP NICOTINAMIDE-ADENINE-DINUCLEOTIDE PHOSPHATE' 'C21 H28 N7 O17 P3'
#
# COMPACT_ATOMS: atom_id res chain seq x y z
N THR A 3 14.84 -13.02 41.31
CA THR A 3 14.89 -12.37 39.97
C THR A 3 14.74 -13.38 38.81
N ARG A 4 13.97 -12.99 37.80
CA ARG A 4 13.70 -13.84 36.65
C ARG A 4 14.33 -13.28 35.38
N ILE A 5 14.83 -14.18 34.53
CA ILE A 5 15.43 -13.79 33.25
C ILE A 5 14.79 -14.51 32.07
N ALA A 6 14.39 -13.72 31.07
CA ALA A 6 13.82 -14.26 29.84
C ALA A 6 14.93 -14.41 28.80
N ILE A 7 15.13 -15.64 28.33
CA ILE A 7 16.09 -15.92 27.27
C ILE A 7 15.33 -16.20 25.99
N LEU A 8 15.50 -15.33 25.00
CA LEU A 8 14.74 -15.48 23.77
C LEU A 8 15.55 -16.24 22.74
N GLY A 9 15.13 -17.46 22.45
CA GLY A 9 15.78 -18.30 21.45
C GLY A 9 16.60 -19.42 22.07
N ALA A 10 16.59 -20.58 21.41
CA ALA A 10 17.29 -21.76 21.92
C ALA A 10 18.21 -22.33 20.86
N GLY A 11 18.86 -21.45 20.12
CA GLY A 11 19.95 -21.83 19.24
C GLY A 11 21.23 -21.72 20.03
N PRO A 12 22.39 -21.84 19.36
CA PRO A 12 23.70 -21.82 20.02
C PRO A 12 23.88 -20.70 21.05
N SER A 13 23.36 -19.50 20.75
CA SER A 13 23.45 -18.37 21.66
C SER A 13 22.55 -18.56 22.89
N GLY A 14 21.30 -18.95 22.66
CA GLY A 14 20.37 -19.21 23.77
C GLY A 14 20.82 -20.37 24.65
N MET A 15 21.50 -21.33 24.03
CA MET A 15 22.08 -22.47 24.73
C MET A 15 23.30 -22.03 25.53
N ALA A 16 24.17 -21.25 24.90
CA ALA A 16 25.36 -20.72 25.54
C ALA A 16 25.00 -19.94 26.80
N GLN A 17 23.89 -19.20 26.73
CA GLN A 17 23.44 -18.38 27.85
C GLN A 17 22.94 -19.25 29.01
N LEU A 18 22.17 -20.28 28.67
CA LEU A 18 21.72 -21.25 29.66
C LEU A 18 22.89 -21.99 30.29
N ARG A 19 23.84 -22.42 29.44
CA ARG A 19 25.03 -23.13 29.90
C ARG A 19 25.87 -22.27 30.85
N ALA A 20 26.01 -20.99 30.52
CA ALA A 20 26.71 -20.04 31.40
C ALA A 20 26.11 -20.03 32.80
N PHE A 21 24.79 -19.90 32.86
CA PHE A 21 24.07 -19.89 34.14
C PHE A 21 24.15 -21.22 34.86
N GLN A 22 24.19 -22.32 34.11
CA GLN A 22 24.33 -23.65 34.69
C GLN A 22 25.72 -23.85 35.32
N SER A 23 26.76 -23.38 34.63
CA SER A 23 28.14 -23.46 35.09
C SER A 23 28.38 -22.73 36.43
N ALA A 24 27.84 -21.52 36.56
CA ALA A 24 27.96 -20.74 37.81
C ALA A 24 27.25 -21.43 38.98
N GLN A 25 26.13 -22.09 38.67
CA GLN A 25 25.34 -22.82 39.67
C GLN A 25 26.06 -24.10 40.14
N GLU A 26 26.79 -24.72 39.23
CA GLU A 26 27.58 -25.92 39.52
C GLU A 26 28.71 -25.60 40.48
N LYS A 27 29.22 -24.38 40.37
CA LYS A 27 30.34 -23.92 41.18
C LYS A 27 29.96 -23.33 42.55
N GLY A 28 28.67 -23.33 42.87
CA GLY A 28 28.20 -22.94 44.20
C GLY A 28 27.25 -21.76 44.26
N ALA A 29 27.39 -20.84 43.31
CA ALA A 29 26.58 -19.62 43.28
C ALA A 29 25.09 -19.91 43.09
N GLU A 30 24.25 -19.06 43.68
CA GLU A 30 22.81 -19.10 43.45
C GLU A 30 22.51 -18.31 42.18
N ILE A 31 21.82 -18.96 41.24
CA ILE A 31 21.47 -18.32 39.98
C ILE A 31 20.02 -17.85 39.97
N PRO A 32 19.70 -16.83 39.16
CA PRO A 32 18.30 -16.38 39.03
C PRO A 32 17.40 -17.45 38.43
N GLU A 33 16.09 -17.26 38.55
CA GLU A 33 15.12 -18.12 37.86
C GLU A 33 15.20 -17.86 36.36
N LEU A 34 14.99 -18.90 35.56
CA LEU A 34 15.27 -18.85 34.12
C LEU A 34 14.17 -19.43 33.23
N VAL A 35 13.65 -18.60 32.32
CA VAL A 35 12.75 -19.09 31.27
C VAL A 35 13.33 -18.79 29.91
N CYS A 36 13.36 -19.81 29.06
CA CYS A 36 13.83 -19.69 27.69
C CYS A 36 12.66 -19.99 26.76
N PHE A 37 12.45 -19.15 25.76
CA PHE A 37 11.34 -19.32 24.83
C PHE A 37 11.85 -19.72 23.45
N GLU A 38 11.31 -20.82 22.91
CA GLU A 38 11.66 -21.25 21.57
C GLU A 38 10.39 -21.56 20.78
N LYS A 39 10.29 -20.97 19.60
CA LYS A 39 9.14 -21.18 18.72
C LYS A 39 9.20 -22.51 17.96
N GLN A 40 10.40 -23.05 17.79
CA GLN A 40 10.59 -24.36 17.17
C GLN A 40 10.29 -25.47 18.18
N ALA A 41 10.13 -26.70 17.71
CA ALA A 41 9.82 -27.82 18.59
C ALA A 41 11.05 -28.39 19.33
N ASP A 42 12.25 -28.06 18.86
CA ASP A 42 13.49 -28.58 19.42
C ASP A 42 14.62 -27.54 19.30
N TRP A 43 15.61 -27.62 20.18
CA TRP A 43 16.69 -26.64 20.16
C TRP A 43 17.68 -26.84 19.02
N GLY A 44 18.57 -25.87 18.84
CA GLY A 44 19.56 -25.93 17.77
C GLY A 44 19.65 -24.67 16.95
N GLY A 45 18.55 -23.93 16.87
CA GLY A 45 18.47 -22.72 16.06
C GLY A 45 18.66 -23.06 14.61
N GLN A 46 19.58 -22.36 13.93
CA GLN A 46 19.90 -22.64 12.53
C GLN A 46 20.15 -24.13 12.26
N TRP A 47 20.87 -24.79 13.17
CA TRP A 47 21.34 -26.18 13.01
C TRP A 47 20.25 -27.27 13.06
N ASN A 48 19.05 -26.89 13.51
CA ASN A 48 17.88 -27.76 13.48
C ASN A 48 17.25 -27.68 12.09
N TYR A 49 17.52 -28.71 11.28
CA TYR A 49 17.03 -28.73 9.91
C TYR A 49 15.51 -28.86 9.83
N THR A 50 14.94 -28.25 8.79
CA THR A 50 13.54 -28.46 8.44
C THR A 50 13.33 -28.46 6.92
N TRP A 51 12.38 -29.27 6.46
CA TRP A 51 11.95 -29.23 5.07
C TRP A 51 11.10 -28.00 4.79
N ARG A 52 10.48 -27.46 5.83
CA ARG A 52 9.59 -26.30 5.71
C ARG A 52 10.30 -25.05 5.18
N THR A 53 9.54 -24.22 4.48
CA THR A 53 10.02 -22.91 4.02
C THR A 53 8.91 -21.84 4.15
N GLY A 54 9.32 -20.57 4.21
CA GLY A 54 8.38 -19.48 4.39
C GLY A 54 7.89 -19.45 5.81
N LEU A 55 6.74 -20.07 6.04
CA LEU A 55 6.09 -20.06 7.35
C LEU A 55 5.94 -21.50 7.88
N ASP A 56 6.14 -21.69 9.19
CA ASP A 56 6.11 -23.03 9.81
C ASP A 56 4.66 -23.41 10.07
N GLU A 57 4.42 -24.50 10.80
CA GLU A 57 3.05 -25.03 10.93
C GLU A 57 2.14 -24.15 11.79
N ASN A 58 2.76 -23.22 12.51
CA ASN A 58 2.05 -22.28 13.37
C ASN A 58 1.89 -20.94 12.69
N GLY A 59 2.41 -20.86 11.48
CA GLY A 59 2.45 -19.62 10.75
C GLY A 59 3.57 -18.70 11.18
N GLU A 60 4.49 -19.18 12.01
CA GLU A 60 5.66 -18.39 12.35
C GLU A 60 6.66 -18.49 11.21
N PRO A 61 7.30 -17.37 10.83
CA PRO A 61 8.35 -17.48 9.80
C PRO A 61 9.33 -18.60 10.13
N VAL A 62 9.64 -19.41 9.12
CA VAL A 62 10.60 -20.50 9.25
C VAL A 62 11.98 -19.91 9.58
N HIS A 63 12.55 -20.36 10.69
CA HIS A 63 13.78 -19.77 11.15
C HIS A 63 15.05 -20.20 10.42
N SER A 64 15.33 -21.51 10.41
CA SER A 64 16.55 -22.04 9.83
C SER A 64 16.67 -21.82 8.32
N SER A 65 17.85 -21.34 7.91
CA SER A 65 18.24 -21.18 6.50
C SER A 65 19.07 -22.36 6.01
N MET A 66 19.06 -23.47 6.75
CA MET A 66 19.97 -24.57 6.44
C MET A 66 19.37 -25.60 5.49
N TYR A 67 20.26 -26.26 4.75
CA TYR A 67 19.87 -27.11 3.66
C TYR A 67 20.46 -28.52 3.78
N ARG A 68 19.93 -29.42 2.96
CA ARG A 68 20.48 -30.75 2.83
C ARG A 68 21.94 -30.63 2.41
N TYR A 69 22.75 -31.60 2.85
CA TYR A 69 24.15 -31.72 2.43
C TYR A 69 25.08 -30.58 2.91
N LEU A 70 24.58 -29.72 3.80
CA LEU A 70 25.38 -28.65 4.40
C LEU A 70 26.44 -29.16 5.37
N TRP A 71 27.66 -28.68 5.20
CA TRP A 71 28.76 -29.04 6.09
C TRP A 71 29.33 -27.77 6.71
N SER A 72 30.03 -27.91 7.80
CA SER A 72 30.63 -26.81 8.48
C SER A 72 31.43 -26.10 7.46
N ASN A 73 31.34 -24.80 7.40
CA ASN A 73 32.07 -24.14 6.38
C ASN A 73 33.40 -23.63 6.74
N GLY A 74 33.73 -23.76 7.98
CA GLY A 74 34.99 -23.35 8.50
C GLY A 74 35.40 -24.55 9.26
N PRO A 75 36.61 -24.54 9.77
CA PRO A 75 37.14 -25.66 10.52
C PRO A 75 36.46 -25.81 11.82
N LYS A 76 36.17 -27.02 12.22
CA LYS A 76 35.49 -27.26 13.49
C LYS A 76 36.34 -26.75 14.66
N GLU A 77 37.65 -26.83 14.48
CA GLU A 77 38.60 -26.41 15.51
C GLU A 77 38.46 -24.93 15.83
N CYS A 78 38.05 -24.13 14.84
CA CYS A 78 37.73 -22.71 15.04
C CYS A 78 36.42 -22.45 15.80
N LEU A 79 35.66 -23.50 16.13
CA LEU A 79 34.38 -23.30 16.86
C LEU A 79 34.17 -24.20 18.08
N GLU A 80 35.17 -25.01 18.41
CA GLU A 80 35.13 -25.85 19.60
C GLU A 80 34.73 -25.06 20.86
N PHE A 81 33.90 -25.66 21.70
CA PHE A 81 33.64 -25.15 23.04
C PHE A 81 34.92 -25.36 23.84
N ALA A 82 35.29 -24.33 24.61
CA ALA A 82 36.45 -24.41 25.49
C ALA A 82 36.19 -25.39 26.64
N ASP A 83 34.92 -25.54 27.02
CA ASP A 83 34.53 -26.36 28.18
C ASP A 83 33.95 -27.74 27.87
N TYR A 84 33.84 -28.06 26.58
CA TYR A 84 33.23 -29.32 26.12
C TYR A 84 33.78 -29.62 24.73
N THR A 85 34.87 -30.38 24.71
CA THR A 85 35.62 -30.61 23.48
C THR A 85 34.95 -31.66 22.59
N PHE A 86 35.36 -31.69 21.32
CA PHE A 86 34.94 -32.74 20.41
C PHE A 86 35.35 -34.11 20.92
N ASP A 87 36.60 -34.20 21.39
CA ASP A 87 37.15 -35.45 21.95
C ASP A 87 36.33 -35.98 23.14
N GLU A 88 35.78 -35.06 23.94
CA GLU A 88 34.86 -35.43 25.02
C GLU A 88 33.55 -35.96 24.47
N HIS A 89 32.92 -35.18 23.58
CA HIS A 89 31.60 -35.52 23.03
C HIS A 89 31.58 -36.77 22.14
N PHE A 90 32.59 -36.89 21.29
CA PHE A 90 32.66 -37.96 20.27
C PHE A 90 33.48 -39.17 20.65
N GLY A 91 34.45 -38.98 21.55
CA GLY A 91 35.27 -40.08 22.05
C GLY A 91 36.36 -40.55 21.11
N LYS A 92 36.41 -39.97 19.90
CA LYS A 92 37.44 -40.31 18.91
C LYS A 92 37.71 -39.10 18.02
N PRO A 93 38.92 -39.03 17.43
CA PRO A 93 39.20 -37.91 16.52
C PRO A 93 38.40 -38.04 15.22
N ILE A 94 37.76 -36.94 14.80
CA ILE A 94 36.99 -36.90 13.55
C ILE A 94 37.53 -35.81 12.62
N ALA A 95 36.99 -35.73 11.40
CA ALA A 95 37.48 -34.79 10.39
C ALA A 95 37.11 -33.32 10.70
N SER A 96 37.60 -32.40 9.87
CA SER A 96 37.54 -30.97 10.19
C SER A 96 36.28 -30.20 9.73
N TYR A 97 35.50 -30.76 8.81
CA TYR A 97 34.31 -30.09 8.32
C TYR A 97 33.06 -30.97 8.45
N PRO A 98 32.56 -31.18 9.68
CA PRO A 98 31.44 -32.10 9.83
C PRO A 98 30.15 -31.59 9.17
N PRO A 99 29.32 -32.50 8.61
CA PRO A 99 28.02 -32.09 8.10
C PRO A 99 27.15 -31.58 9.25
N ARG A 100 26.14 -30.79 8.92
CA ARG A 100 25.20 -30.23 9.90
C ARG A 100 24.81 -31.18 11.03
N GLU A 101 24.29 -32.36 10.71
CA GLU A 101 23.80 -33.27 11.74
C GLU A 101 24.86 -33.54 12.82
N VAL A 102 26.11 -33.68 12.39
CA VAL A 102 27.21 -33.98 13.29
C VAL A 102 27.47 -32.79 14.25
N LEU A 103 27.51 -31.57 13.72
CA LEU A 103 27.70 -30.41 14.58
C LEU A 103 26.47 -30.08 15.42
N TRP A 104 25.28 -30.42 14.91
CA TRP A 104 24.05 -30.27 15.68
C TRP A 104 24.06 -31.20 16.89
N ASP A 105 24.55 -32.43 16.69
CA ASP A 105 24.76 -33.41 17.76
C ASP A 105 25.70 -32.91 18.84
N TYR A 106 26.80 -32.29 18.40
CA TYR A 106 27.83 -31.71 19.27
C TYR A 106 27.28 -30.62 20.20
N ILE A 107 26.53 -29.70 19.62
CA ILE A 107 25.89 -28.58 20.30
C ILE A 107 24.88 -29.07 21.35
N LYS A 108 24.06 -30.06 20.99
CA LYS A 108 23.09 -30.65 21.91
C LYS A 108 23.79 -31.37 23.06
N GLY A 109 24.85 -32.12 22.72
CA GLY A 109 25.65 -32.82 23.70
C GLY A 109 26.02 -32.02 24.95
N ARG A 110 26.51 -30.79 24.75
CA ARG A 110 26.94 -29.94 25.85
C ARG A 110 25.77 -29.59 26.75
N VAL A 111 24.64 -29.34 26.11
CA VAL A 111 23.48 -28.80 26.77
C VAL A 111 22.57 -29.89 27.37
N GLU A 112 22.56 -31.06 26.76
CA GLU A 112 21.93 -32.25 27.36
C GLU A 112 22.62 -32.56 28.68
N LYS A 113 23.96 -32.64 28.63
CA LYS A 113 24.79 -32.86 29.80
C LYS A 113 24.52 -31.84 30.91
N ALA A 114 24.44 -30.56 30.53
CA ALA A 114 24.15 -29.48 31.49
C ALA A 114 22.75 -29.58 32.11
N GLY A 115 21.83 -30.27 31.44
CA GLY A 115 20.47 -30.46 31.96
C GLY A 115 19.65 -29.18 31.99
N VAL A 116 19.84 -28.32 30.98
CA VAL A 116 19.19 -27.01 30.95
C VAL A 116 17.91 -27.01 30.14
N ARG A 117 17.56 -28.16 29.58
CA ARG A 117 16.35 -28.29 28.79
C ARG A 117 15.09 -27.97 29.61
N LYS A 118 15.15 -28.27 30.91
CA LYS A 118 14.06 -27.99 31.85
C LYS A 118 13.66 -26.51 31.92
N TYR A 119 14.50 -25.64 31.36
CA TYR A 119 14.27 -24.18 31.37
C TYR A 119 13.52 -23.67 30.14
N ILE A 120 13.43 -24.51 29.11
CA ILE A 120 12.98 -24.05 27.79
C ILE A 120 11.54 -24.40 27.53
N ARG A 121 10.78 -23.43 27.03
CA ARG A 121 9.39 -23.63 26.66
C ARG A 121 9.30 -23.63 25.15
N PHE A 122 9.15 -24.81 24.57
CA PHE A 122 9.21 -24.96 23.12
C PHE A 122 7.89 -24.61 22.46
N ASN A 123 7.90 -24.58 21.13
CA ASN A 123 6.70 -24.26 20.34
C ASN A 123 6.03 -22.97 20.82
N THR A 124 6.83 -22.08 21.38
CA THR A 124 6.35 -20.83 21.96
C THR A 124 7.05 -19.64 21.28
N ALA A 125 6.26 -18.74 20.70
CA ALA A 125 6.81 -17.59 19.97
C ALA A 125 6.76 -16.31 20.78
N VAL A 126 7.88 -15.60 20.81
CA VAL A 126 7.97 -14.33 21.51
C VAL A 126 7.27 -13.28 20.67
N ARG A 127 6.26 -12.65 21.27
CA ARG A 127 5.41 -11.68 20.58
C ARG A 127 5.84 -10.26 20.82
N HIS A 128 6.08 -9.92 22.08
CA HIS A 128 6.41 -8.56 22.47
C HIS A 128 7.21 -8.53 23.76
N VAL A 129 8.05 -7.51 23.88
CA VAL A 129 8.79 -7.23 25.09
C VAL A 129 8.68 -5.73 25.30
N GLU A 130 8.07 -5.34 26.43
CA GLU A 130 7.96 -3.93 26.81
C GLU A 130 8.58 -3.71 28.17
N PHE A 131 9.26 -2.59 28.34
CA PHE A 131 9.84 -2.19 29.62
C PHE A 131 8.89 -1.24 30.34
N ASN A 132 8.55 -1.57 31.59
CA ASN A 132 7.67 -0.73 32.41
C ASN A 132 8.50 0.08 33.40
N GLU A 133 8.37 1.39 33.35
CA GLU A 133 9.17 2.29 34.20
C GLU A 133 8.88 2.16 35.69
N ASP A 134 7.60 2.07 36.04
CA ASP A 134 7.14 2.03 37.44
C ASP A 134 7.51 0.73 38.18
N SER A 135 7.66 -0.37 37.43
CA SER A 135 8.03 -1.65 38.03
C SER A 135 9.46 -2.10 37.69
N GLN A 136 10.08 -1.37 36.76
CA GLN A 136 11.45 -1.66 36.28
C GLN A 136 11.63 -3.10 35.79
N THR A 137 10.55 -3.69 35.28
CA THR A 137 10.56 -5.06 34.79
C THR A 137 10.23 -5.09 33.30
N PHE A 138 10.35 -6.27 32.72
CA PHE A 138 10.00 -6.48 31.33
C PHE A 138 8.76 -7.36 31.26
N THR A 139 7.76 -6.91 30.51
CA THR A 139 6.61 -7.75 30.21
C THR A 139 6.83 -8.50 28.89
N VAL A 140 7.12 -9.79 29.00
CA VAL A 140 7.26 -10.62 27.81
C VAL A 140 5.94 -11.30 27.46
N THR A 141 5.34 -10.88 26.35
CA THR A 141 4.15 -11.50 25.82
C THR A 141 4.60 -12.59 24.86
N VAL A 142 3.87 -13.69 24.84
CA VAL A 142 4.34 -14.89 24.18
C VAL A 142 3.14 -15.67 23.68
N GLN A 143 3.29 -16.35 22.55
CA GLN A 143 2.24 -17.24 22.08
C GLN A 143 2.65 -18.70 22.19
N ASP A 144 1.87 -19.47 22.94
CA ASP A 144 2.12 -20.89 23.15
C ASP A 144 1.29 -21.70 22.17
N HIS A 145 1.95 -22.18 21.12
CA HIS A 145 1.25 -22.84 20.03
C HIS A 145 0.73 -24.24 20.35
N THR A 146 1.24 -24.88 21.40
CA THR A 146 0.75 -26.20 21.77
C THR A 146 -0.70 -26.09 22.22
N THR A 147 -1.02 -24.96 22.84
CA THR A 147 -2.33 -24.71 23.44
C THR A 147 -3.13 -23.63 22.72
N ASP A 148 -2.47 -22.92 21.80
CA ASP A 148 -3.00 -21.70 21.17
C ASP A 148 -3.38 -20.65 22.21
N THR A 149 -2.43 -20.28 23.06
CA THR A 149 -2.66 -19.31 24.12
C THR A 149 -1.61 -18.22 24.06
N ILE A 150 -2.04 -16.97 24.29
CA ILE A 150 -1.11 -15.85 24.41
C ILE A 150 -1.08 -15.40 25.86
N TYR A 151 0.10 -15.43 26.46
CA TYR A 151 0.26 -15.03 27.86
C TYR A 151 1.49 -14.14 28.07
N SER A 152 1.56 -13.51 29.23
CA SER A 152 2.69 -12.64 29.54
C SER A 152 3.22 -12.86 30.94
N GLU A 153 4.55 -12.87 31.05
CA GLU A 153 5.22 -13.05 32.33
C GLU A 153 6.20 -11.90 32.56
N GLU A 154 6.41 -11.53 33.79
CA GLU A 154 7.29 -10.46 34.04
C GLU A 154 8.65 -10.95 34.32
N PHE A 155 9.62 -10.27 33.78
CA PHE A 155 11.04 -10.64 33.92
C PHE A 155 11.89 -9.44 34.33
N ASP A 156 12.97 -9.71 35.05
CA ASP A 156 13.89 -8.66 35.52
C ASP A 156 14.94 -8.24 34.47
N TYR A 157 15.48 -9.22 33.75
CA TYR A 157 16.44 -8.98 32.68
C TYR A 157 16.01 -9.79 31.45
N VAL A 158 16.37 -9.32 30.27
CA VAL A 158 16.08 -10.06 29.03
C VAL A 158 17.34 -10.19 28.18
N VAL A 159 17.60 -11.42 27.76
CA VAL A 159 18.72 -11.71 26.86
C VAL A 159 18.19 -12.17 25.51
N CYS A 160 18.52 -11.42 24.46
CA CYS A 160 18.03 -11.71 23.11
C CYS A 160 19.01 -12.53 22.30
N CYS A 161 18.59 -13.76 21.99
CA CYS A 161 19.39 -14.69 21.20
C CYS A 161 18.58 -15.22 20.03
N THR A 162 17.97 -14.31 19.28
CA THR A 162 17.11 -14.72 18.16
C THR A 162 17.83 -14.80 16.81
N GLY A 163 19.14 -14.54 16.80
CA GLY A 163 19.94 -14.67 15.58
C GLY A 163 19.70 -13.58 14.56
N HIS A 164 20.44 -13.58 13.47
CA HIS A 164 20.26 -12.55 12.45
C HIS A 164 20.55 -13.03 11.03
N PHE A 165 20.44 -14.34 10.83
CA PHE A 165 20.56 -14.90 9.49
C PHE A 165 19.34 -15.68 9.09
N SER A 166 18.16 -15.17 9.46
CA SER A 166 16.88 -15.82 9.18
C SER A 166 15.89 -15.00 8.35
N THR A 167 15.88 -13.69 8.56
CA THR A 167 14.98 -12.79 7.86
C THR A 167 15.71 -12.27 6.62
N PRO A 168 15.33 -12.79 5.43
CA PRO A 168 16.09 -12.58 4.21
C PRO A 168 16.12 -11.14 3.71
N TYR A 169 17.26 -10.72 3.17
CA TYR A 169 17.29 -9.50 2.40
C TYR A 169 17.05 -9.90 0.95
N VAL A 170 15.95 -9.44 0.38
CA VAL A 170 15.51 -9.96 -0.93
C VAL A 170 15.28 -8.84 -1.95
N PRO A 171 16.34 -8.38 -2.61
CA PRO A 171 16.18 -7.30 -3.59
C PRO A 171 15.44 -7.77 -4.83
N GLU A 172 14.76 -6.84 -5.47
CA GLU A 172 14.05 -7.06 -6.71
C GLU A 172 14.88 -6.59 -7.89
N PHE A 173 14.82 -7.35 -8.98
CA PHE A 173 15.43 -6.93 -10.24
C PHE A 173 14.34 -6.78 -11.28
N GLU A 174 14.56 -5.87 -12.23
CA GLU A 174 13.60 -5.63 -13.29
C GLU A 174 13.25 -6.92 -14.06
N GLY A 175 11.95 -7.19 -14.19
CA GLY A 175 11.45 -8.33 -14.93
C GLY A 175 11.16 -9.59 -14.13
N PHE A 176 11.51 -9.57 -12.84
CA PHE A 176 11.27 -10.72 -11.95
C PHE A 176 9.83 -11.24 -12.02
N GLU A 177 8.88 -10.31 -12.20
CA GLU A 177 7.46 -10.63 -12.31
C GLU A 177 7.12 -11.58 -13.46
N LYS A 178 7.96 -11.58 -14.50
CA LYS A 178 7.67 -12.32 -15.74
C LYS A 178 8.43 -13.65 -15.86
N PHE A 179 9.58 -13.75 -15.20
CA PHE A 179 10.45 -14.93 -15.23
C PHE A 179 9.69 -16.22 -14.98
N GLY A 180 9.88 -17.20 -15.85
CA GLY A 180 9.15 -18.45 -15.78
C GLY A 180 9.71 -19.49 -14.84
N GLY A 181 10.93 -19.26 -14.35
CA GLY A 181 11.56 -20.18 -13.43
C GLY A 181 11.38 -19.74 -11.99
N ARG A 182 12.01 -20.48 -11.07
CA ARG A 182 11.94 -20.20 -9.64
C ARG A 182 12.81 -19.02 -9.22
N ILE A 183 12.30 -18.25 -8.28
CA ILE A 183 13.08 -17.21 -7.62
C ILE A 183 12.89 -17.45 -6.13
N LEU A 184 14.01 -17.70 -5.46
CA LEU A 184 14.01 -17.97 -4.06
C LEU A 184 15.24 -17.31 -3.47
N HIS A 185 15.19 -17.01 -2.19
CA HIS A 185 16.34 -16.50 -1.50
C HIS A 185 17.14 -17.69 -1.00
N ALA A 186 18.40 -17.48 -0.64
CA ALA A 186 19.23 -18.56 -0.07
C ALA A 186 18.52 -19.27 1.09
N HIS A 187 17.88 -18.48 1.96
CA HIS A 187 17.08 -18.93 3.09
C HIS A 187 16.06 -20.04 2.77
N ASP A 188 15.54 -20.06 1.55
CA ASP A 188 14.53 -21.06 1.15
C ASP A 188 15.15 -22.29 0.52
N PHE A 189 16.43 -22.20 0.15
CA PHE A 189 17.10 -23.30 -0.54
C PHE A 189 17.14 -24.47 0.43
N ARG A 190 16.73 -25.64 -0.05
CA ARG A 190 16.64 -26.83 0.78
C ARG A 190 17.42 -28.04 0.24
N ASP A 191 17.09 -28.46 -0.98
CA ASP A 191 17.68 -29.65 -1.58
C ASP A 191 18.28 -29.38 -2.97
N ALA A 192 19.59 -29.58 -3.10
CA ALA A 192 20.29 -29.36 -4.37
C ALA A 192 19.76 -30.20 -5.54
N LEU A 193 19.25 -31.40 -5.23
CA LEU A 193 18.71 -32.32 -6.25
C LEU A 193 17.61 -31.71 -7.11
N GLU A 194 16.90 -30.73 -6.57
CA GLU A 194 15.89 -29.94 -7.30
C GLU A 194 16.45 -29.24 -8.52
N PHE A 195 17.77 -29.07 -8.55
CA PHE A 195 18.44 -28.31 -9.61
C PHE A 195 19.36 -29.18 -10.48
N LYS A 196 19.12 -30.49 -10.42
CA LYS A 196 19.79 -31.46 -11.30
C LYS A 196 19.40 -31.18 -12.75
N ASP A 197 20.41 -31.13 -13.62
CA ASP A 197 20.23 -30.86 -15.06
C ASP A 197 19.67 -29.47 -15.36
N LYS A 198 20.00 -28.49 -14.50
CA LYS A 198 19.47 -27.14 -14.65
C LYS A 198 20.54 -26.06 -14.59
N THR A 199 20.23 -24.92 -15.20
CA THR A 199 21.05 -23.73 -15.11
C THR A 199 20.53 -22.88 -13.96
N VAL A 200 21.37 -22.69 -12.95
CA VAL A 200 21.03 -21.90 -11.79
C VAL A 200 21.88 -20.63 -11.74
N LEU A 201 21.21 -19.50 -11.52
CA LEU A 201 21.89 -18.25 -11.28
C LEU A 201 21.96 -17.97 -9.78
N LEU A 202 23.18 -17.82 -9.30
CA LEU A 202 23.42 -17.41 -7.92
C LEU A 202 23.74 -15.92 -7.90
N VAL A 203 22.89 -15.15 -7.23
CA VAL A 203 23.05 -13.70 -7.12
C VAL A 203 23.64 -13.33 -5.77
N GLY A 204 24.89 -12.87 -5.77
CA GLY A 204 25.59 -12.53 -4.52
C GLY A 204 27.00 -13.07 -4.47
N SER A 205 27.78 -12.62 -3.48
CA SER A 205 29.25 -12.79 -3.49
C SER A 205 29.89 -13.48 -2.28
N SER A 206 29.09 -13.92 -1.33
CA SER A 206 29.62 -14.40 -0.05
C SER A 206 29.41 -15.91 0.16
N TYR A 207 29.40 -16.33 1.43
CA TYR A 207 29.37 -17.75 1.81
C TYR A 207 28.22 -18.55 1.22
N SER A 208 27.05 -17.93 1.08
CA SER A 208 25.86 -18.57 0.52
C SER A 208 26.04 -18.88 -0.96
N ALA A 209 26.46 -17.87 -1.72
CA ALA A 209 26.72 -18.06 -3.15
C ALA A 209 27.79 -19.14 -3.35
N GLU A 210 28.87 -19.07 -2.57
CA GLU A 210 29.93 -20.08 -2.65
C GLU A 210 29.34 -21.47 -2.46
N ASP A 211 28.70 -21.69 -1.31
CA ASP A 211 28.29 -23.02 -0.92
C ASP A 211 27.03 -23.54 -1.62
N ILE A 212 25.96 -22.73 -1.67
CA ILE A 212 24.76 -23.16 -2.41
C ILE A 212 25.14 -23.52 -3.84
N GLY A 213 26.00 -22.71 -4.42
CA GLY A 213 26.62 -23.03 -5.71
C GLY A 213 27.36 -24.35 -5.70
N SER A 214 28.17 -24.56 -4.67
CA SER A 214 28.97 -25.78 -4.55
C SER A 214 28.08 -27.01 -4.45
N GLN A 215 26.97 -26.87 -3.72
CA GLN A 215 26.00 -27.97 -3.57
C GLN A 215 25.36 -28.34 -4.91
N CYS A 216 24.88 -27.34 -5.65
CA CYS A 216 24.28 -27.59 -6.95
C CYS A 216 25.28 -28.25 -7.90
N TYR A 217 26.53 -27.80 -7.85
CA TYR A 217 27.58 -28.42 -8.65
C TYR A 217 27.74 -29.88 -8.27
N LYS A 218 27.93 -30.13 -6.97
CA LYS A 218 28.09 -31.47 -6.43
C LYS A 218 26.94 -32.40 -6.80
N TYR A 219 25.72 -31.87 -6.83
CA TYR A 219 24.56 -32.73 -7.02
C TYR A 219 23.97 -32.73 -8.43
N GLY A 220 24.71 -32.16 -9.39
CA GLY A 220 24.41 -32.38 -10.80
C GLY A 220 23.68 -31.29 -11.59
N ALA A 221 23.88 -30.04 -11.22
CA ALA A 221 23.39 -28.92 -12.01
C ALA A 221 24.14 -28.87 -13.35
N LYS A 222 23.39 -28.59 -14.42
CA LYS A 222 23.98 -28.45 -15.74
C LYS A 222 24.97 -27.29 -15.78
N LYS A 223 24.53 -26.10 -15.34
CA LYS A 223 25.40 -24.93 -15.35
C LYS A 223 25.11 -23.98 -14.20
N LEU A 224 26.15 -23.26 -13.78
CA LEU A 224 26.06 -22.31 -12.68
C LEU A 224 26.61 -20.95 -13.08
N ILE A 225 25.92 -19.89 -12.67
CA ILE A 225 26.34 -18.53 -12.93
C ILE A 225 26.27 -17.70 -11.66
N SER A 226 27.41 -17.16 -11.26
CA SER A 226 27.48 -16.24 -10.15
C SER A 226 27.57 -14.83 -10.69
N CYS A 227 26.92 -13.89 -10.00
CA CYS A 227 27.07 -12.49 -10.33
C CYS A 227 27.24 -11.65 -9.09
N TYR A 228 28.18 -10.71 -9.17
CA TYR A 228 28.60 -9.92 -8.01
C TYR A 228 28.21 -8.47 -8.16
N ARG A 229 27.91 -7.81 -7.04
CA ARG A 229 27.51 -6.40 -7.07
C ARG A 229 28.74 -5.49 -7.12
N THR A 230 29.78 -5.85 -6.35
CA THR A 230 31.01 -5.03 -6.28
C THR A 230 32.32 -5.75 -6.64
N ALA A 231 32.52 -6.95 -6.10
CA ALA A 231 33.75 -7.70 -6.38
C ALA A 231 33.47 -9.17 -6.68
N PRO A 232 34.22 -9.75 -7.64
CA PRO A 232 34.10 -11.20 -7.86
C PRO A 232 34.66 -11.95 -6.66
N MET A 233 34.24 -13.20 -6.50
CA MET A 233 34.71 -14.04 -5.41
C MET A 233 36.19 -14.40 -5.59
N GLY A 234 36.65 -14.38 -6.84
CA GLY A 234 38.07 -14.53 -7.14
C GLY A 234 38.64 -15.93 -6.94
N TYR A 235 37.76 -16.92 -6.99
CA TYR A 235 38.14 -18.31 -6.83
C TYR A 235 38.15 -19.05 -8.16
N LYS A 236 38.90 -20.15 -8.23
CA LYS A 236 38.94 -20.99 -9.42
C LYS A 236 37.77 -21.98 -9.43
N TRP A 237 36.76 -21.69 -10.24
CA TRP A 237 35.53 -22.50 -10.31
C TRP A 237 35.61 -23.58 -11.39
N PRO A 238 34.77 -24.62 -11.30
CA PRO A 238 34.72 -25.72 -12.27
C PRO A 238 34.33 -25.29 -13.67
N GLU A 239 34.36 -26.25 -14.60
CA GLU A 239 34.12 -26.00 -16.02
C GLU A 239 32.77 -25.31 -16.27
N ASN A 240 31.72 -25.82 -15.64
CA ASN A 240 30.37 -25.30 -15.86
C ASN A 240 29.94 -24.15 -14.93
N TRP A 241 30.93 -23.42 -14.42
CA TRP A 241 30.66 -22.34 -13.48
C TRP A 241 31.17 -20.99 -13.98
N ASP A 242 30.27 -20.03 -13.99
CA ASP A 242 30.47 -18.73 -14.63
C ASP A 242 30.38 -17.61 -13.59
N GLU A 243 31.34 -16.69 -13.60
CA GLU A 243 31.23 -15.46 -12.80
C GLU A 243 31.12 -14.22 -13.67
N ARG A 244 30.10 -13.41 -13.39
CA ARG A 244 29.74 -12.25 -14.21
C ARG A 244 29.43 -11.07 -13.31
N PRO A 245 29.62 -9.83 -13.81
CA PRO A 245 29.18 -8.66 -13.05
C PRO A 245 27.67 -8.68 -12.91
N ASN A 246 27.12 -7.77 -12.09
CA ASN A 246 25.75 -7.95 -11.57
C ASN A 246 24.64 -8.12 -12.60
N LEU A 247 23.59 -8.80 -12.16
CA LEU A 247 22.32 -8.90 -12.87
C LEU A 247 21.73 -7.51 -13.04
N VAL A 248 21.14 -7.26 -14.20
CA VAL A 248 20.48 -5.98 -14.44
C VAL A 248 18.99 -6.19 -14.71
N ARG A 249 18.68 -7.25 -15.43
CA ARG A 249 17.35 -7.46 -15.95
C ARG A 249 17.11 -8.94 -16.25
N VAL A 250 15.85 -9.31 -16.25
CA VAL A 250 15.44 -10.63 -16.52
C VAL A 250 14.19 -10.58 -17.38
N ASP A 251 14.00 -11.58 -18.20
CA ASP A 251 12.82 -11.68 -19.03
C ASP A 251 12.25 -13.01 -18.77
N THR A 252 11.48 -13.53 -19.66
CA THR A 252 10.79 -14.75 -19.40
C THR A 252 11.63 -15.97 -19.11
N GLU A 253 12.74 -16.08 -19.81
CA GLU A 253 13.64 -17.25 -19.77
C GLU A 253 15.11 -16.89 -19.58
N ASN A 254 15.43 -15.60 -19.70
CA ASN A 254 16.81 -15.15 -19.84
C ASN A 254 17.24 -14.13 -18.80
N ALA A 255 18.46 -14.28 -18.31
CA ALA A 255 19.04 -13.32 -17.40
C ALA A 255 20.03 -12.44 -18.16
N TYR A 256 20.02 -11.13 -17.86
CA TYR A 256 20.88 -10.16 -18.53
C TYR A 256 21.81 -9.50 -17.52
N PHE A 257 23.05 -9.25 -17.95
CA PHE A 257 24.09 -8.78 -17.05
C PHE A 257 24.72 -7.47 -17.52
N ALA A 258 25.44 -6.81 -16.60
CA ALA A 258 25.95 -5.45 -16.79
C ALA A 258 27.04 -5.36 -17.87
N ASP A 259 27.66 -6.50 -18.18
CA ASP A 259 28.64 -6.59 -19.28
C ASP A 259 27.97 -6.77 -20.64
N GLY A 260 26.63 -6.81 -20.63
CA GLY A 260 25.86 -6.98 -21.86
C GLY A 260 25.66 -8.45 -22.18
N SER A 261 26.14 -9.30 -21.29
CA SER A 261 26.03 -10.74 -21.42
C SER A 261 24.64 -11.21 -21.01
N SER A 262 24.04 -12.06 -21.84
CA SER A 262 22.74 -12.65 -21.52
C SER A 262 22.79 -14.16 -21.65
N GLU A 263 22.00 -14.84 -20.82
CA GLU A 263 21.92 -16.29 -20.87
C GLU A 263 20.60 -16.83 -20.31
N LYS A 264 20.19 -17.98 -20.83
CA LYS A 264 19.01 -18.67 -20.32
C LYS A 264 19.32 -19.31 -18.98
N VAL A 265 18.45 -19.03 -18.00
CA VAL A 265 18.57 -19.59 -16.65
C VAL A 265 17.25 -20.24 -16.21
N ASP A 266 17.33 -21.37 -15.51
CA ASP A 266 16.14 -22.11 -15.10
C ASP A 266 15.60 -21.63 -13.76
N ALA A 267 16.49 -21.12 -12.91
CA ALA A 267 16.13 -20.69 -11.56
C ALA A 267 17.11 -19.64 -11.06
N ILE A 268 16.62 -18.76 -10.19
CA ILE A 268 17.45 -17.71 -9.59
C ILE A 268 17.51 -17.88 -8.06
N ILE A 269 18.72 -17.99 -7.52
CA ILE A 269 18.89 -18.07 -6.08
C ILE A 269 19.54 -16.79 -5.54
N LEU A 270 18.75 -16.01 -4.82
CA LEU A 270 19.23 -14.75 -4.28
C LEU A 270 20.03 -15.02 -3.01
N CYS A 271 21.35 -14.97 -3.15
CA CYS A 271 22.26 -15.18 -2.03
C CYS A 271 22.72 -13.84 -1.51
N THR A 272 21.73 -13.02 -1.16
CA THR A 272 21.94 -11.60 -0.91
C THR A 272 21.89 -11.24 0.57
N GLY A 273 21.99 -12.25 1.43
CA GLY A 273 22.15 -11.99 2.85
C GLY A 273 20.87 -11.76 3.60
N TYR A 274 21.02 -11.11 4.77
CA TYR A 274 19.97 -11.06 5.80
C TYR A 274 19.90 -9.73 6.50
N ILE A 275 18.78 -9.48 7.18
CA ILE A 275 18.57 -8.24 7.91
C ILE A 275 18.30 -8.52 9.38
N HIS A 276 18.66 -7.58 10.25
CA HIS A 276 18.37 -7.65 11.68
C HIS A 276 16.92 -7.25 11.94
N HIS A 277 16.09 -8.23 12.30
CA HIS A 277 14.64 -8.05 12.41
C HIS A 277 14.12 -8.53 13.74
N PHE A 278 13.51 -7.62 14.49
CA PHE A 278 12.95 -7.91 15.80
C PHE A 278 11.53 -7.36 15.88
N PRO A 279 10.57 -8.07 15.27
CA PRO A 279 9.18 -7.63 15.25
C PRO A 279 8.55 -7.63 16.64
N PHE A 280 9.29 -8.10 17.60
CA PHE A 280 8.82 -8.20 18.95
C PHE A 280 9.32 -7.12 19.86
N LEU A 281 10.00 -6.13 19.34
CA LEU A 281 10.51 -5.03 20.12
C LEU A 281 10.17 -3.72 19.55
N ASN A 282 9.94 -2.75 20.41
CA ASN A 282 9.72 -1.39 20.06
C ASN A 282 11.06 -0.71 19.88
N ASP A 283 11.09 0.53 19.46
CA ASP A 283 12.35 1.23 19.17
C ASP A 283 13.24 1.52 20.37
N ASP A 284 12.67 1.45 21.58
CA ASP A 284 13.44 1.64 22.81
C ASP A 284 14.42 0.50 23.06
N LEU A 285 14.10 -0.69 22.55
CA LEU A 285 14.91 -1.89 22.76
C LEU A 285 15.46 -2.49 21.47
N ARG A 286 14.98 -2.01 20.33
CA ARG A 286 15.22 -2.64 19.04
C ARG A 286 16.57 -2.29 18.43
N LEU A 287 17.38 -3.31 18.17
CA LEU A 287 18.68 -3.11 17.53
C LEU A 287 18.54 -2.94 16.02
N VAL A 288 19.09 -1.84 15.50
CA VAL A 288 19.05 -1.52 14.08
C VAL A 288 20.47 -1.36 13.56
N THR A 289 20.86 -2.22 12.63
CA THR A 289 22.25 -2.28 12.17
C THR A 289 22.38 -3.14 10.90
N ASN A 290 23.37 -2.85 10.06
CA ASN A 290 23.70 -3.73 8.96
C ASN A 290 24.58 -4.85 9.51
N ASN A 291 24.82 -5.90 8.73
CA ASN A 291 25.63 -7.02 9.18
C ASN A 291 27.12 -6.68 9.18
N ARG A 292 27.74 -6.74 10.36
CA ARG A 292 29.10 -6.22 10.54
C ARG A 292 29.73 -6.70 11.84
N LEU A 293 31.03 -6.45 11.98
CA LEU A 293 31.77 -6.85 13.18
C LEU A 293 31.39 -5.98 14.37
N TRP A 294 31.16 -4.70 14.15
CA TRP A 294 30.83 -3.85 15.28
C TRP A 294 29.54 -3.03 15.16
N PRO A 295 28.37 -3.69 15.40
CA PRO A 295 27.13 -2.93 15.61
C PRO A 295 27.28 -1.96 16.78
N LEU A 296 26.69 -0.78 16.64
CA LEU A 296 26.69 0.21 17.70
C LEU A 296 25.54 -0.06 18.67
N ASN A 297 25.61 0.55 19.85
CA ASN A 297 24.55 0.46 20.87
C ASN A 297 24.68 -0.74 21.78
N LEU A 298 25.70 -1.54 21.54
CA LEU A 298 25.93 -2.75 22.32
C LEU A 298 27.24 -2.59 23.11
N TYR A 299 27.11 -2.32 24.40
CA TYR A 299 28.29 -2.22 25.25
C TYR A 299 28.94 -3.60 25.35
N LYS A 300 30.23 -3.65 25.06
CA LYS A 300 31.00 -4.90 24.93
C LYS A 300 30.39 -5.82 23.87
N GLY A 301 29.68 -5.22 22.91
CA GLY A 301 29.00 -5.95 21.85
C GLY A 301 27.77 -6.70 22.34
N VAL A 302 27.36 -6.42 23.58
CA VAL A 302 26.36 -7.27 24.23
C VAL A 302 25.26 -6.51 24.95
N VAL A 303 25.61 -5.42 25.63
CA VAL A 303 24.67 -4.73 26.50
C VAL A 303 23.94 -3.60 25.78
N TRP A 304 22.62 -3.72 25.69
CA TRP A 304 21.79 -2.66 25.11
C TRP A 304 21.92 -1.39 25.94
N GLU A 305 22.45 -0.34 25.31
CA GLU A 305 22.94 0.84 26.03
C GLU A 305 21.86 1.79 26.53
N ASP A 306 20.69 1.80 25.89
CA ASP A 306 19.59 2.64 26.36
C ASP A 306 18.81 1.94 27.46
N ASN A 307 18.94 0.63 27.56
CA ASN A 307 18.34 -0.14 28.64
C ASN A 307 19.23 -1.33 29.08
N PRO A 308 20.15 -1.08 30.03
CA PRO A 308 21.22 -2.05 30.35
C PRO A 308 20.73 -3.32 31.05
N LYS A 309 19.43 -3.52 31.12
CA LYS A 309 18.85 -4.75 31.65
C LYS A 309 18.44 -5.67 30.48
N PHE A 310 18.80 -5.25 29.27
CA PHE A 310 18.52 -5.97 28.05
C PHE A 310 19.83 -6.26 27.35
N PHE A 311 19.99 -7.51 26.88
CA PHE A 311 21.24 -7.95 26.24
C PHE A 311 20.97 -8.62 24.90
N TYR A 312 21.97 -8.55 24.01
CA TYR A 312 21.97 -9.20 22.70
C TYR A 312 23.15 -10.15 22.57
N ILE A 313 22.87 -11.42 22.29
CA ILE A 313 23.95 -12.37 22.03
C ILE A 313 24.08 -12.67 20.54
N GLY A 314 25.32 -12.61 20.04
CA GLY A 314 25.63 -13.05 18.68
C GLY A 314 25.09 -12.23 17.54
N MET A 315 24.82 -10.95 17.77
CA MET A 315 24.30 -10.11 16.69
C MET A 315 25.38 -9.60 15.73
N GLN A 316 26.64 -9.81 16.09
CA GLN A 316 27.77 -9.44 15.26
C GLN A 316 27.86 -10.38 14.06
N ASP A 317 28.43 -9.90 12.97
CA ASP A 317 28.85 -10.80 11.90
C ASP A 317 29.88 -11.82 12.44
N GLN A 318 29.98 -12.97 11.78
CA GLN A 318 30.66 -14.11 12.39
C GLN A 318 31.86 -14.70 11.63
N TRP A 319 33.02 -14.71 12.28
CA TRP A 319 34.16 -15.53 11.87
C TRP A 319 34.27 -16.58 12.94
N TYR A 320 34.39 -16.12 14.15
CA TYR A 320 34.26 -16.95 15.27
C TYR A 320 32.79 -17.16 15.41
N SER A 321 32.35 -18.27 15.94
CA SER A 321 30.97 -18.38 16.22
C SER A 321 30.63 -18.88 17.58
N PHE A 322 30.63 -20.17 17.80
CA PHE A 322 30.23 -20.69 19.08
C PHE A 322 31.07 -20.22 20.26
N ASN A 323 32.39 -20.02 20.11
CA ASN A 323 33.20 -19.53 21.21
C ASN A 323 32.84 -18.17 21.65
N MET A 324 32.55 -17.29 20.71
CA MET A 324 32.08 -15.95 20.98
C MET A 324 30.75 -15.94 21.67
N PHE A 325 29.88 -16.81 21.29
CA PHE A 325 28.58 -16.84 21.97
C PHE A 325 28.72 -17.19 23.46
N ASP A 326 29.68 -18.06 23.76
CA ASP A 326 30.04 -18.36 25.15
C ASP A 326 30.62 -17.12 25.83
N ALA A 327 31.66 -16.55 25.22
CA ALA A 327 32.29 -15.32 25.71
C ALA A 327 31.25 -14.24 26.01
N GLN A 328 30.33 -14.03 25.07
CA GLN A 328 29.25 -13.09 25.28
C GLN A 328 28.25 -13.58 26.34
N ALA A 329 27.92 -14.87 26.34
CA ALA A 329 26.97 -15.40 27.31
C ALA A 329 27.48 -15.31 28.76
N TRP A 330 28.77 -15.61 28.95
CA TRP A 330 29.41 -15.50 30.27
C TRP A 330 29.40 -14.06 30.80
N TYR A 331 29.78 -13.11 29.94
CA TYR A 331 29.80 -11.69 30.32
C TYR A 331 28.43 -11.22 30.78
N ALA A 332 27.42 -11.51 29.97
CA ALA A 332 26.04 -11.07 30.26
C ALA A 332 25.52 -11.68 31.55
N ARG A 333 25.90 -12.93 31.81
CA ARG A 333 25.57 -13.61 33.04
C ARG A 333 26.21 -12.91 34.23
N ASP A 334 27.49 -12.57 34.09
CA ASP A 334 28.24 -11.96 35.17
C ASP A 334 27.73 -10.57 35.49
N VAL A 335 27.18 -9.90 34.48
CA VAL A 335 26.59 -8.57 34.65
C VAL A 335 25.23 -8.69 35.35
N ILE A 336 24.39 -9.61 34.86
CA ILE A 336 23.12 -9.89 35.49
C ILE A 336 23.30 -10.27 36.98
N MET A 337 24.24 -11.18 37.24
CA MET A 337 24.48 -11.68 38.59
C MET A 337 25.17 -10.65 39.50
N GLY A 338 25.51 -9.50 38.95
CA GLY A 338 26.09 -8.39 39.71
C GLY A 338 27.60 -8.43 39.86
N ARG A 339 28.23 -9.46 39.30
CA ARG A 339 29.68 -9.68 39.38
C ARG A 339 30.50 -8.61 38.66
N LEU A 340 29.91 -8.03 37.61
CA LEU A 340 30.58 -6.99 36.84
C LEU A 340 29.73 -5.74 36.79
N PRO A 341 30.19 -4.67 37.46
CA PRO A 341 29.49 -3.39 37.45
C PRO A 341 29.55 -2.74 36.09
N LEU A 342 28.49 -2.01 35.76
CA LEU A 342 28.39 -1.30 34.48
C LEU A 342 28.79 0.16 34.63
N PRO A 343 29.46 0.72 33.62
CA PRO A 343 29.77 2.15 33.60
C PRO A 343 28.51 3.00 33.33
N SER A 344 28.67 4.33 33.39
CA SER A 344 27.63 5.26 32.97
C SER A 344 27.47 5.17 31.46
N LYS A 345 26.24 5.39 30.97
CA LYS A 345 25.93 5.28 29.54
C LYS A 345 26.95 6.02 28.67
N GLU A 346 27.32 7.23 29.09
CA GLU A 346 28.30 8.05 28.38
C GLU A 346 29.63 7.29 28.23
N GLU A 347 30.08 6.67 29.31
CA GLU A 347 31.29 5.85 29.28
C GLU A 347 31.09 4.61 28.39
N MET A 348 29.91 4.01 28.40
CA MET A 348 29.60 2.87 27.54
C MET A 348 29.70 3.26 26.07
N LYS A 349 29.03 4.35 25.72
CA LYS A 349 28.98 4.83 24.35
C LYS A 349 30.35 5.33 23.84
N ALA A 350 31.18 5.84 24.74
CA ALA A 350 32.55 6.21 24.42
C ALA A 350 33.38 4.97 24.09
N ASP A 351 33.17 3.92 24.87
CA ASP A 351 33.83 2.62 24.66
C ASP A 351 33.39 2.03 23.31
N SER A 352 32.09 2.00 23.08
CA SER A 352 31.54 1.48 21.81
C SER A 352 32.06 2.26 20.60
N MET A 353 32.23 3.58 20.74
CA MET A 353 32.79 4.41 19.68
C MET A 353 34.23 4.05 19.33
N ALA A 354 35.02 3.72 20.35
CA ALA A 354 36.40 3.26 20.17
C ALA A 354 36.45 2.01 19.29
N TRP A 355 35.69 0.98 19.68
CA TRP A 355 35.58 -0.27 18.91
C TRP A 355 35.10 -0.06 17.48
N ARG A 356 34.17 0.88 17.30
CA ARG A 356 33.69 1.23 15.96
C ARG A 356 34.78 1.89 15.12
N GLU A 357 35.54 2.75 15.74
CA GLU A 357 36.60 3.44 15.07
C GLU A 357 37.62 2.47 14.56
N LYS A 358 38.03 1.54 15.38
CA LYS A 358 38.95 0.48 14.99
C LYS A 358 38.34 -0.44 13.93
N GLU A 359 37.03 -0.70 14.03
CA GLU A 359 36.33 -1.54 13.05
C GLU A 359 36.45 -0.99 11.63
N LEU A 360 36.35 0.33 11.51
CA LEU A 360 36.41 0.96 10.20
C LEU A 360 37.79 0.93 9.52
N THR A 361 38.85 0.69 10.30
CA THR A 361 40.22 0.60 9.76
C THR A 361 40.52 -0.73 9.08
N LEU A 362 39.63 -1.71 9.25
CA LEU A 362 39.88 -3.09 8.85
C LEU A 362 39.68 -3.31 7.35
N VAL A 363 40.70 -3.83 6.68
CA VAL A 363 40.66 -4.11 5.24
C VAL A 363 40.65 -5.61 4.95
N THR A 364 41.71 -6.31 5.36
CA THR A 364 41.90 -7.72 4.99
C THR A 364 41.16 -8.69 5.90
N ALA A 365 40.85 -9.87 5.37
CA ALA A 365 40.23 -10.95 6.12
C ALA A 365 40.92 -11.17 7.47
N GLU A 366 42.25 -11.22 7.43
CA GLU A 366 43.07 -11.43 8.64
C GLU A 366 42.76 -10.39 9.71
N GLU A 367 42.83 -9.10 9.34
CA GLU A 367 42.51 -8.01 10.27
C GLU A 367 41.14 -8.21 10.94
N MET A 368 40.18 -8.69 10.16
CA MET A 368 38.79 -8.81 10.61
C MET A 368 38.54 -9.90 11.64
N TYR A 369 39.02 -11.12 11.38
CA TYR A 369 38.85 -12.17 12.39
C TYR A 369 39.83 -11.98 13.57
N THR A 370 40.95 -11.31 13.30
CA THR A 370 41.90 -10.91 14.35
C THR A 370 41.24 -9.86 15.26
N TYR A 371 40.47 -8.95 14.65
CA TYR A 371 39.64 -7.98 15.39
C TYR A 371 38.67 -8.70 16.33
N GLN A 372 37.86 -9.59 15.76
CA GLN A 372 36.91 -10.39 16.53
C GLN A 372 37.67 -11.21 17.58
N GLY A 373 38.79 -11.78 17.18
CA GLY A 373 39.68 -12.49 18.11
C GLY A 373 39.98 -11.64 19.32
N ASP A 374 40.45 -10.41 19.07
CA ASP A 374 40.78 -9.45 20.14
C ASP A 374 39.56 -9.15 20.98
N TYR A 375 38.40 -9.04 20.33
CA TYR A 375 37.15 -8.72 21.01
C TYR A 375 36.76 -9.84 21.98
N ILE A 376 36.89 -11.09 21.53
CA ILE A 376 36.56 -12.24 22.37
C ILE A 376 37.53 -12.36 23.55
N GLN A 377 38.80 -12.06 23.31
CA GLN A 377 39.82 -12.07 24.36
C GLN A 377 39.43 -11.14 25.51
N ASN A 378 38.95 -9.95 25.17
CA ASN A 378 38.47 -8.96 26.13
C ASN A 378 37.31 -9.46 27.00
N LEU A 379 36.39 -10.22 26.39
CA LEU A 379 35.24 -10.78 27.11
C LEU A 379 35.65 -11.93 28.05
N ILE A 380 36.53 -12.80 27.55
CA ILE A 380 37.05 -13.93 28.32
C ILE A 380 37.69 -13.44 29.62
N ASP A 381 38.54 -12.42 29.50
CA ASP A 381 39.35 -11.92 30.62
C ASP A 381 38.55 -11.48 31.84
N MET A 382 37.27 -11.16 31.65
CA MET A 382 36.42 -10.63 32.72
C MET A 382 35.60 -11.69 33.45
N THR A 383 35.64 -12.92 32.97
CA THR A 383 34.81 -14.00 33.51
C THR A 383 35.63 -15.25 33.81
N ASP A 384 34.99 -16.23 34.44
CA ASP A 384 35.63 -17.52 34.71
C ASP A 384 35.62 -18.47 33.52
N TYR A 385 35.22 -17.98 32.35
CA TYR A 385 35.19 -18.82 31.14
C TYR A 385 36.60 -19.23 30.74
N PRO A 386 36.81 -20.56 30.60
CA PRO A 386 38.12 -21.14 30.28
C PRO A 386 38.77 -20.44 29.09
N SER A 387 39.97 -19.88 29.32
CA SER A 387 40.70 -19.18 28.26
C SER A 387 41.10 -20.17 27.17
N PHE A 388 41.34 -19.68 25.97
CA PHE A 388 41.76 -20.52 24.85
C PHE A 388 42.65 -19.79 23.85
N ASP A 389 43.31 -20.56 22.99
CA ASP A 389 44.37 -20.05 22.12
C ASP A 389 43.84 -19.28 20.92
N ILE A 390 43.40 -18.05 21.17
CA ILE A 390 42.93 -17.16 20.11
C ILE A 390 43.98 -16.93 19.01
N PRO A 391 45.20 -16.51 19.38
CA PRO A 391 46.19 -16.30 18.32
C PRO A 391 46.36 -17.50 17.39
N ALA A 392 46.23 -18.72 17.94
CA ALA A 392 46.36 -19.93 17.14
C ALA A 392 45.10 -20.24 16.32
N THR A 393 43.94 -19.97 16.89
CA THR A 393 42.69 -20.02 16.14
C THR A 393 42.78 -19.12 14.89
N ASN A 394 43.36 -17.93 15.06
CA ASN A 394 43.55 -16.99 13.97
C ASN A 394 44.43 -17.57 12.92
N LYS A 395 45.37 -18.37 13.34
CA LYS A 395 46.27 -19.10 12.47
C LYS A 395 45.60 -20.14 11.66
N THR A 396 44.64 -20.77 12.27
CA THR A 396 43.83 -21.81 11.63
C THR A 396 42.89 -21.16 10.62
N PHE A 397 42.29 -20.03 10.99
CA PHE A 397 41.46 -19.27 10.06
C PHE A 397 42.26 -18.92 8.79
N LEU A 398 43.53 -18.55 8.99
CA LEU A 398 44.45 -18.22 7.91
C LEU A 398 44.70 -19.43 7.00
N GLU A 399 44.91 -20.59 7.61
CA GLU A 399 45.14 -21.84 6.86
C GLU A 399 43.92 -22.19 6.02
N TRP A 400 42.74 -22.00 6.61
CA TRP A 400 41.47 -22.23 5.96
C TRP A 400 41.27 -21.30 4.75
N LYS A 401 41.61 -20.03 4.92
CA LYS A 401 41.62 -19.07 3.82
C LYS A 401 42.53 -19.50 2.67
N HIS A 402 43.74 -19.97 2.95
CA HIS A 402 44.58 -20.44 1.89
C HIS A 402 44.02 -21.63 1.20
N HIS A 403 43.46 -22.55 1.95
CA HIS A 403 42.92 -23.77 1.34
C HIS A 403 41.76 -23.48 0.40
N LYS A 404 40.94 -22.49 0.74
CA LYS A 404 39.86 -22.05 -0.12
C LYS A 404 40.43 -21.38 -1.38
N LYS A 405 41.42 -20.52 -1.18
CA LYS A 405 42.08 -19.80 -2.30
C LYS A 405 42.75 -20.75 -3.28
N GLU A 406 43.37 -21.81 -2.75
CA GLU A 406 44.06 -22.83 -3.55
C GLU A 406 43.07 -23.62 -4.41
N ASN A 407 42.03 -24.12 -3.75
CA ASN A 407 40.98 -24.87 -4.44
C ASN A 407 39.70 -24.82 -3.63
N ILE A 408 38.76 -24.03 -4.11
CA ILE A 408 37.47 -23.80 -3.44
C ILE A 408 36.59 -25.07 -3.36
N MET A 409 36.88 -26.05 -4.20
CA MET A 409 36.11 -27.29 -4.22
C MET A 409 36.66 -28.36 -3.29
N THR A 410 37.88 -28.17 -2.79
CA THR A 410 38.52 -29.18 -1.95
C THR A 410 38.94 -28.70 -0.58
N PHE A 411 38.58 -27.47 -0.21
CA PHE A 411 39.01 -26.94 1.08
C PHE A 411 38.51 -27.82 2.22
N ARG A 412 37.37 -28.47 2.01
CA ARG A 412 36.75 -29.29 3.06
C ARG A 412 37.50 -30.58 3.37
N ASP A 413 38.44 -30.94 2.51
CA ASP A 413 39.18 -32.19 2.64
C ASP A 413 40.45 -32.05 3.45
N HIS A 414 40.79 -30.82 3.83
CA HIS A 414 41.95 -30.58 4.68
C HIS A 414 41.62 -30.83 6.16
N SER A 415 42.67 -30.93 6.97
CA SER A 415 42.52 -31.21 8.40
C SER A 415 43.30 -30.20 9.24
N TYR A 416 42.88 -30.00 10.48
CA TYR A 416 43.50 -29.00 11.38
C TYR A 416 43.66 -29.51 12.80
N ARG A 417 44.50 -28.83 13.58
CA ARG A 417 44.77 -29.23 14.95
C ARG A 417 43.87 -28.51 15.95
N SER A 418 43.27 -29.29 16.86
CA SER A 418 42.49 -28.72 17.95
C SER A 418 43.35 -27.86 18.86
N LEU A 419 42.82 -26.68 19.17
CA LEU A 419 43.53 -25.70 19.99
C LEU A 419 43.06 -25.81 21.44
N MET A 420 42.12 -26.71 21.63
CA MET A 420 41.65 -27.11 22.90
C MET A 420 42.30 -28.36 23.43
N THR A 421 42.71 -29.28 22.57
CA THR A 421 43.32 -30.56 22.96
C THR A 421 44.66 -30.92 22.31
N GLY A 422 44.98 -30.25 21.20
CA GLY A 422 46.22 -30.56 20.46
C GLY A 422 46.05 -31.71 19.49
N THR A 423 44.90 -32.38 19.58
CA THR A 423 44.53 -33.47 18.68
C THR A 423 44.51 -33.01 17.23
N MET A 424 45.25 -33.71 16.38
CA MET A 424 45.17 -33.50 14.94
C MET A 424 44.00 -34.27 14.35
N ALA A 425 43.12 -33.56 13.65
CA ALA A 425 42.00 -34.20 12.95
C ALA A 425 42.52 -35.14 11.85
N PRO A 426 41.91 -36.34 11.72
CA PRO A 426 42.32 -37.24 10.65
C PRO A 426 41.71 -36.79 9.31
N LYS A 427 42.23 -37.34 8.22
CA LYS A 427 41.57 -37.18 6.93
C LYS A 427 40.24 -37.94 6.97
N HIS A 428 39.24 -37.43 6.25
CA HIS A 428 37.95 -38.09 6.18
C HIS A 428 37.93 -39.21 5.13
N HIS A 429 37.12 -40.24 5.38
CA HIS A 429 37.10 -41.45 4.54
C HIS A 429 36.63 -41.24 3.09
N THR A 430 36.02 -40.08 2.84
CA THR A 430 35.53 -39.74 1.51
C THR A 430 35.83 -38.28 1.18
N PRO A 431 36.45 -38.03 0.00
CA PRO A 431 36.52 -36.68 -0.51
C PRO A 431 35.13 -36.05 -0.50
N TRP A 432 35.08 -34.78 -0.14
CA TRP A 432 33.83 -34.04 -0.03
C TRP A 432 32.96 -34.23 -1.27
N ILE A 433 33.57 -34.11 -2.45
CA ILE A 433 32.86 -34.19 -3.72
C ILE A 433 32.03 -35.47 -3.86
N ASP A 434 32.58 -36.59 -3.37
CA ASP A 434 31.93 -37.88 -3.48
C ASP A 434 31.09 -38.19 -2.24
N ALA A 435 31.26 -37.40 -1.18
CA ALA A 435 30.54 -37.64 0.06
C ALA A 435 29.09 -37.15 -0.01
N LEU A 436 28.30 -37.88 -0.81
CA LEU A 436 26.91 -37.52 -1.06
C LEU A 436 26.00 -37.76 0.15
N ASP A 437 26.33 -38.76 0.97
CA ASP A 437 25.49 -39.06 2.15
C ASP A 437 25.60 -37.97 3.23
N ASP A 438 24.43 -37.52 3.63
CA ASP A 438 24.26 -36.42 4.55
C ASP A 438 24.61 -36.81 5.98
N SER A 439 24.33 -38.07 6.31
CA SER A 439 24.09 -38.49 7.70
C SER A 439 25.28 -38.48 8.64
N LEU A 440 24.98 -38.20 9.89
CA LEU A 440 25.89 -38.39 11.00
C LEU A 440 26.43 -39.82 10.97
N GLU A 441 25.52 -40.77 10.77
CA GLU A 441 25.84 -42.19 10.72
C GLU A 441 26.93 -42.48 9.70
N ALA A 442 26.71 -41.99 8.48
CA ALA A 442 27.68 -42.18 7.39
C ALA A 442 29.03 -41.53 7.67
N TYR A 443 28.99 -40.39 8.37
CA TYR A 443 30.20 -39.63 8.69
C TYR A 443 31.06 -40.30 9.76
N LEU A 444 30.43 -40.78 10.82
CA LEU A 444 31.14 -41.40 11.93
C LEU A 444 31.60 -42.85 11.68
N SER A 445 30.96 -43.53 10.76
CA SER A 445 31.39 -44.84 10.41
C SER A 445 32.59 -44.75 9.53
N ASP A 446 33.05 -45.87 9.01
CA ASP A 446 34.16 -45.90 8.07
C ASP A 446 33.64 -46.50 6.77
N LYS A 447 33.80 -45.76 5.68
CA LYS A 447 33.34 -46.22 4.38
C LYS A 447 33.31 -45.09 3.38
N ALA B 2 -12.24 14.20 16.77
CA ALA B 2 -12.42 13.68 18.16
C ALA B 2 -12.42 12.16 18.14
N THR B 3 -13.20 11.58 17.22
CA THR B 3 -13.25 10.12 17.07
C THR B 3 -12.29 9.63 15.98
N ARG B 4 -11.48 8.61 16.31
CA ARG B 4 -10.47 8.06 15.39
C ARG B 4 -10.65 6.56 15.20
N ILE B 5 -10.66 6.12 13.94
CA ILE B 5 -10.80 4.70 13.60
C ILE B 5 -9.51 4.19 12.94
N ALA B 6 -9.04 3.03 13.39
CA ALA B 6 -7.93 2.35 12.73
C ALA B 6 -8.48 1.17 11.94
N ILE B 7 -8.12 1.12 10.67
CA ILE B 7 -8.61 0.10 9.76
C ILE B 7 -7.39 -0.70 9.37
N LEU B 8 -7.42 -2.00 9.67
CA LEU B 8 -6.23 -2.80 9.46
C LEU B 8 -6.29 -3.52 8.13
N GLY B 9 -5.47 -3.08 7.18
CA GLY B 9 -5.40 -3.70 5.87
C GLY B 9 -6.12 -2.91 4.78
N ALA B 10 -5.47 -2.76 3.64
CA ALA B 10 -6.09 -2.12 2.49
C ALA B 10 -6.39 -3.15 1.40
N GLY B 11 -6.99 -4.27 1.81
CA GLY B 11 -7.50 -5.27 0.88
C GLY B 11 -8.92 -4.88 0.51
N PRO B 12 -9.61 -5.71 -0.30
CA PRO B 12 -11.02 -5.44 -0.66
C PRO B 12 -11.93 -5.02 0.52
N SER B 13 -11.68 -5.63 1.69
CA SER B 13 -12.44 -5.31 2.91
C SER B 13 -12.08 -3.96 3.51
N GLY B 14 -10.78 -3.64 3.55
CA GLY B 14 -10.30 -2.37 4.11
C GLY B 14 -10.71 -1.23 3.21
N MET B 15 -10.63 -1.49 1.90
CA MET B 15 -11.15 -0.61 0.88
C MET B 15 -12.64 -0.35 1.08
N ALA B 16 -13.39 -1.42 1.34
CA ALA B 16 -14.84 -1.33 1.55
C ALA B 16 -15.15 -0.45 2.75
N GLN B 17 -14.38 -0.62 3.83
CA GLN B 17 -14.55 0.17 5.04
C GLN B 17 -14.30 1.67 4.80
N LEU B 18 -13.23 2.00 4.08
CA LEU B 18 -12.97 3.39 3.69
C LEU B 18 -14.07 3.90 2.76
N ARG B 19 -14.48 3.05 1.81
CA ARG B 19 -15.58 3.42 0.91
C ARG B 19 -16.85 3.73 1.69
N ALA B 20 -17.16 2.89 2.67
CA ALA B 20 -18.35 3.04 3.52
C ALA B 20 -18.40 4.42 4.15
N PHE B 21 -17.30 4.82 4.79
CA PHE B 21 -17.22 6.12 5.45
C PHE B 21 -17.27 7.29 4.48
N GLN B 22 -16.47 7.19 3.42
CA GLN B 22 -16.52 8.19 2.38
C GLN B 22 -17.96 8.38 1.89
N SER B 23 -18.66 7.27 1.66
CA SER B 23 -20.04 7.33 1.18
C SER B 23 -20.95 8.11 2.15
N ALA B 24 -20.75 7.89 3.45
CA ALA B 24 -21.51 8.62 4.46
C ALA B 24 -21.18 10.12 4.43
N GLN B 25 -19.89 10.41 4.30
CA GLN B 25 -19.40 11.78 4.22
C GLN B 25 -19.91 12.52 3.01
N GLU B 26 -19.93 11.85 1.85
CA GLU B 26 -20.49 12.41 0.62
C GLU B 26 -21.93 12.88 0.83
N LYS B 27 -22.67 12.20 1.70
CA LYS B 27 -24.07 12.51 1.96
C LYS B 27 -24.28 13.62 3.00
N GLY B 28 -23.20 14.33 3.34
CA GLY B 28 -23.26 15.45 4.28
C GLY B 28 -22.96 15.09 5.73
N ALA B 29 -22.78 13.79 5.98
CA ALA B 29 -22.56 13.29 7.35
C ALA B 29 -21.15 13.56 7.85
N GLU B 30 -21.04 13.91 9.13
CA GLU B 30 -19.77 14.01 9.79
C GLU B 30 -19.27 12.59 10.06
N ILE B 31 -18.06 12.30 9.58
CA ILE B 31 -17.44 10.99 9.79
C ILE B 31 -16.25 11.14 10.74
N PRO B 32 -15.84 10.03 11.39
CA PRO B 32 -14.69 10.08 12.27
C PRO B 32 -13.41 10.23 11.46
N GLU B 33 -12.33 10.56 12.15
CA GLU B 33 -11.00 10.51 11.56
C GLU B 33 -10.67 9.06 11.21
N LEU B 34 -10.11 8.85 10.02
CA LEU B 34 -9.78 7.51 9.52
C LEU B 34 -8.28 7.34 9.32
N VAL B 35 -7.72 6.25 9.84
CA VAL B 35 -6.34 5.85 9.57
C VAL B 35 -6.34 4.38 9.22
N CYS B 36 -5.75 4.04 8.06
CA CYS B 36 -5.72 2.68 7.56
C CYS B 36 -4.28 2.22 7.36
N PHE B 37 -3.90 1.13 8.04
CA PHE B 37 -2.55 0.60 7.95
C PHE B 37 -2.42 -0.54 6.95
N GLU B 38 -1.49 -0.39 6.01
CA GLU B 38 -1.22 -1.46 5.05
C GLU B 38 0.28 -1.77 4.95
N LYS B 39 0.62 -3.05 5.06
CA LYS B 39 2.01 -3.48 4.98
C LYS B 39 2.58 -3.63 3.57
N GLN B 40 1.71 -3.82 2.58
CA GLN B 40 2.18 -3.80 1.18
C GLN B 40 2.35 -2.36 0.68
N ALA B 41 2.97 -2.21 -0.48
CA ALA B 41 3.24 -0.89 -1.05
C ALA B 41 2.01 -0.34 -1.79
N ASP B 42 1.00 -1.18 -1.97
CA ASP B 42 -0.21 -0.79 -2.70
C ASP B 42 -1.44 -1.57 -2.20
N TRP B 43 -2.63 -1.10 -2.58
CA TRP B 43 -3.87 -1.77 -2.17
C TRP B 43 -4.28 -2.92 -3.10
N GLY B 44 -5.22 -3.72 -2.65
CA GLY B 44 -5.76 -4.81 -3.44
C GLY B 44 -5.77 -6.12 -2.69
N GLY B 45 -5.03 -6.16 -1.58
CA GLY B 45 -4.93 -7.36 -0.72
C GLY B 45 -4.37 -8.55 -1.45
N GLN B 46 -5.16 -9.62 -1.51
CA GLN B 46 -4.78 -10.82 -2.26
C GLN B 46 -4.55 -10.48 -3.72
N TRP B 47 -5.25 -9.45 -4.19
CA TRP B 47 -5.31 -9.18 -5.63
C TRP B 47 -4.07 -8.46 -6.15
N ASN B 48 -3.32 -7.85 -5.25
CA ASN B 48 -2.07 -7.22 -5.64
C ASN B 48 -1.06 -8.35 -5.84
N TYR B 49 -0.58 -8.54 -7.06
CA TYR B 49 0.32 -9.67 -7.31
C TYR B 49 1.76 -9.39 -6.91
N THR B 50 2.45 -10.44 -6.51
CA THR B 50 3.88 -10.35 -6.22
C THR B 50 4.62 -11.64 -6.58
N TRP B 51 5.77 -11.50 -7.23
CA TRP B 51 6.69 -12.64 -7.46
C TRP B 51 7.25 -13.22 -6.16
N ARG B 52 7.14 -12.46 -5.06
CA ARG B 52 7.73 -12.84 -3.78
C ARG B 52 7.01 -13.99 -3.07
N THR B 53 7.72 -14.59 -2.13
CA THR B 53 7.40 -15.87 -1.55
C THR B 53 7.99 -15.89 -0.12
N GLY B 54 7.21 -16.39 0.84
CA GLY B 54 7.64 -16.51 2.22
C GLY B 54 7.59 -15.19 2.94
N LEU B 55 8.68 -14.43 2.87
CA LEU B 55 8.75 -13.11 3.49
C LEU B 55 9.11 -12.03 2.45
N ASP B 56 8.53 -10.85 2.62
CA ASP B 56 8.65 -9.77 1.64
C ASP B 56 9.94 -8.97 1.90
N GLU B 57 10.15 -7.90 1.15
CA GLU B 57 11.44 -7.19 1.28
C GLU B 57 11.66 -6.49 2.64
N ASN B 58 10.63 -6.41 3.46
CA ASN B 58 10.79 -5.87 4.80
C ASN B 58 10.94 -6.95 5.85
N GLY B 59 10.78 -8.19 5.42
CA GLY B 59 10.74 -9.32 6.35
C GLY B 59 9.36 -9.67 6.86
N GLU B 60 8.32 -9.03 6.34
CA GLU B 60 6.98 -9.40 6.75
C GLU B 60 6.51 -10.59 5.93
N PRO B 61 5.72 -11.49 6.54
CA PRO B 61 5.19 -12.59 5.74
C PRO B 61 4.52 -12.09 4.48
N VAL B 62 4.84 -12.73 3.36
CA VAL B 62 4.22 -12.40 2.10
C VAL B 62 2.73 -12.64 2.25
N HIS B 63 1.92 -11.67 1.88
CA HIS B 63 0.49 -11.79 2.08
C HIS B 63 -0.26 -12.53 0.96
N SER B 64 -0.12 -12.03 -0.26
CA SER B 64 -0.89 -12.55 -1.38
C SER B 64 -0.60 -14.04 -1.61
N SER B 65 -1.66 -14.81 -1.84
CA SER B 65 -1.54 -16.24 -2.17
C SER B 65 -1.78 -16.41 -3.66
N MET B 66 -1.94 -15.29 -4.37
CA MET B 66 -2.31 -15.35 -5.78
C MET B 66 -1.12 -15.64 -6.69
N TYR B 67 -1.42 -16.28 -7.78
CA TYR B 67 -0.47 -16.79 -8.68
C TYR B 67 -0.71 -16.29 -10.01
N ARG B 68 0.25 -16.42 -10.87
CA ARG B 68 0.10 -16.06 -12.25
C ARG B 68 -0.97 -16.91 -12.86
N TYR B 69 -1.68 -16.34 -13.82
CA TYR B 69 -2.72 -16.96 -14.60
C TYR B 69 -3.97 -17.12 -13.86
N LEU B 70 -4.04 -16.56 -12.70
CA LEU B 70 -5.26 -16.66 -11.91
C LEU B 70 -6.38 -15.80 -12.52
N TRP B 71 -7.56 -16.43 -12.69
CA TRP B 71 -8.79 -15.75 -13.08
C TRP B 71 -9.82 -15.94 -11.97
N SER B 72 -10.89 -15.21 -12.03
CA SER B 72 -11.91 -15.29 -11.05
C SER B 72 -12.46 -16.67 -11.06
N ASN B 73 -12.81 -17.16 -9.90
CA ASN B 73 -13.33 -18.47 -9.77
C ASN B 73 -14.81 -18.57 -9.67
N GLY B 74 -15.48 -17.48 -9.47
CA GLY B 74 -16.91 -17.45 -9.44
C GLY B 74 -17.28 -16.53 -10.56
N PRO B 75 -18.56 -16.40 -10.88
CA PRO B 75 -18.97 -15.35 -11.82
C PRO B 75 -18.74 -13.99 -11.21
N LYS B 76 -18.19 -13.05 -11.99
CA LYS B 76 -17.93 -11.69 -11.50
C LYS B 76 -19.23 -11.03 -11.02
N GLU B 77 -20.33 -11.38 -11.68
CA GLU B 77 -21.64 -10.86 -11.32
C GLU B 77 -22.02 -11.19 -9.88
N CYS B 78 -21.37 -12.20 -9.30
CA CYS B 78 -21.60 -12.55 -7.90
C CYS B 78 -20.79 -11.68 -6.94
N LEU B 79 -19.86 -10.91 -7.49
CA LEU B 79 -19.01 -10.06 -6.64
C LEU B 79 -19.07 -8.57 -7.01
N GLU B 80 -19.95 -8.23 -7.95
CA GLU B 80 -20.13 -6.85 -8.42
C GLU B 80 -20.46 -5.91 -7.25
N PHE B 81 -19.85 -4.73 -7.22
CA PHE B 81 -20.23 -3.72 -6.23
C PHE B 81 -21.61 -3.13 -6.57
N ALA B 82 -22.49 -3.06 -5.57
CA ALA B 82 -23.81 -2.48 -5.81
C ALA B 82 -23.76 -0.97 -6.10
N ASP B 83 -22.75 -0.27 -5.60
CA ASP B 83 -22.62 1.19 -5.83
C ASP B 83 -21.56 1.56 -6.87
N TYR B 84 -20.96 0.56 -7.50
CA TYR B 84 -19.94 0.76 -8.51
C TYR B 84 -19.92 -0.47 -9.43
N THR B 85 -20.68 -0.35 -10.51
CA THR B 85 -20.92 -1.46 -11.43
C THR B 85 -19.71 -1.71 -12.33
N PHE B 86 -19.71 -2.87 -12.99
CA PHE B 86 -18.70 -3.16 -14.00
C PHE B 86 -18.88 -2.21 -15.18
N ASP B 87 -20.14 -1.97 -15.52
CA ASP B 87 -20.48 -1.07 -16.62
C ASP B 87 -19.96 0.35 -16.42
N GLU B 88 -20.13 0.89 -15.21
CA GLU B 88 -19.54 2.18 -14.86
C GLU B 88 -18.02 2.12 -15.02
N HIS B 89 -17.39 1.06 -14.51
CA HIS B 89 -15.93 0.95 -14.51
C HIS B 89 -15.27 0.70 -15.86
N PHE B 90 -15.71 -0.35 -16.56
CA PHE B 90 -15.06 -0.76 -17.81
C PHE B 90 -15.56 -0.04 -19.06
N GLY B 91 -16.68 0.68 -18.92
CA GLY B 91 -17.28 1.43 -20.04
C GLY B 91 -17.87 0.57 -21.14
N LYS B 92 -17.87 -0.75 -20.91
CA LYS B 92 -18.34 -1.74 -21.87
C LYS B 92 -18.55 -3.10 -21.18
N PRO B 93 -19.40 -3.97 -21.77
CA PRO B 93 -19.56 -5.34 -21.25
C PRO B 93 -18.30 -6.21 -21.44
N ILE B 94 -17.98 -7.01 -20.42
CA ILE B 94 -16.84 -7.96 -20.48
C ILE B 94 -17.25 -9.35 -20.01
N ALA B 95 -16.43 -10.36 -20.30
CA ALA B 95 -16.72 -11.74 -19.93
C ALA B 95 -16.76 -11.95 -18.41
N SER B 96 -17.31 -13.07 -17.98
CA SER B 96 -17.69 -13.25 -16.57
C SER B 96 -16.60 -13.77 -15.63
N TYR B 97 -15.45 -14.19 -16.18
CA TYR B 97 -14.38 -14.70 -15.34
C TYR B 97 -13.04 -13.97 -15.59
N PRO B 98 -12.92 -12.73 -15.09
CA PRO B 98 -11.74 -11.96 -15.47
C PRO B 98 -10.48 -12.38 -14.73
N PRO B 99 -9.30 -12.22 -15.39
CA PRO B 99 -7.99 -12.40 -14.77
C PRO B 99 -7.80 -11.46 -13.60
N ARG B 100 -7.05 -11.94 -12.60
CA ARG B 100 -6.67 -11.15 -11.44
C ARG B 100 -6.44 -9.66 -11.73
N GLU B 101 -5.59 -9.35 -12.71
CA GLU B 101 -5.26 -7.95 -13.02
C GLU B 101 -6.52 -7.10 -13.31
N VAL B 102 -7.49 -7.71 -13.99
CA VAL B 102 -8.72 -7.02 -14.37
C VAL B 102 -9.58 -6.74 -13.14
N LEU B 103 -9.74 -7.74 -12.27
CA LEU B 103 -10.51 -7.54 -11.06
C LEU B 103 -9.81 -6.59 -10.08
N TRP B 104 -8.48 -6.60 -10.13
CA TRP B 104 -7.68 -5.68 -9.33
C TRP B 104 -7.94 -4.26 -9.80
N ASP B 105 -7.87 -4.04 -11.11
CA ASP B 105 -8.18 -2.75 -11.71
C ASP B 105 -9.56 -2.25 -11.34
N TYR B 106 -10.52 -3.17 -11.24
CA TYR B 106 -11.90 -2.86 -10.90
C TYR B 106 -12.09 -2.41 -9.44
N ILE B 107 -11.52 -3.15 -8.49
CA ILE B 107 -11.68 -2.80 -7.07
C ILE B 107 -10.92 -1.52 -6.70
N LYS B 108 -9.80 -1.30 -7.38
CA LYS B 108 -9.01 -0.09 -7.22
C LYS B 108 -9.82 1.05 -7.80
N GLY B 109 -10.44 0.79 -8.94
CA GLY B 109 -11.25 1.79 -9.65
C GLY B 109 -12.21 2.50 -8.73
N ARG B 110 -12.90 1.74 -7.89
CA ARG B 110 -13.87 2.31 -6.96
C ARG B 110 -13.21 3.23 -5.95
N VAL B 111 -12.22 2.73 -5.22
CA VAL B 111 -11.58 3.53 -4.18
C VAL B 111 -10.77 4.70 -4.73
N GLU B 112 -10.38 4.60 -6.00
CA GLU B 112 -9.77 5.71 -6.71
C GLU B 112 -10.76 6.87 -6.84
N LYS B 113 -11.99 6.54 -7.21
CA LYS B 113 -13.06 7.51 -7.39
C LYS B 113 -13.54 8.09 -6.06
N ALA B 114 -13.39 7.32 -4.98
CA ALA B 114 -13.77 7.78 -3.63
C ALA B 114 -12.78 8.76 -3.00
N GLY B 115 -11.57 8.81 -3.55
CA GLY B 115 -10.49 9.65 -3.03
C GLY B 115 -9.95 9.18 -1.68
N VAL B 116 -10.09 7.90 -1.37
CA VAL B 116 -9.74 7.43 -0.02
C VAL B 116 -8.29 6.96 0.18
N ARG B 117 -7.48 7.00 -0.87
CA ARG B 117 -6.08 6.60 -0.76
C ARG B 117 -5.35 7.43 0.30
N LYS B 118 -5.77 8.68 0.45
CA LYS B 118 -5.13 9.62 1.36
C LYS B 118 -5.14 9.17 2.84
N TYR B 119 -5.99 8.22 3.19
CA TYR B 119 -6.09 7.68 4.55
C TYR B 119 -5.15 6.50 4.81
N ILE B 120 -4.51 5.98 3.78
CA ILE B 120 -3.75 4.74 3.94
C ILE B 120 -2.27 4.99 4.14
N ARG B 121 -1.73 4.42 5.21
CA ARG B 121 -0.27 4.39 5.41
C ARG B 121 0.19 3.03 4.95
N PHE B 122 0.78 3.03 3.76
CA PHE B 122 1.39 1.87 3.14
C PHE B 122 2.76 1.55 3.70
N ASN B 123 3.25 0.36 3.35
CA ASN B 123 4.55 -0.12 3.79
C ASN B 123 4.65 -0.13 5.33
N THR B 124 3.49 -0.28 5.97
CA THR B 124 3.38 -0.20 7.42
C THR B 124 2.71 -1.47 7.95
N ALA B 125 3.45 -2.26 8.72
CA ALA B 125 2.89 -3.48 9.29
C ALA B 125 2.36 -3.26 10.70
N VAL B 126 1.12 -3.71 10.94
CA VAL B 126 0.55 -3.66 12.29
C VAL B 126 1.19 -4.68 13.23
N ARG B 127 1.74 -4.17 14.34
CA ARG B 127 2.47 -4.96 15.32
C ARG B 127 1.63 -5.43 16.50
N HIS B 128 0.84 -4.52 17.07
CA HIS B 128 0.08 -4.86 18.26
C HIS B 128 -1.13 -3.95 18.45
N VAL B 129 -2.20 -4.53 18.99
CA VAL B 129 -3.38 -3.77 19.36
C VAL B 129 -3.75 -4.08 20.80
N GLU B 130 -3.65 -3.09 21.68
CA GLU B 130 -4.02 -3.21 23.09
C GLU B 130 -5.22 -2.32 23.38
N PHE B 131 -6.16 -2.83 24.17
CA PHE B 131 -7.28 -2.01 24.64
C PHE B 131 -6.97 -1.49 26.04
N ASN B 132 -7.04 -0.17 26.20
CA ASN B 132 -6.82 0.44 27.49
C ASN B 132 -8.14 0.64 28.20
N GLU B 133 -8.35 -0.07 29.31
CA GLU B 133 -9.63 -0.02 30.01
C GLU B 133 -9.85 1.32 30.70
N ASP B 134 -8.75 2.00 31.03
CA ASP B 134 -8.80 3.30 31.69
C ASP B 134 -9.41 4.40 30.82
N SER B 135 -8.99 4.45 29.56
CA SER B 135 -9.44 5.49 28.62
C SER B 135 -10.45 4.97 27.59
N GLN B 136 -10.69 3.66 27.62
CA GLN B 136 -11.58 2.98 26.66
C GLN B 136 -11.15 3.17 25.20
N THR B 137 -9.85 3.26 24.97
CA THR B 137 -9.29 3.38 23.63
C THR B 137 -8.28 2.27 23.33
N PHE B 138 -7.96 2.12 22.05
CA PHE B 138 -6.98 1.16 21.59
C PHE B 138 -5.64 1.85 21.30
N THR B 139 -4.54 1.24 21.74
CA THR B 139 -3.21 1.66 21.34
C THR B 139 -2.77 0.74 20.22
N VAL B 140 -2.62 1.32 19.02
CA VAL B 140 -2.22 0.57 17.84
C VAL B 140 -0.75 0.87 17.56
N THR B 141 0.07 -0.17 17.62
CA THR B 141 1.51 -0.07 17.41
C THR B 141 1.84 -0.68 16.07
N VAL B 142 2.59 0.06 15.26
CA VAL B 142 2.91 -0.32 13.89
C VAL B 142 4.39 -0.15 13.59
N GLN B 143 4.88 -0.81 12.53
CA GLN B 143 6.23 -0.57 12.06
C GLN B 143 6.16 0.02 10.68
N ASP B 144 6.62 1.26 10.56
CA ASP B 144 6.69 1.95 9.29
C ASP B 144 8.01 1.55 8.65
N HIS B 145 7.92 0.73 7.61
CA HIS B 145 9.11 0.22 6.96
C HIS B 145 9.71 1.22 5.96
N THR B 146 8.99 2.31 5.69
CA THR B 146 9.57 3.36 4.88
C THR B 146 10.57 4.17 5.69
N THR B 147 10.22 4.47 6.94
CA THR B 147 11.10 5.24 7.84
C THR B 147 11.90 4.36 8.80
N ASP B 148 11.63 3.05 8.79
CA ASP B 148 12.16 2.12 9.78
C ASP B 148 11.89 2.59 11.21
N THR B 149 10.65 2.96 11.47
CA THR B 149 10.25 3.52 12.74
C THR B 149 9.14 2.66 13.32
N ILE B 150 9.09 2.58 14.63
CA ILE B 150 7.97 1.94 15.30
C ILE B 150 7.30 2.97 16.18
N TYR B 151 6.01 3.17 15.93
CA TYR B 151 5.24 4.17 16.65
C TYR B 151 3.88 3.59 16.96
N SER B 152 3.13 4.27 17.82
CA SER B 152 1.76 3.88 18.14
C SER B 152 0.81 5.07 18.20
N GLU B 153 -0.47 4.82 17.93
CA GLU B 153 -1.50 5.85 18.09
C GLU B 153 -2.71 5.31 18.85
N GLU B 154 -3.44 6.23 19.48
CA GLU B 154 -4.69 5.90 20.14
C GLU B 154 -5.84 5.96 19.17
N PHE B 155 -6.73 4.97 19.25
CA PHE B 155 -7.94 4.91 18.43
C PHE B 155 -9.16 4.54 19.26
N ASP B 156 -10.33 4.99 18.82
CA ASP B 156 -11.58 4.70 19.52
C ASP B 156 -12.19 3.37 19.09
N TYR B 157 -12.02 3.03 17.83
CA TYR B 157 -12.52 1.78 17.26
C TYR B 157 -11.49 1.17 16.31
N VAL B 158 -11.38 -0.14 16.28
CA VAL B 158 -10.49 -0.82 15.36
C VAL B 158 -11.27 -1.75 14.44
N VAL B 159 -10.96 -1.72 13.15
CA VAL B 159 -11.61 -2.60 12.18
C VAL B 159 -10.55 -3.47 11.50
N CYS B 160 -10.55 -4.75 11.87
CA CYS B 160 -9.59 -5.72 11.35
C CYS B 160 -10.06 -6.25 10.00
N CYS B 161 -9.29 -5.96 8.96
CA CYS B 161 -9.57 -6.42 7.59
C CYS B 161 -8.31 -7.10 7.02
N THR B 162 -7.62 -7.85 7.88
CA THR B 162 -6.35 -8.46 7.51
C THR B 162 -6.48 -9.81 6.77
N GLY B 163 -7.71 -10.27 6.57
CA GLY B 163 -7.97 -11.46 5.77
C GLY B 163 -7.72 -12.76 6.54
N HIS B 164 -7.93 -13.88 5.89
CA HIS B 164 -7.65 -15.18 6.50
C HIS B 164 -7.26 -16.29 5.50
N PHE B 165 -6.78 -15.90 4.32
CA PHE B 165 -6.26 -16.86 3.35
C PHE B 165 -4.77 -16.61 3.03
N SER B 166 -3.97 -16.32 4.07
CA SER B 166 -2.56 -15.95 3.92
C SER B 166 -1.56 -16.77 4.77
N THR B 167 -1.90 -17.02 6.02
CA THR B 167 -1.08 -17.89 6.85
C THR B 167 -1.50 -19.32 6.52
N PRO B 168 -0.62 -20.07 5.83
CA PRO B 168 -0.92 -21.43 5.37
C PRO B 168 -1.11 -22.43 6.50
N TYR B 169 -2.01 -23.39 6.27
CA TYR B 169 -2.08 -24.57 7.10
C TYR B 169 -1.25 -25.60 6.36
N VAL B 170 -0.15 -26.04 6.98
CA VAL B 170 0.84 -26.88 6.31
C VAL B 170 1.09 -28.15 7.11
N PRO B 171 0.28 -29.20 6.87
CA PRO B 171 0.50 -30.43 7.60
C PRO B 171 1.75 -31.15 7.11
N GLU B 172 2.37 -31.92 7.99
CA GLU B 172 3.53 -32.71 7.64
C GLU B 172 3.06 -34.11 7.27
N PHE B 173 3.81 -34.77 6.40
CA PHE B 173 3.59 -36.18 6.11
C PHE B 173 4.92 -36.89 6.26
N GLU B 174 4.86 -38.19 6.57
CA GLU B 174 6.05 -39.00 6.80
C GLU B 174 6.96 -39.01 5.58
N GLY B 175 8.24 -38.78 5.81
CA GLY B 175 9.25 -38.87 4.75
C GLY B 175 9.64 -37.55 4.14
N PHE B 176 8.91 -36.49 4.47
CA PHE B 176 9.09 -35.16 3.88
C PHE B 176 10.53 -34.61 3.96
N GLU B 177 11.27 -34.95 4.99
CA GLU B 177 12.65 -34.55 5.20
CA GLU B 177 12.63 -34.56 5.13
C GLU B 177 13.52 -35.18 4.10
N LYS B 178 13.10 -36.28 3.55
CA LYS B 178 13.91 -37.09 2.64
C LYS B 178 13.55 -36.93 1.16
N PHE B 179 12.33 -36.50 0.91
CA PHE B 179 11.86 -36.21 -0.44
C PHE B 179 12.81 -35.28 -1.20
N GLY B 180 13.17 -35.68 -2.41
CA GLY B 180 14.12 -34.94 -3.25
C GLY B 180 13.54 -33.84 -4.14
N GLY B 181 12.23 -33.64 -4.05
CA GLY B 181 11.55 -32.63 -4.86
C GLY B 181 11.03 -31.44 -4.07
N ARG B 182 10.46 -30.49 -4.78
CA ARG B 182 9.86 -29.32 -4.15
C ARG B 182 8.64 -29.71 -3.35
N ILE B 183 8.57 -29.18 -2.13
CA ILE B 183 7.37 -29.26 -1.33
C ILE B 183 7.07 -27.82 -0.97
N LEU B 184 6.00 -27.30 -1.57
CA LEU B 184 5.55 -25.94 -1.37
C LEU B 184 4.07 -26.00 -0.98
N HIS B 185 3.59 -24.95 -0.34
CA HIS B 185 2.17 -24.78 -0.08
C HIS B 185 1.61 -23.90 -1.19
N ALA B 186 0.31 -24.06 -1.45
CA ALA B 186 -0.43 -23.30 -2.47
C ALA B 186 -0.17 -21.79 -2.37
N HIS B 187 0.02 -21.32 -1.13
CA HIS B 187 0.38 -19.94 -0.84
C HIS B 187 1.64 -19.46 -1.55
N ASP B 188 2.62 -20.36 -1.75
CA ASP B 188 3.90 -20.01 -2.41
C ASP B 188 3.87 -20.30 -3.90
N PHE B 189 2.78 -20.85 -4.40
CA PHE B 189 2.62 -21.17 -5.81
C PHE B 189 2.47 -19.89 -6.60
N ARG B 190 3.24 -19.78 -7.67
CA ARG B 190 3.30 -18.54 -8.42
C ARG B 190 3.14 -18.75 -9.91
N ASP B 191 3.91 -19.67 -10.48
CA ASP B 191 3.95 -19.83 -11.93
C ASP B 191 3.80 -21.29 -12.32
N ALA B 192 2.75 -21.60 -13.08
CA ALA B 192 2.51 -22.98 -13.52
C ALA B 192 3.62 -23.50 -14.44
N LEU B 193 4.23 -22.60 -15.21
CA LEU B 193 5.34 -22.95 -16.10
C LEU B 193 6.46 -23.71 -15.40
N GLU B 194 6.67 -23.42 -14.11
CA GLU B 194 7.67 -24.11 -13.29
C GLU B 194 7.45 -25.62 -13.27
N PHE B 195 6.19 -26.04 -13.44
CA PHE B 195 5.84 -27.46 -13.36
C PHE B 195 5.53 -28.13 -14.69
N LYS B 196 5.93 -27.47 -15.78
CA LYS B 196 5.75 -28.00 -17.13
C LYS B 196 6.51 -29.31 -17.32
N ASP B 197 5.86 -30.30 -17.93
CA ASP B 197 6.42 -31.65 -18.14
C ASP B 197 6.78 -32.38 -16.82
N LYS B 198 6.25 -31.90 -15.70
CA LYS B 198 6.52 -32.50 -14.41
C LYS B 198 5.31 -33.31 -13.95
N THR B 199 5.56 -34.26 -13.06
CA THR B 199 4.49 -34.96 -12.36
C THR B 199 4.24 -34.24 -11.04
N VAL B 200 3.05 -33.69 -10.89
CA VAL B 200 2.74 -32.91 -9.69
C VAL B 200 1.68 -33.58 -8.81
N LEU B 201 2.01 -33.75 -7.53
CA LEU B 201 1.05 -34.18 -6.53
C LEU B 201 0.41 -32.96 -5.86
N LEU B 202 -0.92 -32.94 -5.84
CA LEU B 202 -1.68 -31.91 -5.17
C LEU B 202 -2.47 -32.51 -4.03
N VAL B 203 -2.19 -32.04 -2.82
CA VAL B 203 -2.84 -32.55 -1.62
C VAL B 203 -3.95 -31.57 -1.24
N GLY B 204 -5.20 -32.00 -1.42
CA GLY B 204 -6.37 -31.13 -1.21
C GLY B 204 -7.55 -31.47 -2.11
N SER B 205 -8.71 -30.89 -1.78
CA SER B 205 -9.95 -31.17 -2.50
C SER B 205 -10.90 -29.97 -2.55
N SER B 206 -10.33 -28.78 -2.45
CA SER B 206 -11.12 -27.57 -2.55
C SER B 206 -10.58 -26.71 -3.72
N TYR B 207 -10.92 -25.43 -3.73
CA TYR B 207 -10.61 -24.53 -4.84
C TYR B 207 -9.14 -24.45 -5.25
N SER B 208 -8.23 -24.42 -4.27
CA SER B 208 -6.80 -24.34 -4.58
C SER B 208 -6.36 -25.61 -5.31
N ALA B 209 -6.78 -26.76 -4.81
CA ALA B 209 -6.53 -28.02 -5.50
C ALA B 209 -7.10 -27.94 -6.92
N GLU B 210 -8.38 -27.58 -7.03
CA GLU B 210 -9.07 -27.47 -8.31
C GLU B 210 -8.29 -26.59 -9.28
N ASP B 211 -8.00 -25.37 -8.85
CA ASP B 211 -7.49 -24.38 -9.79
C ASP B 211 -5.99 -24.47 -10.07
N ILE B 212 -5.20 -24.72 -9.03
CA ILE B 212 -3.76 -24.91 -9.21
C ILE B 212 -3.49 -26.12 -10.10
N GLY B 213 -4.27 -27.19 -9.90
CA GLY B 213 -4.23 -28.34 -10.79
C GLY B 213 -4.58 -27.90 -12.21
N SER B 214 -5.65 -27.13 -12.34
CA SER B 214 -6.10 -26.68 -13.65
C SER B 214 -5.04 -25.83 -14.34
N GLN B 215 -4.33 -25.02 -13.55
CA GLN B 215 -3.24 -24.18 -14.06
C GLN B 215 -2.05 -24.99 -14.54
N CYS B 216 -1.63 -25.96 -13.73
CA CYS B 216 -0.57 -26.88 -14.10
C CYS B 216 -0.93 -27.67 -15.36
N TYR B 217 -2.19 -28.10 -15.45
CA TYR B 217 -2.66 -28.80 -16.65
C TYR B 217 -2.55 -27.89 -17.85
N LYS B 218 -3.23 -26.75 -17.79
CA LYS B 218 -3.23 -25.74 -18.86
C LYS B 218 -1.81 -25.39 -19.34
N TYR B 219 -0.87 -25.25 -18.40
CA TYR B 219 0.47 -24.85 -18.79
C TYR B 219 1.46 -26.00 -19.00
N GLY B 220 0.95 -27.24 -18.99
CA GLY B 220 1.66 -28.36 -19.61
C GLY B 220 2.36 -29.39 -18.73
N ALA B 221 1.83 -29.63 -17.54
CA ALA B 221 2.37 -30.66 -16.68
C ALA B 221 2.13 -32.02 -17.32
N LYS B 222 3.06 -32.95 -17.13
CA LYS B 222 2.94 -34.28 -17.71
C LYS B 222 1.80 -35.08 -17.09
N LYS B 223 1.67 -35.00 -15.77
CA LYS B 223 0.74 -35.84 -15.03
C LYS B 223 0.38 -35.12 -13.75
N LEU B 224 -0.88 -35.19 -13.34
CA LEU B 224 -1.30 -34.60 -12.06
C LEU B 224 -2.00 -35.63 -11.20
N ILE B 225 -1.70 -35.60 -9.91
CA ILE B 225 -2.28 -36.55 -8.97
C ILE B 225 -2.88 -35.75 -7.85
N SER B 226 -4.20 -35.82 -7.68
CA SER B 226 -4.84 -35.16 -6.55
C SER B 226 -5.16 -36.21 -5.51
N CYS B 227 -4.88 -35.93 -4.24
CA CYS B 227 -5.30 -36.83 -3.19
C CYS B 227 -6.17 -36.10 -2.20
N TYR B 228 -7.17 -36.80 -1.66
CA TYR B 228 -8.14 -36.19 -0.73
C TYR B 228 -8.09 -36.81 0.67
N ARG B 229 -8.48 -36.00 1.64
CA ARG B 229 -8.48 -36.38 3.04
C ARG B 229 -9.67 -37.29 3.33
N THR B 230 -10.85 -36.88 2.86
CA THR B 230 -12.11 -37.55 3.19
C THR B 230 -12.93 -37.88 1.95
N ALA B 231 -13.14 -36.88 1.10
CA ALA B 231 -13.97 -36.98 -0.09
C ALA B 231 -13.29 -36.31 -1.28
N PRO B 232 -13.45 -36.87 -2.50
CA PRO B 232 -12.86 -36.28 -3.71
C PRO B 232 -13.55 -35.00 -4.14
N MET B 233 -12.90 -34.29 -5.04
CA MET B 233 -13.45 -33.11 -5.63
C MET B 233 -14.70 -33.50 -6.39
N GLY B 234 -14.66 -34.59 -7.11
CA GLY B 234 -15.85 -35.16 -7.74
C GLY B 234 -15.96 -34.95 -9.25
N TYR B 235 -15.21 -34.00 -9.79
CA TYR B 235 -15.27 -33.68 -11.20
C TYR B 235 -14.58 -34.72 -12.08
N LYS B 236 -14.94 -34.74 -13.36
CA LYS B 236 -14.25 -35.56 -14.35
C LYS B 236 -13.03 -34.78 -14.86
N TRP B 237 -11.86 -35.19 -14.40
CA TRP B 237 -10.59 -34.56 -14.77
C TRP B 237 -10.09 -35.11 -16.11
N PRO B 238 -9.15 -34.40 -16.76
CA PRO B 238 -8.54 -34.89 -18.00
C PRO B 238 -7.77 -36.21 -17.81
N GLU B 239 -7.33 -36.81 -18.93
CA GLU B 239 -6.72 -38.15 -18.95
C GLU B 239 -5.51 -38.31 -18.03
N ASN B 240 -4.71 -37.25 -17.90
CA ASN B 240 -3.48 -37.29 -17.08
C ASN B 240 -3.65 -36.81 -15.63
N TRP B 241 -4.90 -36.74 -15.18
CA TRP B 241 -5.26 -36.23 -13.86
C TRP B 241 -6.19 -37.21 -13.16
N ASP B 242 -5.87 -37.58 -11.91
CA ASP B 242 -6.68 -38.52 -11.13
C ASP B 242 -6.77 -38.11 -9.64
N GLU B 243 -7.82 -38.56 -8.97
CA GLU B 243 -8.01 -38.35 -7.53
C GLU B 243 -7.92 -39.67 -6.77
N ARG B 244 -7.23 -39.67 -5.62
CA ARG B 244 -7.08 -40.86 -4.76
C ARG B 244 -7.24 -40.51 -3.29
N PRO B 245 -7.41 -41.53 -2.43
CA PRO B 245 -7.31 -41.29 -0.99
C PRO B 245 -5.96 -40.69 -0.61
N ASN B 246 -5.85 -40.22 0.62
CA ASN B 246 -4.78 -39.33 1.04
C ASN B 246 -3.36 -39.87 0.97
N LEU B 247 -2.43 -38.94 0.90
CA LEU B 247 -1.01 -39.24 1.08
C LEU B 247 -0.77 -39.83 2.47
N VAL B 248 0.01 -40.92 2.51
CA VAL B 248 0.40 -41.56 3.77
C VAL B 248 1.88 -41.33 4.08
N ARG B 249 2.75 -41.57 3.10
CA ARG B 249 4.18 -41.28 3.27
C ARG B 249 4.88 -40.95 1.95
N VAL B 250 6.15 -40.57 2.04
CA VAL B 250 6.93 -40.19 0.89
C VAL B 250 8.36 -40.75 0.95
N ASP B 251 8.87 -41.17 -0.21
CA ASP B 251 10.24 -41.66 -0.40
C ASP B 251 11.15 -40.50 -0.73
N THR B 252 12.37 -40.79 -1.16
CA THR B 252 13.20 -39.78 -1.82
C THR B 252 12.55 -39.32 -3.14
N GLU B 253 11.76 -40.20 -3.75
CA GLU B 253 11.19 -39.96 -5.09
C GLU B 253 9.71 -40.29 -5.23
N ASN B 254 9.18 -41.11 -4.32
CA ASN B 254 7.82 -41.65 -4.47
C ASN B 254 6.86 -41.23 -3.36
N ALA B 255 5.59 -41.08 -3.73
CA ALA B 255 4.51 -40.78 -2.79
C ALA B 255 3.64 -42.03 -2.61
N TYR B 256 3.20 -42.28 -1.38
CA TYR B 256 2.42 -43.50 -1.05
C TYR B 256 1.10 -43.14 -0.42
N PHE B 257 0.02 -43.69 -0.99
CA PHE B 257 -1.34 -43.27 -0.63
C PHE B 257 -2.12 -44.33 0.14
N ALA B 258 -3.20 -43.88 0.77
CA ALA B 258 -4.03 -44.73 1.64
C ALA B 258 -4.66 -45.94 0.95
N ASP B 259 -4.80 -45.91 -0.38
CA ASP B 259 -5.40 -47.03 -1.14
C ASP B 259 -4.40 -48.11 -1.50
N GLY B 260 -3.16 -47.97 -1.01
CA GLY B 260 -2.08 -48.92 -1.31
C GLY B 260 -1.38 -48.54 -2.60
N SER B 261 -1.78 -47.39 -3.14
CA SER B 261 -1.27 -46.89 -4.40
C SER B 261 0.12 -46.25 -4.25
N SER B 262 0.84 -46.11 -5.36
CA SER B 262 2.20 -45.62 -5.33
C SER B 262 2.55 -44.87 -6.61
N GLU B 263 3.20 -43.71 -6.48
CA GLU B 263 3.58 -42.94 -7.67
C GLU B 263 4.85 -42.11 -7.48
N LYS B 264 5.64 -42.01 -8.55
CA LYS B 264 6.81 -41.18 -8.58
C LYS B 264 6.41 -39.74 -8.91
N VAL B 265 6.65 -38.85 -7.97
CA VAL B 265 6.27 -37.45 -8.12
C VAL B 265 7.49 -36.53 -8.15
N ASP B 266 7.40 -35.46 -8.91
CA ASP B 266 8.48 -34.47 -8.99
C ASP B 266 8.33 -33.37 -7.96
N ALA B 267 7.08 -33.02 -7.63
CA ALA B 267 6.76 -31.90 -6.73
C ALA B 267 5.46 -32.13 -5.98
N ILE B 268 5.40 -31.62 -4.76
CA ILE B 268 4.22 -31.72 -3.92
C ILE B 268 3.74 -30.32 -3.59
N ILE B 269 2.51 -30.01 -4.00
CA ILE B 269 1.89 -28.74 -3.71
C ILE B 269 0.75 -28.97 -2.70
N LEU B 270 0.94 -28.47 -1.49
CA LEU B 270 -0.05 -28.61 -0.42
C LEU B 270 -1.13 -27.55 -0.54
N CYS B 271 -2.32 -27.97 -0.97
CA CYS B 271 -3.49 -27.10 -1.10
C CYS B 271 -4.41 -27.34 0.08
N THR B 272 -3.83 -27.24 1.28
CA THR B 272 -4.45 -27.68 2.52
C THR B 272 -4.99 -26.52 3.36
N GLY B 273 -5.22 -25.37 2.71
CA GLY B 273 -5.96 -24.28 3.31
C GLY B 273 -5.12 -23.39 4.21
N TYR B 274 -5.80 -22.57 5.00
CA TYR B 274 -5.18 -21.50 5.75
C TYR B 274 -5.72 -21.40 7.16
N ILE B 275 -5.02 -20.63 8.00
CA ILE B 275 -5.45 -20.41 9.37
C ILE B 275 -5.72 -18.94 9.66
N HIS B 276 -6.57 -18.70 10.65
CA HIS B 276 -6.86 -17.37 11.14
C HIS B 276 -5.75 -17.07 12.12
N HIS B 277 -4.82 -16.24 11.68
CA HIS B 277 -3.65 -15.90 12.45
C HIS B 277 -3.57 -14.39 12.63
N PHE B 278 -3.68 -13.94 13.88
CA PHE B 278 -3.57 -12.52 14.22
C PHE B 278 -2.46 -12.30 15.26
N PRO B 279 -1.18 -12.31 14.82
CA PRO B 279 -0.05 -12.17 15.76
C PRO B 279 -0.02 -10.80 16.47
N PHE B 280 -0.80 -9.85 15.98
CA PHE B 280 -0.85 -8.50 16.56
C PHE B 280 -1.89 -8.34 17.65
N LEU B 281 -2.63 -9.41 17.95
CA LEU B 281 -3.66 -9.36 18.98
C LEU B 281 -3.44 -10.40 20.08
N ASN B 282 -3.65 -9.97 21.32
CA ASN B 282 -3.73 -10.87 22.45
C ASN B 282 -5.12 -11.53 22.53
N ASP B 283 -5.27 -12.52 23.40
CA ASP B 283 -6.44 -13.41 23.41
C ASP B 283 -7.76 -12.69 23.72
N ASP B 284 -7.66 -11.57 24.42
CA ASP B 284 -8.81 -10.72 24.76
C ASP B 284 -9.46 -10.12 23.52
N LEU B 285 -8.67 -9.97 22.45
CA LEU B 285 -9.17 -9.43 21.19
C LEU B 285 -9.11 -10.41 20.02
N ARG B 286 -8.37 -11.51 20.17
CA ARG B 286 -8.08 -12.42 19.04
C ARG B 286 -9.16 -13.45 18.65
N LEU B 287 -9.60 -13.37 17.39
CA LEU B 287 -10.54 -14.35 16.85
C LEU B 287 -9.82 -15.66 16.58
N VAL B 288 -10.36 -16.75 17.13
CA VAL B 288 -9.80 -18.09 17.01
C VAL B 288 -10.89 -18.97 16.42
N THR B 289 -10.71 -19.40 15.20
CA THR B 289 -11.71 -20.19 14.57
C THR B 289 -11.21 -20.93 13.40
N ASN B 290 -11.93 -21.92 12.96
CA ASN B 290 -11.67 -22.62 11.74
C ASN B 290 -12.38 -21.93 10.60
N ASN B 291 -12.14 -22.31 9.37
CA ASN B 291 -12.79 -21.65 8.25
C ASN B 291 -14.15 -22.20 7.98
N ARG B 292 -15.12 -21.35 8.14
CA ARG B 292 -16.53 -21.74 8.14
C ARG B 292 -17.40 -20.54 7.83
N LEU B 293 -18.64 -20.82 7.44
CA LEU B 293 -19.58 -19.76 7.13
C LEU B 293 -19.88 -18.89 8.34
N TRP B 294 -19.88 -19.48 9.53
CA TRP B 294 -20.20 -18.76 10.75
C TRP B 294 -19.26 -19.08 11.92
N PRO B 295 -18.15 -18.32 12.04
CA PRO B 295 -17.40 -18.36 13.29
C PRO B 295 -18.18 -17.71 14.42
N LEU B 296 -17.89 -18.09 15.66
CA LEU B 296 -18.57 -17.57 16.83
C LEU B 296 -17.93 -16.30 17.38
N ASN B 297 -18.60 -15.65 18.32
CA ASN B 297 -18.08 -14.48 19.01
C ASN B 297 -18.09 -13.21 18.16
N LEU B 298 -18.81 -13.28 17.03
CA LEU B 298 -18.95 -12.15 16.11
C LEU B 298 -20.42 -11.81 15.88
N TYR B 299 -20.88 -10.78 16.59
CA TYR B 299 -22.25 -10.33 16.45
C TYR B 299 -22.49 -9.83 15.03
N LYS B 300 -23.57 -10.33 14.41
CA LYS B 300 -23.88 -10.09 13.00
C LYS B 300 -22.67 -10.38 12.11
N GLY B 301 -21.81 -11.29 12.57
CA GLY B 301 -20.64 -11.71 11.82
C GLY B 301 -19.51 -10.70 11.80
N VAL B 302 -19.68 -9.60 12.53
CA VAL B 302 -18.76 -8.46 12.45
C VAL B 302 -18.26 -7.94 13.79
N VAL B 303 -19.13 -7.87 14.79
CA VAL B 303 -18.81 -7.20 16.07
C VAL B 303 -18.23 -8.19 17.09
N TRP B 304 -17.01 -7.90 17.56
CA TRP B 304 -16.33 -8.75 18.54
C TRP B 304 -17.07 -8.69 19.85
N GLU B 305 -17.60 -9.84 20.28
CA GLU B 305 -18.58 -9.86 21.37
C GLU B 305 -18.00 -9.55 22.74
N ASP B 306 -16.70 -9.79 22.92
CA ASP B 306 -16.05 -9.48 24.19
C ASP B 306 -15.67 -8.00 24.27
N ASN B 307 -15.54 -7.38 23.10
CA ASN B 307 -15.24 -5.96 22.99
C ASN B 307 -15.87 -5.39 21.71
N PRO B 308 -17.07 -4.83 21.84
CA PRO B 308 -17.85 -4.36 20.69
C PRO B 308 -17.35 -3.06 20.03
N LYS B 309 -16.20 -2.54 20.47
CA LYS B 309 -15.54 -1.42 19.79
C LYS B 309 -14.51 -1.93 18.79
N PHE B 310 -14.41 -3.24 18.69
CA PHE B 310 -13.46 -3.91 17.80
C PHE B 310 -14.26 -4.74 16.81
N PHE B 311 -13.93 -4.60 15.53
CA PHE B 311 -14.69 -5.25 14.46
C PHE B 311 -13.81 -6.13 13.56
N TYR B 312 -14.44 -7.10 12.91
CA TYR B 312 -13.78 -7.94 11.92
C TYR B 312 -14.57 -7.92 10.63
N ILE B 313 -13.87 -7.81 9.52
CA ILE B 313 -14.51 -7.87 8.21
C ILE B 313 -13.97 -9.05 7.44
N GLY B 314 -14.85 -9.71 6.68
CA GLY B 314 -14.48 -10.80 5.78
C GLY B 314 -13.90 -12.05 6.43
N MET B 315 -14.15 -12.24 7.72
CA MET B 315 -13.52 -13.36 8.42
C MET B 315 -14.18 -14.71 8.16
N GLN B 316 -15.41 -14.67 7.67
CA GLN B 316 -16.16 -15.86 7.23
C GLN B 316 -15.51 -16.49 5.99
N ASP B 317 -15.80 -17.76 5.76
CA ASP B 317 -15.54 -18.41 4.48
C ASP B 317 -16.46 -17.76 3.43
N GLN B 318 -16.04 -17.79 2.17
CA GLN B 318 -16.68 -16.98 1.14
C GLN B 318 -17.27 -17.75 -0.03
N TRP B 319 -18.56 -17.54 -0.26
CA TRP B 319 -19.18 -17.85 -1.54
C TRP B 319 -19.39 -16.50 -2.18
N TYR B 320 -19.91 -15.62 -1.37
CA TYR B 320 -20.07 -14.26 -1.68
C TYR B 320 -18.79 -13.60 -1.25
N SER B 321 -18.24 -12.70 -2.04
CA SER B 321 -17.11 -11.96 -1.53
C SER B 321 -17.24 -10.46 -1.39
N PHE B 322 -17.01 -9.71 -2.42
CA PHE B 322 -16.94 -8.28 -2.24
C PHE B 322 -18.16 -7.59 -1.71
N ASN B 323 -19.33 -7.88 -2.23
CA ASN B 323 -20.54 -7.23 -1.66
C ASN B 323 -20.94 -7.71 -0.25
N MET B 324 -20.41 -8.86 0.18
CA MET B 324 -20.50 -9.24 1.59
C MET B 324 -19.67 -8.26 2.42
N PHE B 325 -18.40 -8.08 2.03
CA PHE B 325 -17.47 -7.17 2.72
C PHE B 325 -18.06 -5.77 2.78
N ASP B 326 -18.66 -5.35 1.68
CA ASP B 326 -19.35 -4.08 1.60
C ASP B 326 -20.45 -3.97 2.63
N ALA B 327 -21.28 -5.01 2.70
CA ALA B 327 -22.42 -5.06 3.63
C ALA B 327 -21.92 -5.05 5.08
N GLN B 328 -20.84 -5.78 5.31
CA GLN B 328 -20.20 -5.83 6.62
C GLN B 328 -19.66 -4.46 7.03
N ALA B 329 -18.83 -3.86 6.16
CA ALA B 329 -18.25 -2.53 6.40
C ALA B 329 -19.29 -1.41 6.61
N TRP B 330 -20.36 -1.43 5.79
CA TRP B 330 -21.47 -0.48 5.95
C TRP B 330 -22.11 -0.60 7.32
N TYR B 331 -22.29 -1.84 7.77
CA TYR B 331 -22.83 -2.11 9.10
C TYR B 331 -21.87 -1.66 10.20
N ALA B 332 -20.58 -1.95 10.04
CA ALA B 332 -19.57 -1.50 10.99
C ALA B 332 -19.52 0.04 11.08
N ARG B 333 -19.62 0.71 9.92
CA ARG B 333 -19.75 2.16 9.85
C ARG B 333 -20.90 2.64 10.75
N ASP B 334 -22.09 2.11 10.49
CA ASP B 334 -23.30 2.55 11.19
C ASP B 334 -23.26 2.33 12.69
N VAL B 335 -22.59 1.27 13.13
CA VAL B 335 -22.40 1.00 14.55
C VAL B 335 -21.42 2.01 15.13
N ILE B 336 -20.26 2.12 14.50
CA ILE B 336 -19.24 3.10 14.89
C ILE B 336 -19.87 4.47 15.07
N MET B 337 -20.58 4.93 14.04
CA MET B 337 -21.17 6.26 13.99
C MET B 337 -22.36 6.50 14.93
N GLY B 338 -23.00 5.41 15.39
CA GLY B 338 -24.09 5.50 16.36
C GLY B 338 -25.49 5.42 15.78
N ARG B 339 -25.58 5.04 14.51
CA ARG B 339 -26.85 4.94 13.79
C ARG B 339 -27.54 3.63 14.14
N LEU B 340 -26.74 2.63 14.51
CA LEU B 340 -27.27 1.34 14.93
C LEU B 340 -26.70 0.97 16.29
N PRO B 341 -27.52 1.12 17.36
CA PRO B 341 -27.10 0.76 18.72
C PRO B 341 -27.05 -0.75 18.93
N LEU B 342 -26.13 -1.19 19.77
CA LEU B 342 -25.89 -2.61 19.98
C LEU B 342 -26.67 -3.13 21.19
N PRO B 343 -27.14 -4.39 21.12
CA PRO B 343 -27.83 -5.00 22.24
C PRO B 343 -26.86 -5.35 23.37
N SER B 344 -27.41 -5.86 24.47
CA SER B 344 -26.64 -6.40 25.58
C SER B 344 -25.68 -7.50 25.10
N LYS B 345 -24.59 -7.70 25.83
CA LYS B 345 -23.64 -8.76 25.50
C LYS B 345 -24.31 -10.13 25.53
N GLU B 346 -25.30 -10.27 26.41
CA GLU B 346 -26.09 -11.49 26.51
C GLU B 346 -26.96 -11.72 25.28
N GLU B 347 -27.61 -10.65 24.80
CA GLU B 347 -28.49 -10.71 23.64
C GLU B 347 -27.72 -10.92 22.33
N MET B 348 -26.49 -10.40 22.28
CA MET B 348 -25.64 -10.57 21.10
C MET B 348 -25.28 -12.05 20.92
N LYS B 349 -24.85 -12.67 22.02
CA LYS B 349 -24.43 -14.08 22.00
C LYS B 349 -25.54 -15.02 21.57
N ALA B 350 -26.76 -14.72 21.98
CA ALA B 350 -27.94 -15.51 21.62
C ALA B 350 -28.20 -15.44 20.12
N ASP B 351 -28.08 -14.24 19.56
CA ASP B 351 -28.24 -14.02 18.12
C ASP B 351 -27.18 -14.82 17.33
N SER B 352 -25.97 -14.88 17.87
CA SER B 352 -24.88 -15.61 17.21
C SER B 352 -25.12 -17.12 17.22
N MET B 353 -25.45 -17.66 18.39
CA MET B 353 -25.77 -19.08 18.53
C MET B 353 -26.90 -19.52 17.60
N ALA B 354 -27.90 -18.65 17.42
CA ALA B 354 -29.01 -18.89 16.50
C ALA B 354 -28.49 -19.14 15.09
N TRP B 355 -27.63 -18.22 14.63
CA TRP B 355 -26.99 -18.33 13.33
C TRP B 355 -26.07 -19.54 13.23
N ARG B 356 -25.40 -19.87 14.33
CA ARG B 356 -24.58 -21.07 14.41
C ARG B 356 -25.42 -22.33 14.25
N GLU B 357 -26.46 -22.48 15.08
CA GLU B 357 -27.35 -23.65 15.01
C GLU B 357 -27.82 -23.88 13.57
N LYS B 358 -28.13 -22.78 12.89
CA LYS B 358 -28.60 -22.81 11.51
C LYS B 358 -27.50 -23.29 10.55
N GLU B 359 -26.27 -22.81 10.78
CA GLU B 359 -25.13 -23.20 9.96
C GLU B 359 -24.89 -24.71 10.02
N LEU B 360 -25.13 -25.31 11.18
CA LEU B 360 -24.90 -26.74 11.40
C LEU B 360 -25.81 -27.69 10.60
N THR B 361 -26.93 -27.18 10.09
CA THR B 361 -27.89 -28.02 9.35
C THR B 361 -27.58 -28.13 7.86
N LEU B 362 -26.67 -27.29 7.39
CA LEU B 362 -26.37 -27.12 5.96
C LEU B 362 -25.60 -28.30 5.38
N VAL B 363 -26.08 -28.82 4.25
CA VAL B 363 -25.50 -30.00 3.61
C VAL B 363 -24.96 -29.69 2.21
N THR B 364 -25.82 -29.11 1.38
CA THR B 364 -25.48 -28.87 -0.02
C THR B 364 -24.80 -27.52 -0.21
N ALA B 365 -24.05 -27.41 -1.29
CA ALA B 365 -23.54 -26.13 -1.75
C ALA B 365 -24.66 -25.09 -1.77
N GLU B 366 -25.80 -25.44 -2.36
CA GLU B 366 -26.94 -24.51 -2.52
C GLU B 366 -27.45 -23.93 -1.20
N GLU B 367 -27.75 -24.80 -0.25
CA GLU B 367 -28.09 -24.37 1.11
C GLU B 367 -27.09 -23.36 1.68
N MET B 368 -25.81 -23.65 1.50
CA MET B 368 -24.71 -22.85 2.04
C MET B 368 -24.52 -21.42 1.54
N TYR B 369 -24.46 -21.22 0.24
CA TYR B 369 -24.37 -19.87 -0.30
C TYR B 369 -25.70 -19.13 -0.21
N THR B 370 -26.79 -19.89 -0.08
CA THR B 370 -28.12 -19.33 0.24
C THR B 370 -28.15 -18.84 1.69
N TYR B 371 -27.46 -19.55 2.56
CA TYR B 371 -27.36 -19.14 3.95
C TYR B 371 -26.55 -17.85 4.04
N GLN B 372 -25.46 -17.78 3.28
CA GLN B 372 -24.63 -16.59 3.26
C GLN B 372 -25.41 -15.43 2.65
N GLY B 373 -26.12 -15.69 1.55
CA GLY B 373 -27.02 -14.72 0.95
C GLY B 373 -28.03 -14.16 1.96
N ASP B 374 -28.58 -15.03 2.80
CA ASP B 374 -29.49 -14.62 3.86
C ASP B 374 -28.84 -13.71 4.90
N TYR B 375 -27.59 -14.00 5.23
CA TYR B 375 -26.81 -13.22 6.19
C TYR B 375 -26.58 -11.80 5.69
N ILE B 376 -26.27 -11.69 4.40
CA ILE B 376 -26.03 -10.41 3.74
C ILE B 376 -27.33 -9.61 3.61
N GLN B 377 -28.43 -10.30 3.34
CA GLN B 377 -29.76 -9.67 3.22
C GLN B 377 -30.10 -8.99 4.55
N ASN B 378 -29.83 -9.69 5.65
CA ASN B 378 -29.98 -9.15 7.01
C ASN B 378 -29.17 -7.88 7.19
N LEU B 379 -27.90 -7.94 6.79
CA LEU B 379 -26.99 -6.81 6.94
C LEU B 379 -27.43 -5.57 6.17
N ILE B 380 -27.70 -5.73 4.87
CA ILE B 380 -28.04 -4.59 4.00
C ILE B 380 -29.36 -3.89 4.38
N ASP B 381 -30.33 -4.67 4.86
CA ASP B 381 -31.63 -4.13 5.32
C ASP B 381 -31.44 -3.07 6.40
N MET B 382 -30.44 -3.26 7.26
CA MET B 382 -30.11 -2.32 8.33
C MET B 382 -29.35 -1.07 7.88
N THR B 383 -29.23 -0.85 6.57
CA THR B 383 -28.24 0.10 6.05
C THR B 383 -28.62 0.86 4.77
N ASP B 384 -27.90 1.96 4.51
CA ASP B 384 -27.96 2.72 3.26
C ASP B 384 -27.58 1.89 2.05
N TYR B 385 -26.71 0.89 2.25
CA TYR B 385 -26.18 0.10 1.13
C TYR B 385 -27.29 -0.31 0.19
N PRO B 386 -27.12 -0.04 -1.12
CA PRO B 386 -28.21 -0.33 -2.04
C PRO B 386 -28.52 -1.82 -2.01
N SER B 387 -29.75 -2.16 -1.62
CA SER B 387 -30.18 -3.54 -1.67
C SER B 387 -30.08 -4.00 -3.12
N PHE B 388 -29.70 -5.25 -3.30
CA PHE B 388 -29.51 -5.79 -4.64
C PHE B 388 -30.19 -7.13 -4.70
N ASP B 389 -30.24 -7.71 -5.89
CA ASP B 389 -30.96 -8.96 -6.07
C ASP B 389 -30.17 -10.16 -5.54
N ILE B 390 -30.38 -10.47 -4.25
CA ILE B 390 -29.71 -11.60 -3.61
C ILE B 390 -30.25 -12.96 -4.10
N PRO B 391 -31.59 -13.16 -4.10
CA PRO B 391 -32.10 -14.41 -4.68
C PRO B 391 -31.62 -14.66 -6.12
N ALA B 392 -31.59 -13.63 -6.96
CA ALA B 392 -31.13 -13.78 -8.35
C ALA B 392 -29.65 -14.11 -8.44
N THR B 393 -28.88 -13.68 -7.44
CA THR B 393 -27.47 -14.03 -7.34
C THR B 393 -27.32 -15.53 -7.07
N ASN B 394 -28.16 -16.03 -6.16
CA ASN B 394 -28.20 -17.44 -5.81
C ASN B 394 -28.45 -18.36 -7.00
N LYS B 395 -29.22 -17.86 -7.97
CA LYS B 395 -29.46 -18.60 -9.21
C LYS B 395 -28.25 -18.53 -10.17
N THR B 396 -27.50 -17.44 -10.10
CA THR B 396 -26.23 -17.32 -10.84
C THR B 396 -25.18 -18.31 -10.30
N PHE B 397 -25.17 -18.49 -8.98
CA PHE B 397 -24.25 -19.44 -8.34
C PHE B 397 -24.61 -20.87 -8.73
N LEU B 398 -25.91 -21.15 -8.78
CA LEU B 398 -26.43 -22.44 -9.19
C LEU B 398 -25.97 -22.80 -10.60
N GLU B 399 -26.14 -21.86 -11.52
CA GLU B 399 -25.73 -22.01 -12.91
C GLU B 399 -24.22 -22.27 -13.04
N TRP B 400 -23.46 -21.69 -12.10
CA TRP B 400 -22.00 -21.81 -12.04
C TRP B 400 -21.55 -23.19 -11.53
N LYS B 401 -22.12 -23.61 -10.39
CA LYS B 401 -22.03 -24.99 -9.89
C LYS B 401 -22.32 -26.01 -10.97
N HIS B 402 -23.40 -25.78 -11.72
CA HIS B 402 -23.78 -26.63 -12.83
C HIS B 402 -22.75 -26.63 -13.95
N HIS B 403 -22.20 -25.45 -14.26
CA HIS B 403 -21.23 -25.33 -15.34
C HIS B 403 -19.95 -26.07 -15.04
N LYS B 404 -19.59 -26.12 -13.75
CA LYS B 404 -18.41 -26.81 -13.27
C LYS B 404 -18.61 -28.34 -13.38
N LYS B 405 -19.79 -28.81 -12.95
CA LYS B 405 -20.13 -30.23 -12.99
C LYS B 405 -20.11 -30.78 -14.41
N GLU B 406 -20.61 -29.97 -15.35
CA GLU B 406 -20.66 -30.34 -16.77
C GLU B 406 -19.24 -30.56 -17.29
N ASN B 407 -18.41 -29.53 -17.18
CA ASN B 407 -17.01 -29.60 -17.56
C ASN B 407 -16.19 -28.61 -16.73
N ILE B 408 -15.36 -29.14 -15.84
CA ILE B 408 -14.53 -28.36 -14.91
C ILE B 408 -13.51 -27.45 -15.60
N MET B 409 -13.15 -27.80 -16.83
CA MET B 409 -12.11 -27.10 -17.58
C MET B 409 -12.66 -25.98 -18.46
N THR B 410 -13.99 -25.87 -18.52
CA THR B 410 -14.64 -24.88 -19.38
C THR B 410 -15.72 -24.03 -18.69
N PHE B 411 -15.85 -24.14 -17.37
CA PHE B 411 -16.88 -23.34 -16.70
C PHE B 411 -16.64 -21.83 -16.85
N ARG B 412 -15.37 -21.46 -17.02
CA ARG B 412 -14.98 -20.05 -17.17
C ARG B 412 -15.32 -19.48 -18.55
N ASP B 413 -15.59 -20.38 -19.50
CA ASP B 413 -16.03 -19.97 -20.83
C ASP B 413 -17.47 -19.45 -20.87
N HIS B 414 -18.26 -19.74 -19.85
CA HIS B 414 -19.66 -19.28 -19.78
C HIS B 414 -19.84 -17.81 -19.36
N SER B 415 -21.06 -17.29 -19.55
CA SER B 415 -21.39 -15.87 -19.34
C SER B 415 -22.69 -15.68 -18.56
N TYR B 416 -22.75 -14.62 -17.76
CA TYR B 416 -23.90 -14.37 -16.87
C TYR B 416 -24.43 -12.94 -16.88
N ARG B 417 -25.73 -12.81 -16.61
CA ARG B 417 -26.41 -11.53 -16.53
C ARG B 417 -26.02 -10.77 -15.25
N SER B 418 -25.74 -9.47 -15.36
CA SER B 418 -25.46 -8.65 -14.19
C SER B 418 -26.72 -8.41 -13.36
N LEU B 419 -26.60 -8.58 -12.05
CA LEU B 419 -27.74 -8.44 -11.15
C LEU B 419 -27.91 -7.00 -10.67
N MET B 420 -26.95 -6.16 -11.05
CA MET B 420 -27.06 -4.72 -10.83
C MET B 420 -27.63 -4.01 -12.05
N THR B 421 -27.03 -4.24 -13.22
CA THR B 421 -27.44 -3.54 -14.46
C THR B 421 -28.33 -4.37 -15.40
N GLY B 422 -28.19 -5.70 -15.32
CA GLY B 422 -28.84 -6.57 -16.30
C GLY B 422 -28.04 -6.69 -17.58
N THR B 423 -26.79 -6.25 -17.55
CA THR B 423 -25.89 -6.34 -18.70
C THR B 423 -25.46 -7.79 -18.95
N MET B 424 -25.81 -8.29 -20.13
CA MET B 424 -25.48 -9.67 -20.50
C MET B 424 -24.02 -9.74 -20.94
N ALA B 425 -23.21 -10.44 -20.15
CA ALA B 425 -21.79 -10.58 -20.40
C ALA B 425 -21.50 -11.38 -21.67
N PRO B 426 -20.70 -10.82 -22.59
CA PRO B 426 -20.36 -11.48 -23.85
C PRO B 426 -19.39 -12.63 -23.66
N LYS B 427 -19.36 -13.53 -24.65
CA LYS B 427 -18.41 -14.64 -24.68
C LYS B 427 -17.02 -14.07 -24.99
N HIS B 428 -16.04 -14.51 -24.22
CA HIS B 428 -14.66 -14.01 -24.35
C HIS B 428 -14.05 -14.37 -25.70
N HIS B 429 -13.09 -13.56 -26.16
CA HIS B 429 -12.45 -13.79 -27.46
C HIS B 429 -11.59 -15.05 -27.53
N THR B 430 -11.25 -15.62 -26.37
CA THR B 430 -10.43 -16.83 -26.30
C THR B 430 -10.95 -17.77 -25.21
N PRO B 431 -11.14 -19.06 -25.56
CA PRO B 431 -11.46 -20.07 -24.56
C PRO B 431 -10.38 -20.13 -23.50
N TRP B 432 -10.80 -20.26 -22.23
CA TRP B 432 -9.89 -20.26 -21.10
C TRP B 432 -8.63 -21.07 -21.36
N ILE B 433 -8.83 -22.32 -21.76
CA ILE B 433 -7.77 -23.29 -21.99
C ILE B 433 -6.67 -22.79 -22.95
N ASP B 434 -7.04 -22.00 -23.95
CA ASP B 434 -6.07 -21.48 -24.93
C ASP B 434 -5.59 -20.03 -24.64
N ALA B 435 -6.24 -19.36 -23.69
CA ALA B 435 -5.84 -18.00 -23.30
C ALA B 435 -4.65 -18.00 -22.34
N LEU B 436 -3.46 -18.18 -22.91
CA LEU B 436 -2.18 -18.20 -22.20
C LEU B 436 -1.80 -16.86 -21.54
N ASP B 437 -2.18 -15.76 -22.20
CA ASP B 437 -1.95 -14.41 -21.72
C ASP B 437 -3.01 -14.08 -20.67
N ASP B 438 -2.56 -13.62 -19.50
CA ASP B 438 -3.43 -13.29 -18.38
C ASP B 438 -3.48 -11.78 -18.13
N SER B 439 -2.88 -11.01 -19.03
CA SER B 439 -2.80 -9.56 -18.85
C SER B 439 -4.16 -8.89 -19.03
N LEU B 440 -4.29 -7.71 -18.44
CA LEU B 440 -5.47 -6.87 -18.57
C LEU B 440 -5.57 -6.40 -20.01
N GLU B 441 -4.43 -5.98 -20.57
CA GLU B 441 -4.38 -5.47 -21.94
C GLU B 441 -4.92 -6.50 -22.93
N ALA B 442 -4.49 -7.76 -22.78
CA ALA B 442 -4.96 -8.85 -23.64
C ALA B 442 -6.44 -9.12 -23.45
N TYR B 443 -6.86 -9.19 -22.18
CA TYR B 443 -8.24 -9.49 -21.85
C TYR B 443 -9.24 -8.50 -22.44
N LEU B 444 -8.94 -7.19 -22.35
CA LEU B 444 -9.85 -6.15 -22.86
C LEU B 444 -9.72 -5.84 -24.36
N SER B 445 -8.64 -6.31 -24.99
CA SER B 445 -8.46 -6.18 -26.44
C SER B 445 -9.33 -7.19 -27.20
N ASP B 446 -9.11 -7.33 -28.51
CA ASP B 446 -9.84 -8.32 -29.35
C ASP B 446 -8.91 -9.33 -30.03
N ALA C 2 -13.41 49.75 16.21
CA ALA C 2 -13.13 49.68 14.74
C ALA C 2 -12.95 48.22 14.31
N THR C 3 -13.83 47.75 13.43
CA THR C 3 -13.69 46.41 12.87
C THR C 3 -12.85 46.46 11.59
N ARG C 4 -11.96 45.48 11.42
CA ARG C 4 -11.12 45.39 10.23
C ARG C 4 -11.36 44.06 9.52
N ILE C 5 -11.57 44.15 8.20
CA ILE C 5 -11.82 43.00 7.34
C ILE C 5 -10.70 42.88 6.31
N ALA C 6 -10.22 41.65 6.10
CA ALA C 6 -9.30 41.37 5.00
C ALA C 6 -10.01 40.62 3.88
N ILE C 7 -9.93 41.17 2.66
CA ILE C 7 -10.45 40.47 1.51
C ILE C 7 -9.28 39.91 0.72
N LEU C 8 -9.31 38.63 0.43
CA LEU C 8 -8.22 37.99 -0.25
C LEU C 8 -8.53 37.88 -1.74
N GLY C 9 -7.92 38.78 -2.51
CA GLY C 9 -8.12 38.78 -3.96
C GLY C 9 -9.07 39.85 -4.46
N ALA C 10 -8.72 40.42 -5.62
CA ALA C 10 -9.49 41.50 -6.23
C ALA C 10 -9.96 41.10 -7.63
N GLY C 11 -10.47 39.87 -7.75
CA GLY C 11 -11.18 39.42 -8.92
C GLY C 11 -12.65 39.79 -8.77
N PRO C 12 -13.52 39.29 -9.67
CA PRO C 12 -14.96 39.52 -9.50
C PRO C 12 -15.42 39.42 -8.04
N SER C 13 -15.14 38.30 -7.39
CA SER C 13 -15.56 38.09 -5.99
C SER C 13 -15.08 39.17 -5.00
N GLY C 14 -13.79 39.50 -5.02
CA GLY C 14 -13.25 40.52 -4.12
C GLY C 14 -13.74 41.92 -4.47
N MET C 15 -13.87 42.17 -5.77
CA MET C 15 -14.53 43.37 -6.27
C MET C 15 -15.96 43.46 -5.73
N ALA C 16 -16.70 42.36 -5.84
CA ALA C 16 -18.09 42.29 -5.35
C ALA C 16 -18.11 42.56 -3.85
N GLN C 17 -17.16 41.99 -3.12
CA GLN C 17 -17.07 42.22 -1.69
C GLN C 17 -16.90 43.70 -1.31
N LEU C 18 -15.89 44.37 -1.89
CA LEU C 18 -15.65 45.79 -1.65
C LEU C 18 -16.88 46.61 -2.02
N ARG C 19 -17.43 46.35 -3.20
CA ARG C 19 -18.68 46.97 -3.63
C ARG C 19 -19.80 46.81 -2.59
N ALA C 20 -19.98 45.59 -2.08
CA ALA C 20 -21.04 45.33 -1.11
C ALA C 20 -20.99 46.33 0.03
N PHE C 21 -19.81 46.45 0.67
CA PHE C 21 -19.62 47.35 1.81
C PHE C 21 -19.82 48.79 1.42
N GLN C 22 -19.28 49.17 0.27
CA GLN C 22 -19.39 50.54 -0.20
C GLN C 22 -20.86 50.90 -0.42
N SER C 23 -21.66 49.94 -0.89
CA SER C 23 -23.09 50.19 -1.10
C SER C 23 -23.82 50.43 0.21
N ALA C 24 -23.44 49.72 1.26
CA ALA C 24 -24.01 50.01 2.57
C ALA C 24 -23.56 51.40 3.04
N GLN C 25 -22.31 51.73 2.74
CA GLN C 25 -21.72 53.01 3.14
C GLN C 25 -22.41 54.17 2.42
N GLU C 26 -22.59 54.04 1.10
CA GLU C 26 -23.28 55.01 0.29
C GLU C 26 -24.68 55.29 0.86
N LYS C 27 -25.31 54.26 1.41
CA LYS C 27 -26.64 54.41 1.99
C LYS C 27 -26.61 54.95 3.43
N GLY C 28 -25.44 55.35 3.91
CA GLY C 28 -25.33 56.04 5.19
C GLY C 28 -24.88 55.19 6.36
N ALA C 29 -24.66 53.90 6.11
CA ALA C 29 -24.24 52.95 7.14
C ALA C 29 -22.76 53.06 7.42
N GLU C 30 -22.39 52.86 8.68
CA GLU C 30 -21.01 52.85 9.11
C GLU C 30 -20.39 51.48 8.83
N ILE C 31 -19.41 51.43 7.94
CA ILE C 31 -18.78 50.16 7.57
C ILE C 31 -17.44 49.96 8.27
N PRO C 32 -16.95 48.71 8.33
CA PRO C 32 -15.63 48.46 8.91
C PRO C 32 -14.48 48.88 8.00
N GLU C 33 -13.28 49.00 8.57
CA GLU C 33 -12.06 49.15 7.78
C GLU C 33 -11.95 47.97 6.80
N LEU C 34 -11.59 48.28 5.56
CA LEU C 34 -11.42 47.26 4.54
C LEU C 34 -9.97 47.24 4.00
N VAL C 35 -9.37 46.05 3.95
CA VAL C 35 -8.08 45.87 3.29
C VAL C 35 -8.14 44.67 2.34
N CYS C 36 -7.88 44.94 1.06
CA CYS C 36 -7.95 43.90 0.06
C CYS C 36 -6.55 43.64 -0.48
N PHE C 37 -6.09 42.40 -0.36
CA PHE C 37 -4.77 42.04 -0.87
C PHE C 37 -4.92 41.36 -2.22
N GLU C 38 -4.12 41.80 -3.20
CA GLU C 38 -4.17 41.25 -4.57
C GLU C 38 -2.79 41.04 -5.17
N LYS C 39 -2.44 39.80 -5.50
CA LYS C 39 -1.06 39.50 -5.91
C LYS C 39 -0.68 40.05 -7.29
N GLN C 40 -1.68 40.24 -8.14
CA GLN C 40 -1.45 40.86 -9.42
C GLN C 40 -1.35 42.40 -9.27
N ALA C 41 -0.93 43.06 -10.35
CA ALA C 41 -0.73 44.52 -10.36
C ALA C 41 -2.01 45.30 -10.69
N ASP C 42 -3.05 44.59 -11.14
CA ASP C 42 -4.34 45.19 -11.44
C ASP C 42 -5.46 44.25 -11.03
N TRP C 43 -6.71 44.72 -11.03
CA TRP C 43 -7.83 43.90 -10.61
C TRP C 43 -8.57 43.25 -11.77
N GLY C 44 -9.49 42.31 -11.46
CA GLY C 44 -10.27 41.62 -12.47
C GLY C 44 -10.18 40.12 -12.37
N GLY C 45 -9.15 39.65 -11.66
CA GLY C 45 -8.96 38.22 -11.38
C GLY C 45 -8.58 37.46 -12.62
N GLN C 46 -9.37 36.43 -12.94
CA GLN C 46 -9.21 35.68 -14.19
C GLN C 46 -9.20 36.58 -15.42
N TRP C 47 -9.99 37.65 -15.36
CA TRP C 47 -10.32 38.48 -16.51
C TRP C 47 -9.22 39.46 -16.88
N ASN C 48 -8.25 39.64 -15.98
CA ASN C 48 -7.03 40.37 -16.29
C ASN C 48 -6.10 39.45 -17.08
N TYR C 49 -5.85 39.78 -18.34
CA TYR C 49 -5.00 38.93 -19.18
C TYR C 49 -3.51 39.18 -18.97
N THR C 50 -2.75 38.09 -18.99
CA THR C 50 -1.29 38.16 -18.97
C THR C 50 -0.68 37.17 -19.95
N TRP C 51 0.40 37.59 -20.61
CA TRP C 51 1.14 36.72 -21.50
C TRP C 51 1.92 35.70 -20.68
N ARG C 52 2.08 35.99 -19.39
CA ARG C 52 2.90 35.17 -18.51
C ARG C 52 2.31 33.78 -18.28
N THR C 53 3.19 32.86 -17.91
CA THR C 53 2.89 31.46 -17.81
C THR C 53 3.70 30.83 -16.67
N GLY C 54 3.11 30.02 -15.84
CA GLY C 54 3.83 29.46 -14.72
C GLY C 54 3.92 30.33 -13.51
N LEU C 55 5.04 30.98 -13.31
CA LEU C 55 5.23 31.84 -12.21
C LEU C 55 5.32 33.24 -12.75
N ASP C 56 4.83 34.22 -12.01
CA ASP C 56 4.80 35.58 -12.48
C ASP C 56 6.09 36.33 -12.23
N GLU C 57 6.19 37.63 -12.50
CA GLU C 57 7.47 38.34 -12.34
C GLU C 57 8.04 38.33 -10.92
N ASN C 58 7.18 38.10 -9.93
CA ASN C 58 7.61 38.01 -8.54
C ASN C 58 7.89 36.58 -8.11
N GLY C 59 7.62 35.64 -9.02
CA GLY C 59 7.72 34.23 -8.73
C GLY C 59 6.46 33.61 -8.16
N GLU C 60 5.37 34.37 -8.12
CA GLU C 60 4.08 33.84 -7.66
C GLU C 60 3.42 33.07 -8.79
N PRO C 61 2.80 31.90 -8.50
CA PRO C 61 2.11 31.18 -9.59
C PRO C 61 1.26 32.15 -10.42
N VAL C 62 1.37 32.05 -11.74
CA VAL C 62 0.53 32.83 -12.63
C VAL C 62 -0.92 32.47 -12.39
N HIS C 63 -1.76 33.47 -12.14
CA HIS C 63 -3.14 33.20 -11.74
C HIS C 63 -4.09 32.95 -12.90
N SER C 64 -4.25 33.94 -13.77
CA SER C 64 -5.21 33.85 -14.86
C SER C 64 -4.94 32.66 -15.77
N SER C 65 -6.02 31.91 -16.07
CA SER C 65 -6.00 30.81 -17.04
C SER C 65 -6.49 31.28 -18.41
N MET C 66 -6.84 32.55 -18.51
CA MET C 66 -7.40 33.10 -19.74
C MET C 66 -6.37 33.29 -20.85
N TYR C 67 -6.88 33.33 -22.07
CA TYR C 67 -6.04 33.36 -23.24
C TYR C 67 -6.51 34.38 -24.26
N ARG C 68 -5.69 34.63 -25.26
CA ARG C 68 -6.08 35.50 -26.37
C ARG C 68 -7.32 34.94 -27.04
N TYR C 69 -8.18 35.83 -27.52
CA TYR C 69 -9.36 35.48 -28.35
C TYR C 69 -10.53 34.91 -27.54
N LEU C 70 -10.39 34.91 -26.21
CA LEU C 70 -11.45 34.43 -25.34
C LEU C 70 -12.65 35.36 -25.34
N TRP C 71 -13.83 34.76 -25.50
CA TRP C 71 -15.08 35.47 -25.35
C TRP C 71 -15.84 34.86 -24.18
N SER C 72 -16.92 35.48 -23.85
CA SER C 72 -17.74 35.09 -22.77
C SER C 72 -18.23 33.78 -23.23
N ASN C 73 -18.73 32.97 -22.32
CA ASN C 73 -19.16 31.69 -22.76
C ASN C 73 -20.59 31.40 -22.49
N GLY C 74 -21.24 32.28 -21.78
CA GLY C 74 -22.63 32.21 -21.41
C GLY C 74 -23.17 33.58 -21.68
N PRO C 75 -24.46 33.72 -21.81
CA PRO C 75 -25.02 35.04 -22.11
C PRO C 75 -24.73 36.06 -20.99
N LYS C 76 -24.27 37.25 -21.38
CA LYS C 76 -23.89 38.26 -20.40
C LYS C 76 -25.06 38.58 -19.47
N GLU C 77 -26.28 38.31 -19.94
CA GLU C 77 -27.50 38.61 -19.19
C GLU C 77 -27.68 37.67 -17.98
N CYS C 78 -27.05 36.54 -18.03
CA CYS C 78 -27.06 35.68 -16.90
C CYS C 78 -26.12 36.20 -15.77
N LEU C 79 -25.14 36.99 -16.14
CA LEU C 79 -24.22 37.53 -15.19
C LEU C 79 -24.29 39.02 -14.94
N GLU C 80 -25.30 39.70 -15.42
CA GLU C 80 -25.36 41.12 -15.29
C GLU C 80 -25.49 41.54 -13.87
N PHE C 81 -24.87 42.65 -13.48
CA PHE C 81 -25.04 43.19 -12.13
C PHE C 81 -26.46 43.76 -11.94
N ALA C 82 -27.02 43.54 -10.74
CA ALA C 82 -28.34 44.06 -10.40
C ALA C 82 -28.31 45.52 -9.95
N ASP C 83 -27.11 46.07 -9.75
CA ASP C 83 -26.95 47.48 -9.37
C ASP C 83 -26.09 48.25 -10.38
N TYR C 84 -25.58 47.54 -11.38
CA TYR C 84 -24.74 48.13 -12.42
C TYR C 84 -24.98 47.41 -13.74
N THR C 85 -26.00 47.89 -14.45
CA THR C 85 -26.49 47.28 -15.68
C THR C 85 -25.54 47.57 -16.82
N PHE C 86 -25.53 46.69 -17.82
CA PHE C 86 -24.72 46.87 -19.03
C PHE C 86 -25.12 48.14 -19.79
N ASP C 87 -26.42 48.47 -19.71
CA ASP C 87 -26.98 49.70 -20.26
C ASP C 87 -26.29 50.92 -19.66
N GLU C 88 -26.06 50.88 -18.35
CA GLU C 88 -25.42 51.99 -17.65
C GLU C 88 -23.94 52.14 -18.03
N HIS C 89 -23.22 51.02 -18.10
CA HIS C 89 -21.78 51.04 -18.35
C HIS C 89 -21.41 51.47 -19.77
N PHE C 90 -22.04 50.84 -20.76
CA PHE C 90 -21.73 51.11 -22.18
C PHE C 90 -22.59 52.23 -22.79
N GLY C 91 -23.64 52.63 -22.08
CA GLY C 91 -24.57 53.66 -22.58
C GLY C 91 -25.38 53.24 -23.82
N LYS C 92 -25.24 51.97 -24.20
CA LYS C 92 -25.84 51.43 -25.43
C LYS C 92 -26.04 49.91 -25.28
N PRO C 93 -26.89 49.31 -26.13
CA PRO C 93 -26.98 47.84 -26.10
C PRO C 93 -25.87 47.18 -26.91
N ILE C 94 -25.21 46.17 -26.34
CA ILE C 94 -24.18 45.41 -27.07
C ILE C 94 -24.53 43.93 -27.16
N ALA C 95 -23.94 43.22 -28.12
CA ALA C 95 -24.15 41.78 -28.28
C ALA C 95 -23.86 40.96 -27.00
N SER C 96 -24.44 39.76 -26.93
CA SER C 96 -24.52 38.97 -25.68
C SER C 96 -23.28 38.14 -25.27
N TYR C 97 -22.35 37.93 -26.21
CA TYR C 97 -21.14 37.18 -25.89
C TYR C 97 -19.90 38.04 -26.15
N PRO C 98 -19.57 38.94 -25.20
CA PRO C 98 -18.46 39.87 -25.41
C PRO C 98 -17.12 39.23 -25.06
N PRO C 99 -16.05 39.63 -25.77
CA PRO C 99 -14.69 39.19 -25.51
C PRO C 99 -14.23 39.53 -24.09
N ARG C 100 -13.14 38.90 -23.67
CA ARG C 100 -12.59 39.07 -22.33
C ARG C 100 -12.40 40.55 -21.97
N GLU C 101 -11.71 41.28 -22.85
CA GLU C 101 -11.35 42.67 -22.60
C GLU C 101 -12.58 43.55 -22.37
N VAL C 102 -13.69 43.17 -23.00
CA VAL C 102 -14.94 43.91 -22.89
C VAL C 102 -15.58 43.67 -21.51
N LEU C 103 -15.60 42.43 -21.05
CA LEU C 103 -16.16 42.12 -19.74
C LEU C 103 -15.26 42.59 -18.61
N TRP C 104 -13.95 42.61 -18.87
CA TRP C 104 -12.98 43.19 -17.94
C TRP C 104 -13.30 44.66 -17.69
N ASP C 105 -13.55 45.39 -18.78
CA ASP C 105 -13.97 46.79 -18.68
C ASP C 105 -15.23 46.96 -17.84
N TYR C 106 -16.17 46.03 -18.01
CA TYR C 106 -17.49 46.06 -17.36
C TYR C 106 -17.40 45.87 -15.84
N ILE C 107 -16.60 44.91 -15.39
CA ILE C 107 -16.45 44.66 -13.96
C ILE C 107 -15.61 45.75 -13.29
N LYS C 108 -14.64 46.29 -14.04
CA LYS C 108 -13.83 47.42 -13.58
C LYS C 108 -14.67 48.67 -13.39
N GLY C 109 -15.61 48.88 -14.30
CA GLY C 109 -16.43 50.09 -14.34
C GLY C 109 -17.24 50.29 -13.09
N ARG C 110 -17.77 49.20 -12.54
CA ARG C 110 -18.59 49.25 -11.34
C ARG C 110 -17.77 49.68 -10.12
N VAL C 111 -16.64 49.01 -9.90
CA VAL C 111 -15.77 49.30 -8.77
C VAL C 111 -15.04 50.64 -8.93
N GLU C 112 -14.79 51.02 -10.18
CA GLU C 112 -14.33 52.38 -10.46
C GLU C 112 -15.35 53.40 -9.95
N LYS C 113 -16.61 53.24 -10.37
CA LYS C 113 -17.72 54.09 -9.91
CA LYS C 113 -17.68 54.12 -9.92
C LYS C 113 -17.79 54.09 -8.39
N ALA C 114 -17.68 52.90 -7.81
CA ALA C 114 -17.76 52.69 -6.37
C ALA C 114 -16.66 53.41 -5.58
N GLY C 115 -15.50 53.57 -6.21
CA GLY C 115 -14.35 54.24 -5.60
C GLY C 115 -13.57 53.35 -4.64
N VAL C 116 -13.56 52.04 -4.90
CA VAL C 116 -13.00 51.07 -3.94
C VAL C 116 -11.55 50.68 -4.21
N ARG C 117 -10.94 51.25 -5.24
CA ARG C 117 -9.55 50.90 -5.54
C ARG C 117 -8.66 51.22 -4.33
N LYS C 118 -9.03 52.28 -3.63
CA LYS C 118 -8.23 52.79 -2.52
C LYS C 118 -7.98 51.78 -1.41
N TYR C 119 -8.81 50.74 -1.34
CA TYR C 119 -8.74 49.72 -0.30
C TYR C 119 -7.82 48.55 -0.66
N ILE C 120 -7.39 48.49 -1.92
CA ILE C 120 -6.61 47.35 -2.37
C ILE C 120 -5.10 47.54 -2.26
N ARG C 121 -4.42 46.50 -1.79
CA ARG C 121 -2.96 46.47 -1.87
C ARG C 121 -2.55 45.51 -2.97
N PHE C 122 -2.10 46.09 -4.08
CA PHE C 122 -1.67 45.32 -5.25
C PHE C 122 -0.26 44.77 -5.13
N ASN C 123 0.10 43.88 -6.04
CA ASN C 123 1.43 43.27 -6.07
C ASN C 123 1.73 42.62 -4.73
N THR C 124 0.70 42.12 -4.05
CA THR C 124 0.86 41.56 -2.71
C THR C 124 0.27 40.15 -2.59
N ALA C 125 1.14 39.19 -2.30
CA ALA C 125 0.69 37.82 -2.15
C ALA C 125 0.44 37.50 -0.68
N VAL C 126 -0.78 37.04 -0.41
CA VAL C 126 -1.17 36.49 0.89
C VAL C 126 -0.42 35.19 1.17
N ARG C 127 0.29 35.14 2.29
CA ARG C 127 1.19 34.05 2.65
C ARG C 127 0.58 33.06 3.62
N HIS C 128 -0.12 33.59 4.62
CA HIS C 128 -0.68 32.78 5.68
C HIS C 128 -1.84 33.49 6.36
N VAL C 129 -2.82 32.72 6.78
CA VAL C 129 -3.90 33.20 7.65
C VAL C 129 -4.01 32.27 8.86
N GLU C 130 -3.73 32.83 10.03
CA GLU C 130 -3.85 32.11 11.30
C GLU C 130 -4.91 32.80 12.14
N PHE C 131 -5.74 32.02 12.82
CA PHE C 131 -6.71 32.54 13.77
C PHE C 131 -6.19 32.34 15.18
N ASN C 132 -6.14 33.42 15.96
CA ASN C 132 -5.64 33.34 17.34
C ASN C 132 -6.77 33.26 18.36
N GLU C 133 -6.88 32.11 19.04
CA GLU C 133 -7.99 31.86 19.96
C GLU C 133 -8.06 32.88 21.09
N ASP C 134 -6.91 33.40 21.50
CA ASP C 134 -6.84 34.35 22.64
C ASP C 134 -7.46 35.72 22.34
N SER C 135 -7.09 36.32 21.21
CA SER C 135 -7.60 37.64 20.83
C SER C 135 -8.82 37.52 19.92
N GLN C 136 -9.15 36.28 19.54
CA GLN C 136 -10.26 36.01 18.62
C GLN C 136 -10.13 36.82 17.31
N THR C 137 -8.90 36.93 16.81
CA THR C 137 -8.62 37.65 15.56
C THR C 137 -7.69 36.87 14.65
N PHE C 138 -7.69 37.21 13.37
CA PHE C 138 -6.80 36.57 12.40
C PHE C 138 -5.55 37.39 12.18
N THR C 139 -4.43 36.69 12.08
CA THR C 139 -3.16 37.29 11.67
C THR C 139 -2.96 36.94 10.20
N VAL C 140 -3.08 37.94 9.34
CA VAL C 140 -2.87 37.77 7.90
C VAL C 140 -1.45 38.24 7.54
N THR C 141 -0.63 37.31 7.02
CA THR C 141 0.74 37.61 6.68
C THR C 141 0.85 37.68 5.17
N VAL C 142 1.48 38.73 4.66
CA VAL C 142 1.57 38.89 3.21
C VAL C 142 2.99 39.22 2.79
N GLN C 143 3.28 39.02 1.51
CA GLN C 143 4.51 39.52 0.95
C GLN C 143 4.20 40.64 -0.03
N ASP C 144 4.68 41.84 0.31
CA ASP C 144 4.56 42.99 -0.56
C ASP C 144 5.71 42.98 -1.53
N HIS C 145 5.40 42.76 -2.81
CA HIS C 145 6.46 42.58 -3.81
C HIS C 145 6.99 43.90 -4.35
N THR C 146 6.32 45.00 -4.01
CA THR C 146 6.83 46.32 -4.40
C THR C 146 7.98 46.75 -3.48
N THR C 147 7.90 46.37 -2.22
CA THR C 147 8.86 46.77 -1.20
C THR C 147 9.66 45.56 -0.72
N ASP C 148 9.40 44.41 -1.34
CA ASP C 148 10.04 43.15 -0.95
C ASP C 148 9.97 42.91 0.57
N THR C 149 8.80 43.08 1.15
CA THR C 149 8.66 43.01 2.59
C THR C 149 7.58 42.03 2.92
N ILE C 150 7.75 41.34 4.05
CA ILE C 150 6.73 40.46 4.55
C ILE C 150 6.26 41.06 5.85
N TYR C 151 4.95 41.21 5.98
CA TYR C 151 4.38 41.79 7.17
C TYR C 151 3.04 41.13 7.41
N SER C 152 2.47 41.38 8.59
CA SER C 152 1.16 40.86 8.93
C SER C 152 0.34 41.90 9.67
N GLU C 153 -0.97 41.77 9.54
CA GLU C 153 -1.91 42.63 10.26
C GLU C 153 -3.01 41.80 10.91
N GLU C 154 -3.67 42.39 11.90
CA GLU C 154 -4.74 41.74 12.63
C GLU C 154 -6.12 42.12 12.08
N PHE C 155 -6.95 41.10 11.83
CA PHE C 155 -8.26 41.31 11.23
C PHE C 155 -9.35 40.57 11.99
N ASP C 156 -10.56 41.12 11.98
CA ASP C 156 -11.68 40.56 12.73
C ASP C 156 -12.42 39.51 11.94
N TYR C 157 -12.42 39.68 10.62
CA TYR C 157 -13.10 38.79 9.69
C TYR C 157 -12.27 38.71 8.43
N VAL C 158 -12.38 37.59 7.72
CA VAL C 158 -11.60 37.37 6.52
C VAL C 158 -12.52 36.78 5.48
N VAL C 159 -12.53 37.39 4.30
CA VAL C 159 -13.33 36.88 3.19
C VAL C 159 -12.36 36.42 2.11
N CYS C 160 -12.41 35.13 1.78
CA CYS C 160 -11.49 34.54 0.82
C CYS C 160 -12.09 34.53 -0.57
N CYS C 161 -11.50 35.30 -1.47
CA CYS C 161 -11.98 35.44 -2.84
C CYS C 161 -10.89 35.09 -3.85
N THR C 162 -10.14 34.04 -3.55
CA THR C 162 -8.96 33.69 -4.34
C THR C 162 -9.23 32.84 -5.58
N GLY C 163 -10.47 32.43 -5.79
CA GLY C 163 -10.84 31.64 -6.96
C GLY C 163 -10.48 30.16 -6.84
N HIS C 164 -10.90 29.35 -7.82
CA HIS C 164 -10.56 27.94 -7.84
C HIS C 164 -10.41 27.35 -9.25
N PHE C 165 -10.20 28.21 -10.23
CA PHE C 165 -9.82 27.73 -11.55
C PHE C 165 -8.42 28.23 -11.93
N SER C 166 -7.48 28.16 -11.00
CA SER C 166 -6.13 28.67 -11.24
C SER C 166 -5.02 27.63 -11.10
N THR C 167 -5.19 26.73 -10.14
CA THR C 167 -4.23 25.67 -9.88
C THR C 167 -4.70 24.42 -10.61
N PRO C 168 -4.02 24.06 -11.71
CA PRO C 168 -4.50 23.00 -12.56
C PRO C 168 -4.46 21.60 -11.96
N TYR C 169 -5.40 20.76 -12.38
CA TYR C 169 -5.29 19.31 -12.16
C TYR C 169 -4.65 18.72 -13.42
N VAL C 170 -3.42 18.24 -13.27
CA VAL C 170 -2.60 17.81 -14.40
C VAL C 170 -2.21 16.35 -14.25
N PRO C 171 -3.08 15.42 -14.72
CA PRO C 171 -2.77 14.00 -14.61
C PRO C 171 -1.68 13.54 -15.59
N GLU C 172 -0.84 12.63 -15.13
CA GLU C 172 0.18 12.02 -15.98
C GLU C 172 -0.44 10.93 -16.86
N PHE C 173 0.15 10.72 -18.03
CA PHE C 173 -0.19 9.62 -18.93
C PHE C 173 1.11 8.96 -19.37
N GLU C 174 1.08 7.67 -19.67
CA GLU C 174 2.31 6.93 -19.99
C GLU C 174 3.07 7.51 -21.19
N GLY C 175 4.37 7.65 -21.03
CA GLY C 175 5.25 8.07 -22.12
C GLY C 175 5.47 9.56 -22.25
N PHE C 176 4.77 10.34 -21.41
CA PHE C 176 4.89 11.80 -21.41
C PHE C 176 6.34 12.27 -21.39
N GLU C 177 7.18 11.55 -20.66
CA GLU C 177 8.61 11.85 -20.58
C GLU C 177 9.34 11.70 -21.92
N LYS C 178 8.77 10.88 -22.82
CA LYS C 178 9.41 10.57 -24.10
C LYS C 178 8.87 11.43 -25.26
N PHE C 179 7.68 12.00 -25.06
CA PHE C 179 7.00 12.80 -26.10
C PHE C 179 7.81 14.02 -26.50
N GLY C 180 7.85 14.29 -27.81
CA GLY C 180 8.66 15.38 -28.37
C GLY C 180 7.88 16.67 -28.59
N GLY C 181 6.59 16.63 -28.32
CA GLY C 181 5.73 17.78 -28.54
C GLY C 181 5.58 18.60 -27.28
N ARG C 182 4.85 19.71 -27.39
CA ARG C 182 4.55 20.53 -26.23
C ARG C 182 3.43 19.87 -25.46
N ILE C 183 3.56 19.88 -24.14
CA ILE C 183 2.49 19.41 -23.25
C ILE C 183 2.21 20.51 -22.24
N LEU C 184 0.98 20.99 -22.27
CA LEU C 184 0.56 22.07 -21.41
C LEU C 184 -0.83 21.78 -20.90
N HIS C 185 -1.18 22.42 -19.80
CA HIS C 185 -2.53 22.37 -19.30
C HIS C 185 -3.23 23.59 -19.86
N ALA C 186 -4.55 23.51 -19.97
CA ALA C 186 -5.38 24.65 -20.38
C ALA C 186 -4.96 25.95 -19.69
N HIS C 187 -4.49 25.83 -18.45
CA HIS C 187 -4.02 26.97 -17.68
C HIS C 187 -2.90 27.77 -18.37
N ASP C 188 -2.04 27.08 -19.10
CA ASP C 188 -0.89 27.72 -19.78
C ASP C 188 -1.19 28.09 -21.23
N PHE C 189 -2.41 27.80 -21.68
CA PHE C 189 -2.84 28.10 -23.04
C PHE C 189 -3.08 29.60 -23.17
N ARG C 190 -2.47 30.20 -24.18
CA ARG C 190 -2.48 31.66 -24.32
C ARG C 190 -2.83 32.15 -25.71
N ASP C 191 -2.16 31.59 -26.71
CA ASP C 191 -2.28 32.07 -28.10
C ASP C 191 -2.54 30.90 -29.04
N ALA C 192 -3.78 30.79 -29.55
CA ALA C 192 -4.14 29.70 -30.46
C ALA C 192 -3.30 29.67 -31.74
N LEU C 193 -2.61 30.77 -32.03
CA LEU C 193 -1.84 30.95 -33.27
C LEU C 193 -0.57 30.11 -33.34
N GLU C 194 0.05 29.86 -32.20
CA GLU C 194 1.27 29.05 -32.16
C GLU C 194 0.99 27.58 -32.47
N PHE C 195 -0.28 27.25 -32.66
CA PHE C 195 -0.71 25.90 -33.02
C PHE C 195 -1.22 25.77 -34.46
N LYS C 196 -1.03 26.82 -35.25
CA LYS C 196 -1.41 26.83 -36.68
C LYS C 196 -0.76 25.65 -37.40
N ASP C 197 -1.54 24.99 -38.26
CA ASP C 197 -1.10 23.88 -39.13
C ASP C 197 -0.70 22.59 -38.40
N LYS C 198 -0.84 22.59 -37.08
CA LYS C 198 -0.40 21.48 -36.24
C LYS C 198 -1.57 20.56 -35.86
N THR C 199 -1.25 19.31 -35.53
CA THR C 199 -2.23 18.39 -34.96
C THR C 199 -2.20 18.53 -33.43
N VAL C 200 -3.39 18.70 -32.83
CA VAL C 200 -3.51 19.06 -31.40
C VAL C 200 -4.46 18.13 -30.64
N LEU C 201 -4.01 17.63 -29.48
CA LEU C 201 -4.81 16.72 -28.65
C LEU C 201 -5.43 17.41 -27.44
N LEU C 202 -6.74 17.27 -27.28
CA LEU C 202 -7.48 17.87 -26.18
C LEU C 202 -8.01 16.84 -25.19
N VAL C 203 -7.28 16.61 -24.10
CA VAL C 203 -7.71 15.66 -23.09
C VAL C 203 -8.69 16.34 -22.15
N GLY C 204 -9.93 15.86 -22.12
CA GLY C 204 -10.98 16.45 -21.28
C GLY C 204 -12.31 16.62 -22.01
N SER C 205 -13.40 16.78 -21.24
CA SER C 205 -14.76 16.71 -21.79
C SER C 205 -15.69 17.86 -21.42
N SER C 206 -15.14 18.96 -20.92
CA SER C 206 -15.96 20.07 -20.42
C SER C 206 -15.64 21.42 -21.11
N TYR C 207 -16.05 22.52 -20.49
CA TYR C 207 -16.05 23.85 -21.13
C TYR C 207 -14.74 24.25 -21.80
N SER C 208 -13.62 23.89 -21.18
CA SER C 208 -12.30 24.28 -21.68
C SER C 208 -11.95 23.52 -22.95
N ALA C 209 -12.26 22.23 -22.95
CA ALA C 209 -12.09 21.39 -24.12
C ALA C 209 -12.92 21.95 -25.28
N GLU C 210 -14.18 22.26 -24.99
CA GLU C 210 -15.10 22.85 -25.96
C GLU C 210 -14.52 24.11 -26.60
N ASP C 211 -13.86 24.92 -25.78
CA ASP C 211 -13.45 26.26 -26.20
C ASP C 211 -12.01 26.38 -26.72
N ILE C 212 -11.06 25.76 -26.02
CA ILE C 212 -9.66 25.79 -26.46
C ILE C 212 -9.51 25.14 -27.84
N GLY C 213 -10.26 24.05 -28.05
CA GLY C 213 -10.34 23.41 -29.36
C GLY C 213 -10.90 24.36 -30.40
N SER C 214 -12.01 25.02 -30.06
CA SER C 214 -12.66 25.99 -30.94
C SER C 214 -11.73 27.08 -31.46
N GLN C 215 -10.91 27.64 -30.58
CA GLN C 215 -9.98 28.69 -30.99
C GLN C 215 -8.93 28.14 -31.96
N CYS C 216 -8.39 26.96 -31.63
CA CYS C 216 -7.38 26.31 -32.45
C CYS C 216 -7.79 26.13 -33.92
N TYR C 217 -9.01 25.63 -34.14
CA TYR C 217 -9.55 25.49 -35.50
C TYR C 217 -9.70 26.86 -36.15
N LYS C 218 -10.42 27.75 -35.47
CA LYS C 218 -10.64 29.14 -35.87
C LYS C 218 -9.36 29.85 -36.30
N TYR C 219 -8.25 29.50 -35.66
CA TYR C 219 -6.98 30.21 -35.88
C TYR C 219 -5.89 29.42 -36.62
N GLY C 220 -6.27 28.31 -37.25
CA GLY C 220 -5.42 27.68 -38.28
C GLY C 220 -4.80 26.31 -38.06
N ALA C 221 -5.28 25.56 -37.07
CA ALA C 221 -4.77 24.21 -36.83
C ALA C 221 -5.36 23.21 -37.82
N LYS C 222 -4.58 22.19 -38.18
CA LYS C 222 -5.01 21.20 -39.16
C LYS C 222 -6.10 20.27 -38.63
N LYS C 223 -5.85 19.63 -37.49
CA LYS C 223 -6.76 18.63 -36.92
C LYS C 223 -6.91 18.71 -35.39
N LEU C 224 -8.12 18.41 -34.90
CA LEU C 224 -8.43 18.43 -33.46
C LEU C 224 -8.90 17.08 -32.94
N ILE C 225 -8.29 16.62 -31.85
CA ILE C 225 -8.67 15.36 -31.24
C ILE C 225 -9.00 15.56 -29.76
N SER C 226 -10.27 15.39 -29.40
CA SER C 226 -10.69 15.56 -28.00
C SER C 226 -11.14 14.25 -27.34
N CYS C 227 -10.27 13.69 -26.52
CA CYS C 227 -10.53 12.40 -25.85
C CYS C 227 -11.18 12.55 -24.48
N TYR C 228 -12.14 11.69 -24.18
CA TYR C 228 -12.91 11.76 -22.93
C TYR C 228 -12.76 10.48 -22.11
N ARG C 229 -12.84 10.62 -20.81
CA ARG C 229 -12.73 9.49 -19.94
C ARG C 229 -14.04 8.99 -19.42
N THR C 230 -15.07 9.78 -19.44
CA THR C 230 -16.34 9.28 -18.97
C THR C 230 -17.24 9.24 -20.17
N ALA C 231 -17.93 10.35 -20.43
CA ALA C 231 -18.84 10.47 -21.57
C ALA C 231 -18.42 11.57 -22.54
N PRO C 232 -18.79 11.45 -23.84
CA PRO C 232 -18.43 12.46 -24.83
C PRO C 232 -19.17 13.78 -24.62
N MET C 233 -18.63 14.83 -25.23
CA MET C 233 -19.31 16.12 -25.28
C MET C 233 -20.59 15.97 -26.12
N GLY C 234 -20.48 15.23 -27.22
CA GLY C 234 -21.64 14.92 -28.07
C GLY C 234 -22.13 16.04 -28.97
N TYR C 235 -21.23 16.96 -29.31
CA TYR C 235 -21.56 18.07 -30.21
C TYR C 235 -21.10 17.79 -31.65
N LYS C 236 -21.74 18.45 -32.60
CA LYS C 236 -21.36 18.33 -34.00
C LYS C 236 -20.11 19.16 -34.28
N TRP C 237 -19.01 18.47 -34.58
CA TRP C 237 -17.71 19.09 -34.80
C TRP C 237 -17.46 19.35 -36.30
N PRO C 238 -16.47 20.21 -36.61
CA PRO C 238 -15.96 20.33 -37.99
C PRO C 238 -15.27 19.05 -38.45
N GLU C 239 -15.19 18.85 -39.76
CA GLU C 239 -14.55 17.67 -40.37
C GLU C 239 -13.08 17.51 -39.93
N ASN C 240 -12.50 18.59 -39.42
CA ASN C 240 -11.14 18.61 -38.93
C ASN C 240 -11.03 18.02 -37.52
N TRP C 241 -12.13 18.03 -36.79
CA TRP C 241 -12.14 17.63 -35.38
C TRP C 241 -12.93 16.35 -35.14
N ASP C 242 -12.30 15.40 -34.46
CA ASP C 242 -12.95 14.15 -34.07
C ASP C 242 -12.76 13.83 -32.59
N GLU C 243 -13.83 13.36 -31.95
CA GLU C 243 -13.83 12.93 -30.57
C GLU C 243 -13.41 11.45 -30.47
N ARG C 244 -13.12 10.98 -29.26
CA ARG C 244 -12.66 9.63 -29.04
C ARG C 244 -12.85 9.16 -27.63
N PRO C 245 -12.61 7.86 -27.40
CA PRO C 245 -12.40 7.37 -26.03
C PRO C 245 -11.01 7.79 -25.52
N ASN C 246 -10.77 7.62 -24.24
CA ASN C 246 -9.64 8.30 -23.58
C ASN C 246 -8.23 7.90 -24.03
N LEU C 247 -7.30 8.84 -23.92
CA LEU C 247 -5.88 8.60 -24.16
C LEU C 247 -5.33 7.57 -23.19
N VAL C 248 -4.42 6.71 -23.67
CA VAL C 248 -3.81 5.66 -22.86
C VAL C 248 -2.30 5.85 -22.73
N ARG C 249 -1.64 6.17 -23.82
CA ARG C 249 -0.18 6.24 -23.87
C ARG C 249 0.25 7.18 -24.99
N VAL C 250 1.48 7.70 -24.88
CA VAL C 250 2.15 8.38 -26.00
C VAL C 250 3.59 7.89 -26.15
N ASP C 251 4.13 7.99 -27.36
CA ASP C 251 5.56 7.76 -27.57
C ASP C 251 6.20 9.04 -28.09
N THR C 252 7.32 8.93 -28.80
CA THR C 252 8.05 10.09 -29.30
C THR C 252 7.15 11.07 -30.08
N GLU C 253 6.26 10.53 -30.91
CA GLU C 253 5.49 11.35 -31.85
C GLU C 253 3.98 11.14 -31.78
N ASN C 254 3.57 9.91 -31.43
CA ASN C 254 2.18 9.50 -31.58
C ASN C 254 1.43 9.36 -30.27
N ALA C 255 0.13 9.60 -30.32
CA ALA C 255 -0.76 9.32 -29.20
C ALA C 255 -1.57 8.04 -29.48
N TYR C 256 -1.65 7.19 -28.47
CA TYR C 256 -2.44 5.95 -28.54
C TYR C 256 -3.69 6.08 -27.65
N PHE C 257 -4.79 5.51 -28.11
CA PHE C 257 -6.08 5.69 -27.44
C PHE C 257 -6.72 4.36 -27.08
N ALA C 258 -7.74 4.44 -26.21
CA ALA C 258 -8.45 3.29 -25.68
C ALA C 258 -9.11 2.39 -26.73
N ASP C 259 -9.22 2.87 -27.96
CA ASP C 259 -9.78 2.08 -29.06
C ASP C 259 -8.71 1.54 -30.02
N GLY C 260 -7.45 1.73 -29.68
CA GLY C 260 -6.35 1.20 -30.47
C GLY C 260 -5.99 2.07 -31.66
N SER C 261 -6.34 3.35 -31.58
CA SER C 261 -5.95 4.33 -32.61
C SER C 261 -4.54 4.84 -32.33
N SER C 262 -3.92 5.46 -33.33
CA SER C 262 -2.53 5.89 -33.26
C SER C 262 -2.20 6.94 -34.33
N GLU C 263 -2.32 8.22 -33.97
CA GLU C 263 -2.02 9.30 -34.91
C GLU C 263 -0.92 10.22 -34.37
N LYS C 264 -0.08 10.72 -35.28
CA LYS C 264 1.05 11.58 -34.93
C LYS C 264 0.60 12.99 -34.54
N VAL C 265 0.65 13.28 -33.24
CA VAL C 265 0.26 14.60 -32.73
C VAL C 265 1.49 15.47 -32.42
N ASP C 266 1.32 16.79 -32.55
CA ASP C 266 2.41 17.73 -32.30
C ASP C 266 2.29 18.45 -30.95
N ALA C 267 1.11 18.41 -30.34
CA ALA C 267 0.86 19.10 -29.08
C ALA C 267 -0.31 18.50 -28.30
N ILE C 268 -0.15 18.45 -26.99
CA ILE C 268 -1.19 17.94 -26.09
C ILE C 268 -1.62 19.01 -25.10
N ILE C 269 -2.92 19.34 -25.13
CA ILE C 269 -3.50 20.32 -24.22
C ILE C 269 -4.44 19.64 -23.23
N LEU C 270 -4.02 19.60 -21.97
CA LEU C 270 -4.77 18.94 -20.91
C LEU C 270 -5.87 19.85 -20.38
N CYS C 271 -7.11 19.52 -20.74
CA CYS C 271 -8.27 20.31 -20.32
C CYS C 271 -8.99 19.55 -19.24
N THR C 272 -8.25 19.28 -18.18
CA THR C 272 -8.65 18.31 -17.18
C THR C 272 -9.06 18.96 -15.87
N GLY C 273 -9.26 20.27 -15.92
CA GLY C 273 -9.83 21.02 -14.80
C GLY C 273 -8.83 21.55 -13.78
N TYR C 274 -9.34 21.91 -12.61
CA TYR C 274 -8.56 22.57 -11.57
C TYR C 274 -8.80 21.99 -10.17
N ILE C 275 -7.89 22.30 -9.23
CA ILE C 275 -8.06 21.92 -7.84
C ILE C 275 -8.30 23.14 -6.94
N HIS C 276 -9.00 22.92 -5.83
CA HIS C 276 -9.12 23.95 -4.79
C HIS C 276 -7.83 23.94 -3.97
N HIS C 277 -7.08 25.03 -4.07
CA HIS C 277 -5.75 25.09 -3.49
C HIS C 277 -5.53 26.37 -2.71
N PHE C 278 -5.30 26.20 -1.40
CA PHE C 278 -5.10 27.32 -0.48
C PHE C 278 -3.85 27.14 0.40
N PRO C 279 -2.64 27.41 -0.17
CA PRO C 279 -1.38 27.27 0.55
C PRO C 279 -1.21 28.27 1.69
N PHE C 280 -2.06 29.30 1.72
CA PHE C 280 -2.00 30.27 2.81
C PHE C 280 -2.85 29.90 4.02
N LEU C 281 -3.45 28.71 4.02
CA LEU C 281 -4.32 28.29 5.14
C LEU C 281 -3.97 26.92 5.66
N ASN C 282 -4.03 26.75 6.96
CA ASN C 282 -3.94 25.45 7.58
C ASN C 282 -5.30 24.73 7.56
N ASP C 283 -5.32 23.46 7.93
CA ASP C 283 -6.52 22.62 7.82
C ASP C 283 -7.73 23.11 8.60
N ASP C 284 -7.47 23.95 9.60
CA ASP C 284 -8.51 24.55 10.42
C ASP C 284 -9.38 25.52 9.63
N LEU C 285 -8.79 26.12 8.59
CA LEU C 285 -9.49 27.10 7.75
C LEU C 285 -9.64 26.68 6.29
N ARG C 286 -8.95 25.60 5.89
CA ARG C 286 -8.81 25.27 4.48
C ARG C 286 -9.97 24.44 3.95
N LEU C 287 -10.73 25.03 3.04
CA LEU C 287 -11.73 24.30 2.28
C LEU C 287 -11.01 23.30 1.40
N VAL C 288 -11.45 22.04 1.53
CA VAL C 288 -11.02 20.92 0.73
C VAL C 288 -12.28 20.38 0.04
N THR C 289 -12.27 20.36 -1.29
CA THR C 289 -13.43 19.90 -2.05
C THR C 289 -13.07 19.67 -3.52
N ASN C 290 -13.77 18.76 -4.17
CA ASN C 290 -13.81 18.75 -5.63
C ASN C 290 -14.70 19.92 -6.11
N ASN C 291 -14.58 20.28 -7.39
CA ASN C 291 -15.44 21.30 -7.95
C ASN C 291 -16.88 20.84 -8.13
N ARG C 292 -17.77 21.38 -7.30
CA ARG C 292 -19.16 21.00 -7.32
C ARG C 292 -20.12 22.18 -7.09
N LEU C 293 -21.41 21.91 -7.17
CA LEU C 293 -22.40 22.94 -6.91
C LEU C 293 -22.58 23.20 -5.43
N TRP C 294 -22.35 22.19 -4.60
CA TRP C 294 -22.47 22.37 -3.14
C TRP C 294 -21.35 21.74 -2.32
N PRO C 295 -20.23 22.47 -2.14
CA PRO C 295 -19.21 22.01 -1.21
C PRO C 295 -19.73 22.09 0.22
N LEU C 296 -19.23 21.21 1.09
CA LEU C 296 -19.62 21.22 2.50
C LEU C 296 -18.80 22.21 3.31
N ASN C 297 -19.16 22.38 4.59
CA ASN C 297 -18.53 23.33 5.51
C ASN C 297 -18.81 24.81 5.26
N LEU C 298 -19.58 25.09 4.21
CA LEU C 298 -19.90 26.47 3.86
C LEU C 298 -21.35 26.76 4.17
N TYR C 299 -21.61 27.35 5.34
CA TYR C 299 -22.99 27.67 5.71
C TYR C 299 -23.51 28.77 4.79
N LYS C 300 -24.71 28.57 4.28
CA LYS C 300 -25.28 29.39 3.21
C LYS C 300 -24.32 29.48 2.03
N GLY C 301 -23.44 28.53 2.00
CA GLY C 301 -22.45 28.42 0.97
C GLY C 301 -21.25 29.32 1.06
N VAL C 302 -21.07 30.07 2.12
CA VAL C 302 -19.97 30.99 2.23
C VAL C 302 -19.33 31.08 3.58
N VAL C 303 -20.06 30.78 4.62
CA VAL C 303 -19.58 30.90 5.95
C VAL C 303 -18.95 29.61 6.39
N TRP C 304 -17.68 29.68 6.70
CA TRP C 304 -16.91 28.52 7.14
C TRP C 304 -17.38 28.06 8.52
N GLU C 305 -17.92 26.85 8.58
CA GLU C 305 -18.68 26.39 9.76
C GLU C 305 -17.81 26.14 11.00
N ASP C 306 -16.51 25.88 10.79
CA ASP C 306 -15.59 25.70 11.90
C ASP C 306 -15.10 27.03 12.48
N ASN C 307 -15.12 28.08 11.67
CA ASN C 307 -14.77 29.42 12.13
C ASN C 307 -15.60 30.45 11.35
N PRO C 308 -16.79 30.78 11.88
CA PRO C 308 -17.77 31.57 11.13
C PRO C 308 -17.38 33.05 10.94
N LYS C 309 -16.15 33.40 11.29
CA LYS C 309 -15.60 34.73 11.01
C LYS C 309 -14.80 34.66 9.70
N PHE C 310 -14.79 33.48 9.11
CA PHE C 310 -14.08 33.27 7.88
C PHE C 310 -15.09 32.94 6.78
N PHE C 311 -14.90 33.58 5.63
CA PHE C 311 -15.84 33.46 4.52
C PHE C 311 -15.14 33.10 3.22
N TYR C 312 -15.88 32.41 2.37
CA TYR C 312 -15.42 32.05 1.02
C TYR C 312 -16.43 32.54 0.02
N ILE C 313 -15.95 33.24 -1.00
CA ILE C 313 -16.80 33.68 -2.08
C ILE C 313 -16.42 32.93 -3.35
N GLY C 314 -17.45 32.50 -4.07
CA GLY C 314 -17.27 31.93 -5.41
C GLY C 314 -16.62 30.56 -5.48
N MET C 315 -16.73 29.77 -4.41
CA MET C 315 -16.01 28.50 -4.34
C MET C 315 -16.78 27.32 -4.95
N GLN C 316 -18.05 27.58 -5.28
CA GLN C 316 -18.93 26.63 -5.95
C GLN C 316 -18.58 26.59 -7.44
N ASP C 317 -18.96 25.50 -8.12
CA ASP C 317 -18.87 25.49 -9.58
C ASP C 317 -19.86 26.51 -10.15
N GLN C 318 -19.61 26.99 -11.36
CA GLN C 318 -20.30 28.18 -11.86
C GLN C 318 -21.16 27.98 -13.10
N TRP C 319 -22.47 28.10 -12.89
CA TRP C 319 -23.41 28.26 -13.96
C TRP C 319 -23.63 29.75 -13.92
N TYR C 320 -24.13 30.19 -12.81
CA TYR C 320 -24.18 31.56 -12.49
C TYR C 320 -22.81 32.02 -12.09
N SER C 321 -22.45 33.28 -12.26
CA SER C 321 -21.18 33.76 -11.78
C SER C 321 -21.16 35.04 -11.01
N PHE C 322 -21.24 36.14 -11.72
CA PHE C 322 -21.08 37.43 -11.13
C PHE C 322 -22.25 37.76 -10.26
N ASN C 323 -23.46 37.42 -10.67
CA ASN C 323 -24.63 37.66 -9.84
C ASN C 323 -24.58 36.84 -8.56
N MET C 324 -24.04 35.65 -8.67
CA MET C 324 -23.89 34.76 -7.51
C MET C 324 -22.92 35.35 -6.48
N PHE C 325 -21.76 35.85 -6.94
CA PHE C 325 -20.73 36.39 -6.05
C PHE C 325 -21.29 37.58 -5.29
N ASP C 326 -22.05 38.42 -6.00
CA ASP C 326 -22.77 39.54 -5.40
C ASP C 326 -23.71 39.09 -4.27
N ALA C 327 -24.49 38.05 -4.56
CA ALA C 327 -25.40 37.48 -3.57
C ALA C 327 -24.62 37.04 -2.35
N GLN C 328 -23.50 36.37 -2.59
CA GLN C 328 -22.65 35.87 -1.54
C GLN C 328 -22.02 37.01 -0.75
N ALA C 329 -21.55 38.03 -1.47
CA ALA C 329 -20.85 39.18 -0.86
C ALA C 329 -21.78 40.04 0.01
N TRP C 330 -22.94 40.41 -0.52
CA TRP C 330 -23.97 41.07 0.29
C TRP C 330 -24.30 40.27 1.56
N TYR C 331 -24.54 38.96 1.41
CA TYR C 331 -24.84 38.12 2.56
C TYR C 331 -23.68 38.10 3.54
N ALA C 332 -22.45 37.97 3.01
CA ALA C 332 -21.25 37.96 3.83
C ALA C 332 -21.09 39.29 4.56
N ARG C 333 -21.32 40.39 3.84
CA ARG C 333 -21.30 41.73 4.41
C ARG C 333 -22.25 41.86 5.59
N ASP C 334 -23.47 41.39 5.42
CA ASP C 334 -24.51 41.50 6.43
C ASP C 334 -24.24 40.73 7.71
N VAL C 335 -23.59 39.57 7.58
CA VAL C 335 -23.15 38.78 8.74
C VAL C 335 -22.08 39.55 9.51
N ILE C 336 -21.05 40.00 8.79
CA ILE C 336 -19.98 40.81 9.37
C ILE C 336 -20.53 42.05 10.11
N MET C 337 -21.51 42.71 9.51
CA MET C 337 -22.09 43.94 10.09
C MET C 337 -23.14 43.69 11.19
N GLY C 338 -23.44 42.42 11.46
CA GLY C 338 -24.40 42.05 12.51
C GLY C 338 -25.85 42.18 12.13
N ARG C 339 -26.10 42.28 10.81
CA ARG C 339 -27.46 42.45 10.30
C ARG C 339 -28.22 41.13 10.25
N LEU C 340 -27.48 40.04 10.05
CA LEU C 340 -28.03 38.69 10.06
C LEU C 340 -27.26 37.84 11.05
N PRO C 341 -27.95 37.26 12.03
CA PRO C 341 -27.25 36.46 13.02
C PRO C 341 -26.93 35.07 12.48
N LEU C 342 -25.95 34.42 13.10
CA LEU C 342 -25.64 33.04 12.77
C LEU C 342 -26.31 32.07 13.73
N PRO C 343 -26.85 30.97 13.19
CA PRO C 343 -27.36 29.90 14.05
C PRO C 343 -26.18 29.11 14.62
N SER C 344 -26.43 28.19 15.55
CA SER C 344 -25.34 27.39 16.14
C SER C 344 -24.66 26.50 15.10
N LYS C 345 -23.46 26.03 15.41
CA LYS C 345 -22.71 25.17 14.48
C LYS C 345 -23.53 23.94 14.10
N GLU C 346 -24.14 23.29 15.10
CA GLU C 346 -24.97 22.11 14.87
C GLU C 346 -26.12 22.44 13.92
N GLU C 347 -26.73 23.61 14.12
CA GLU C 347 -27.79 24.10 13.25
C GLU C 347 -27.29 24.36 11.82
N MET C 348 -26.09 24.93 11.71
CA MET C 348 -25.48 25.18 10.40
C MET C 348 -25.16 23.88 9.68
N LYS C 349 -24.65 22.89 10.43
CA LYS C 349 -24.35 21.57 9.88
C LYS C 349 -25.57 20.93 9.22
N ALA C 350 -26.70 20.93 9.92
CA ALA C 350 -27.94 20.33 9.42
C ALA C 350 -28.43 21.01 8.14
N ASP C 351 -28.30 22.33 8.09
CA ASP C 351 -28.69 23.07 6.89
C ASP C 351 -27.83 22.65 5.68
N SER C 352 -26.51 22.66 5.85
CA SER C 352 -25.60 22.23 4.79
C SER C 352 -25.86 20.79 4.32
N MET C 353 -26.15 19.90 5.27
CA MET C 353 -26.49 18.51 4.96
C MET C 353 -27.75 18.44 4.07
N ALA C 354 -28.75 19.25 4.40
CA ALA C 354 -29.98 19.33 3.62
C ALA C 354 -29.74 19.74 2.16
N TRP C 355 -28.83 20.69 1.95
CA TRP C 355 -28.48 21.19 0.61
C TRP C 355 -27.66 20.21 -0.21
N ARG C 356 -26.83 19.42 0.47
CA ARG C 356 -26.03 18.40 -0.19
C ARG C 356 -26.93 17.24 -0.66
N GLU C 357 -27.85 16.81 0.19
CA GLU C 357 -28.84 15.78 -0.18
C GLU C 357 -29.51 16.16 -1.50
N LYS C 358 -29.98 17.40 -1.58
CA LYS C 358 -30.56 17.92 -2.81
C LYS C 358 -29.57 17.97 -3.97
N GLU C 359 -28.33 18.36 -3.69
CA GLU C 359 -27.30 18.41 -4.72
C GLU C 359 -27.04 17.03 -5.36
N LEU C 360 -27.25 15.97 -4.58
CA LEU C 360 -27.06 14.61 -5.10
C LEU C 360 -28.24 14.07 -5.92
N THR C 361 -29.40 14.71 -5.81
CA THR C 361 -30.59 14.30 -6.61
C THR C 361 -30.49 14.81 -8.05
N LEU C 362 -29.57 15.76 -8.27
CA LEU C 362 -29.41 16.46 -9.55
C LEU C 362 -28.81 15.61 -10.67
N VAL C 363 -29.44 15.64 -11.84
CA VAL C 363 -29.01 14.84 -12.99
C VAL C 363 -28.82 15.70 -14.24
N THR C 364 -29.84 16.49 -14.59
CA THR C 364 -29.84 17.27 -15.83
C THR C 364 -29.08 18.59 -15.70
N ALA C 365 -28.54 19.05 -16.83
CA ALA C 365 -27.94 20.37 -16.92
C ALA C 365 -28.90 21.42 -16.38
N GLU C 366 -30.18 21.31 -16.78
CA GLU C 366 -31.24 22.21 -16.37
C GLU C 366 -31.47 22.23 -14.85
N GLU C 367 -31.46 21.04 -14.25
CA GLU C 367 -31.67 20.88 -12.81
C GLU C 367 -30.51 21.54 -12.06
N MET C 368 -29.31 21.38 -12.61
CA MET C 368 -28.10 21.90 -11.97
C MET C 368 -28.07 23.41 -11.78
N TYR C 369 -28.32 24.18 -12.83
CA TYR C 369 -28.36 25.64 -12.66
C TYR C 369 -29.59 26.16 -11.92
N THR C 370 -30.70 25.41 -11.96
CA THR C 370 -31.91 25.79 -11.23
C THR C 370 -31.69 25.67 -9.73
N TYR C 371 -30.98 24.62 -9.33
CA TYR C 371 -30.47 24.47 -7.97
C TYR C 371 -29.67 25.71 -7.57
N GLN C 372 -28.65 26.06 -8.37
CA GLN C 372 -27.86 27.29 -8.14
C GLN C 372 -28.74 28.53 -8.12
N GLY C 373 -29.72 28.57 -9.03
CA GLY C 373 -30.74 29.62 -9.06
C GLY C 373 -31.46 29.80 -7.74
N ASP C 374 -31.91 28.69 -7.14
CA ASP C 374 -32.60 28.74 -5.85
C ASP C 374 -31.68 29.15 -4.70
N TYR C 375 -30.45 28.66 -4.72
CA TYR C 375 -29.40 29.05 -3.76
C TYR C 375 -29.22 30.57 -3.68
N ILE C 376 -29.06 31.19 -4.85
CA ILE C 376 -28.96 32.65 -4.97
C ILE C 376 -30.23 33.40 -4.49
N GLN C 377 -31.41 32.94 -4.90
CA GLN C 377 -32.69 33.51 -4.45
C GLN C 377 -32.79 33.50 -2.93
N ASN C 378 -32.27 32.43 -2.31
CA ASN C 378 -32.18 32.33 -0.86
C ASN C 378 -31.19 33.35 -0.25
N LEU C 379 -30.05 33.55 -0.91
CA LEU C 379 -29.10 34.57 -0.48
C LEU C 379 -29.73 35.97 -0.61
N ILE C 380 -30.25 36.26 -1.80
CA ILE C 380 -30.81 37.57 -2.12
C ILE C 380 -31.88 38.05 -1.15
N ASP C 381 -32.85 37.19 -0.84
CA ASP C 381 -33.96 37.55 0.05
C ASP C 381 -33.55 38.04 1.45
N MET C 382 -32.33 37.74 1.89
CA MET C 382 -31.86 38.15 3.22
C MET C 382 -31.17 39.52 3.25
N THR C 383 -30.72 39.97 2.08
CA THR C 383 -29.95 41.21 1.98
C THR C 383 -30.77 42.29 1.24
N ASP C 384 -30.24 43.50 1.18
CA ASP C 384 -30.88 44.55 0.36
C ASP C 384 -30.34 44.55 -1.07
N TYR C 385 -29.71 43.44 -1.47
CA TYR C 385 -29.33 43.24 -2.86
C TYR C 385 -30.60 43.20 -3.70
N PRO C 386 -30.66 44.00 -4.78
CA PRO C 386 -31.86 44.12 -5.63
C PRO C 386 -32.36 42.79 -6.15
N SER C 387 -33.67 42.57 -6.09
CA SER C 387 -34.29 41.41 -6.71
C SER C 387 -34.00 41.44 -8.21
N PHE C 388 -33.86 40.28 -8.81
CA PHE C 388 -33.89 40.18 -10.27
C PHE C 388 -34.51 38.86 -10.67
N ASP C 389 -34.98 38.79 -11.91
CA ASP C 389 -35.77 37.66 -12.34
C ASP C 389 -34.93 36.41 -12.56
N ILE C 390 -34.90 35.58 -11.53
CA ILE C 390 -34.11 34.35 -11.52
C ILE C 390 -34.73 33.25 -12.42
N PRO C 391 -36.04 32.98 -12.28
CA PRO C 391 -36.65 32.06 -13.25
C PRO C 391 -36.39 32.49 -14.70
N ALA C 392 -36.52 33.78 -14.99
CA ALA C 392 -36.23 34.31 -16.33
C ALA C 392 -34.78 34.07 -16.72
N THR C 393 -33.87 34.16 -15.74
CA THR C 393 -32.45 33.85 -15.98
C THR C 393 -32.25 32.36 -16.29
N ASN C 394 -32.98 31.51 -15.56
CA ASN C 394 -32.95 30.06 -15.78
C ASN C 394 -33.44 29.66 -17.17
N LYS C 395 -34.49 30.34 -17.66
CA LYS C 395 -34.98 30.17 -19.03
C LYS C 395 -33.98 30.68 -20.07
N THR C 396 -33.25 31.74 -19.71
CA THR C 396 -32.19 32.25 -20.56
C THR C 396 -31.04 31.24 -20.59
N PHE C 397 -30.80 30.60 -19.43
CA PHE C 397 -29.92 29.44 -19.39
C PHE C 397 -30.46 28.30 -20.25
N LEU C 398 -31.79 28.12 -20.24
CA LEU C 398 -32.43 27.05 -21.03
C LEU C 398 -32.30 27.26 -22.54
N GLU C 399 -32.43 28.51 -22.98
CA GLU C 399 -32.19 28.85 -24.39
C GLU C 399 -30.72 28.70 -24.75
N TRP C 400 -29.84 29.09 -23.82
CA TRP C 400 -28.40 28.91 -23.98
C TRP C 400 -28.03 27.47 -24.29
N LYS C 401 -28.52 26.55 -23.47
CA LYS C 401 -28.23 25.12 -23.63
C LYS C 401 -28.75 24.56 -24.97
N HIS C 402 -29.72 25.24 -25.58
CA HIS C 402 -30.22 24.87 -26.90
C HIS C 402 -29.31 25.31 -28.04
N HIS C 403 -28.91 26.58 -28.04
CA HIS C 403 -28.07 27.16 -29.09
C HIS C 403 -26.76 26.40 -29.29
N LYS C 404 -26.18 25.94 -28.18
CA LYS C 404 -24.96 25.15 -28.20
C LYS C 404 -25.17 23.76 -28.79
N LYS C 405 -26.33 23.16 -28.49
CA LYS C 405 -26.69 21.84 -29.00
C LYS C 405 -26.80 21.84 -30.53
N GLU C 406 -27.46 22.86 -31.08
CA GLU C 406 -27.71 22.98 -32.52
C GLU C 406 -26.40 23.08 -33.31
N ASN C 407 -25.54 24.00 -32.89
CA ASN C 407 -24.18 24.08 -33.39
C ASN C 407 -23.31 24.82 -32.39
N ILE C 408 -22.34 24.10 -31.81
CA ILE C 408 -21.44 24.62 -30.78
C ILE C 408 -20.40 25.59 -31.34
N MET C 409 -20.39 25.76 -32.66
CA MET C 409 -19.50 26.70 -33.32
C MET C 409 -20.23 27.97 -33.72
N THR C 410 -21.52 28.05 -33.37
CA THR C 410 -22.38 29.16 -33.75
C THR C 410 -23.13 29.75 -32.56
N PHE C 411 -22.98 29.10 -31.40
CA PHE C 411 -23.80 29.44 -30.22
C PHE C 411 -23.67 30.89 -29.74
N ARG C 412 -22.48 31.46 -29.88
CA ARG C 412 -22.21 32.84 -29.44
C ARG C 412 -22.74 33.90 -30.40
N ASP C 413 -23.51 33.47 -31.41
CA ASP C 413 -24.09 34.38 -32.40
C ASP C 413 -25.57 34.71 -32.12
N HIS C 414 -26.10 34.20 -31.00
CA HIS C 414 -27.47 34.47 -30.59
C HIS C 414 -27.55 35.59 -29.56
N SER C 415 -28.67 36.33 -29.56
CA SER C 415 -28.88 37.46 -28.64
C SER C 415 -29.89 37.12 -27.55
N TYR C 416 -29.83 37.83 -26.44
CA TYR C 416 -30.70 37.55 -25.30
C TYR C 416 -31.16 38.84 -24.63
N ARG C 417 -32.27 38.77 -23.90
CA ARG C 417 -32.82 39.94 -23.23
C ARG C 417 -32.20 40.17 -21.85
N SER C 418 -31.82 41.42 -21.56
CA SER C 418 -31.45 41.80 -20.21
C SER C 418 -32.64 41.59 -19.28
N LEU C 419 -32.38 40.87 -18.20
CA LEU C 419 -33.41 40.57 -17.21
C LEU C 419 -33.37 41.65 -16.11
N MET C 420 -32.48 42.61 -16.29
CA MET C 420 -32.35 43.77 -15.40
C MET C 420 -33.09 44.97 -15.97
N THR C 421 -32.71 45.39 -17.17
CA THR C 421 -33.30 46.57 -17.82
C THR C 421 -34.56 46.26 -18.60
N GLY C 422 -34.61 45.07 -19.20
CA GLY C 422 -35.65 44.69 -20.15
C GLY C 422 -35.14 44.82 -21.58
N THR C 423 -34.02 45.52 -21.73
CA THR C 423 -33.36 45.75 -23.02
C THR C 423 -32.94 44.45 -23.70
N MET C 424 -33.46 44.21 -24.90
CA MET C 424 -33.04 43.07 -25.73
C MET C 424 -31.69 43.36 -26.40
N ALA C 425 -30.78 42.40 -26.32
CA ALA C 425 -29.45 42.52 -26.94
C ALA C 425 -29.53 42.54 -28.47
N PRO C 426 -28.60 43.25 -29.13
CA PRO C 426 -28.52 43.24 -30.59
C PRO C 426 -27.69 42.07 -31.08
N LYS C 427 -27.49 41.98 -32.40
CA LYS C 427 -26.61 40.98 -32.98
C LYS C 427 -25.31 41.64 -33.41
N HIS C 428 -24.21 40.90 -33.32
CA HIS C 428 -22.89 41.49 -33.53
C HIS C 428 -22.56 41.75 -35.00
N HIS C 429 -21.82 42.83 -35.23
CA HIS C 429 -21.43 43.25 -36.58
C HIS C 429 -20.56 42.21 -37.28
N THR C 430 -20.16 41.18 -36.56
CA THR C 430 -19.36 40.10 -37.11
C THR C 430 -19.69 38.79 -36.38
N PRO C 431 -19.98 37.72 -37.15
CA PRO C 431 -20.14 36.38 -36.57
C PRO C 431 -18.86 35.93 -35.86
N TRP C 432 -19.03 35.21 -34.74
CA TRP C 432 -17.90 34.80 -33.91
C TRP C 432 -16.80 34.10 -34.71
N ILE C 433 -17.19 33.18 -35.59
CA ILE C 433 -16.25 32.40 -36.40
C ILE C 433 -15.32 33.26 -37.25
N ASP C 434 -15.72 34.51 -37.50
CA ASP C 434 -15.00 35.43 -38.38
C ASP C 434 -14.37 36.62 -37.67
N ALA C 435 -14.59 36.73 -36.36
CA ALA C 435 -14.01 37.83 -35.57
C ALA C 435 -12.63 37.47 -35.03
N LEU C 436 -11.62 37.59 -35.88
CA LEU C 436 -10.24 37.26 -35.53
C LEU C 436 -9.63 38.24 -34.53
N ASP C 437 -10.02 39.52 -34.65
CA ASP C 437 -9.48 40.55 -33.76
C ASP C 437 -10.00 40.39 -32.35
N ASP C 438 -9.10 40.59 -31.41
CA ASP C 438 -9.32 40.31 -30.01
C ASP C 438 -9.90 41.52 -29.28
N SER C 439 -9.54 42.71 -29.76
CA SER C 439 -9.66 43.98 -29.00
C SER C 439 -11.06 44.54 -28.81
N LEU C 440 -11.22 45.22 -27.68
CA LEU C 440 -12.43 45.96 -27.31
C LEU C 440 -12.73 47.10 -28.31
N GLU C 441 -11.66 47.72 -28.83
CA GLU C 441 -11.79 48.75 -29.87
C GLU C 441 -12.56 48.22 -31.08
N ALA C 442 -12.29 46.96 -31.45
CA ALA C 442 -12.93 46.31 -32.59
C ALA C 442 -14.38 45.89 -32.29
N TYR C 443 -14.61 45.39 -31.08
CA TYR C 443 -15.93 44.89 -30.68
C TYR C 443 -16.96 46.01 -30.60
N LEU C 444 -16.51 47.16 -30.14
CA LEU C 444 -17.38 48.28 -29.93
C LEU C 444 -17.43 49.28 -31.12
N SER C 445 -16.65 48.96 -32.14
CA SER C 445 -16.59 49.66 -33.39
C SER C 445 -17.54 48.97 -34.32
N ASP C 446 -17.32 49.17 -35.63
CA ASP C 446 -18.02 48.47 -36.74
C ASP C 446 -17.14 47.80 -37.79
N LYS C 447 -17.26 46.49 -37.88
CA LYS C 447 -16.55 45.62 -38.84
C LYS C 447 -15.25 46.20 -39.42
PA FAD D . 20.25 -19.02 15.59
O1A FAD D . 19.73 -18.36 14.35
O2A FAD D . 20.96 -20.30 15.28
O5B FAD D . 19.09 -19.26 16.67
C5B FAD D . 18.07 -18.33 16.90
C4B FAD D . 17.01 -19.08 17.66
O4B FAD D . 16.03 -18.18 18.12
C3B FAD D . 16.29 -20.11 16.80
O3B FAD D . 16.13 -21.32 17.50
C2B FAD D . 14.93 -19.48 16.55
O2B FAD D . 13.93 -20.45 16.37
C1B FAD D . 14.74 -18.64 17.80
N9A FAD D . 13.83 -17.52 17.61
C8A FAD D . 13.95 -16.46 16.73
N7A FAD D . 12.89 -15.64 16.92
C5A FAD D . 12.10 -16.15 17.88
C6A FAD D . 10.90 -15.73 18.46
N6A FAD D . 10.28 -14.62 18.04
N1A FAD D . 10.34 -16.49 19.45
C2A FAD D . 10.93 -17.66 19.87
N3A FAD D . 12.12 -18.07 19.30
C4A FAD D . 12.69 -17.33 18.33
N1 FAD D . 28.45 -20.98 11.84
C2 FAD D . 29.57 -21.78 11.99
O2 FAD D . 30.36 -21.61 12.91
N3 FAD D . 29.81 -22.80 11.09
C4 FAD D . 28.95 -23.03 10.04
O4 FAD D . 29.21 -23.95 9.26
C4X FAD D . 27.82 -22.22 9.89
N5 FAD D . 26.94 -22.44 8.84
C5X FAD D . 25.83 -21.64 8.68
C6 FAD D . 24.97 -21.89 7.61
C7 FAD D . 23.85 -21.09 7.42
C7M FAD D . 22.95 -21.39 6.24
C8 FAD D . 23.57 -20.04 8.31
C8M FAD D . 22.37 -19.15 8.17
C9 FAD D . 24.44 -19.81 9.39
C9A FAD D . 25.58 -20.59 9.59
N10 FAD D . 26.45 -20.38 10.65
C10 FAD D . 27.57 -21.19 10.79
C1' FAD D . 26.35 -19.14 11.51
C2' FAD D . 25.23 -19.23 12.55
O2' FAD D . 24.77 -17.91 12.80
C3' FAD D . 25.69 -19.83 13.86
O3' FAD D . 26.29 -21.09 13.62
C4' FAD D . 24.59 -20.04 14.92
O4' FAD D . 23.48 -20.69 14.36
C5' FAD D . 24.14 -18.77 15.62
O5' FAD D . 23.30 -19.17 16.70
P FAD D . 22.28 -18.12 17.38
O1P FAD D . 21.65 -18.79 18.59
O2P FAD D . 22.91 -16.78 17.66
O3P FAD D . 21.16 -17.87 16.25
PA NAP E . 26.41 -12.24 3.68
O1A NAP E . 27.72 -12.69 4.23
O2A NAP E . 25.88 -11.08 4.44
O5B NAP E . 26.57 -11.89 2.11
C5B NAP E . 25.52 -11.35 1.36
C4B NAP E . 25.95 -11.19 -0.10
O4B NAP E . 24.87 -10.69 -0.87
C3B NAP E . 27.11 -10.21 -0.27
O3B NAP E . 28.09 -10.82 -1.07
C2B NAP E . 26.51 -9.03 -1.00
O2B NAP E . 27.41 -8.50 -1.94
C1B NAP E . 25.33 -9.66 -1.71
N9A NAP E . 24.30 -8.66 -2.09
C8A NAP E . 23.55 -7.85 -1.27
N7A NAP E . 22.74 -7.10 -2.04
C5A NAP E . 22.96 -7.41 -3.34
C6A NAP E . 22.41 -6.94 -4.53
N6A NAP E . 21.48 -5.99 -4.53
N1A NAP E . 22.86 -7.47 -5.74
C2A NAP E . 23.83 -8.44 -5.76
N3A NAP E . 24.37 -8.90 -4.57
C4A NAP E . 23.93 -8.38 -3.38
O3 NAP E . 25.38 -13.47 3.70
PN NAP E . 25.57 -15.05 3.36
O1N NAP E . 26.52 -15.17 2.23
O2N NAP E . 24.22 -15.65 3.24
O5D NAP E . 26.25 -15.62 4.71
C5D NAP E . 25.67 -15.36 5.97
C4D NAP E . 26.05 -16.42 7.00
O4D NAP E . 25.55 -17.68 6.59
C3D NAP E . 27.56 -16.57 7.20
O3D NAP E . 27.87 -16.68 8.57
C2D NAP E . 27.90 -17.87 6.52
O2D NAP E . 28.95 -18.54 7.17
C1D NAP E . 26.59 -18.64 6.60
N1N NAP E . 26.47 -19.65 5.53
C2N NAP E . 27.16 -20.83 5.70
C3N NAP E . 27.10 -21.86 4.78
C7N NAP E . 27.77 -23.18 5.08
O7N NAP E . 28.27 -23.99 4.05
N7N NAP E . 27.90 -23.59 6.36
C4N NAP E . 26.32 -21.67 3.63
C5N NAP E . 25.62 -20.46 3.44
C6N NAP E . 25.69 -19.46 4.41
P2B NAP E . 28.34 -7.23 -1.61
O1X NAP E . 29.79 -7.67 -1.55
O2X NAP E . 28.09 -6.22 -2.70
O3X NAP E . 28.00 -6.62 -0.27
PA FAD F . -7.14 -9.72 1.77
O1A FAD F . -6.28 -10.91 2.11
O2A FAD F . -7.45 -9.67 0.29
O5B FAD F . -6.47 -8.37 2.28
C5B FAD F . -5.94 -8.22 3.58
C4B FAD F . -5.00 -7.01 3.56
O4B FAD F . -4.50 -6.76 4.86
C3B FAD F . -3.80 -7.24 2.65
O3B FAD F . -3.64 -6.05 1.91
C2B FAD F . -2.65 -7.46 3.60
O2B FAD F . -1.41 -7.02 3.07
C1B FAD F . -3.09 -6.65 4.81
N9A FAD F . -2.50 -7.09 6.08
C8A FAD F . -2.49 -8.34 6.65
N7A FAD F . -1.84 -8.25 7.82
C5A FAD F . -1.42 -6.98 8.02
C6A FAD F . -0.72 -6.33 9.02
N6A FAD F . -0.16 -6.99 10.02
N1A FAD F . -0.47 -4.97 8.91
C2A FAD F . -0.88 -4.26 7.80
N3A FAD F . -1.56 -4.92 6.82
C4A FAD F . -1.84 -6.24 6.93
N1 FAD F . -12.61 -14.28 -4.10
C2 FAD F . -13.48 -14.13 -5.16
O2 FAD F . -14.57 -13.61 -4.99
N3 FAD F . -13.14 -14.54 -6.42
C4 FAD F . -11.92 -15.13 -6.63
O4 FAD F . -11.64 -15.51 -7.77
C4X FAD F . -11.03 -15.31 -5.56
N5 FAD F . -9.81 -15.89 -5.77
C5X FAD F . -8.93 -16.07 -4.72
C6 FAD F . -7.70 -16.66 -4.98
C7 FAD F . -6.79 -16.85 -3.96
C7M FAD F . -5.47 -17.51 -4.26
C8 FAD F . -7.12 -16.44 -2.66
C8M FAD F . -6.16 -16.64 -1.53
C9 FAD F . -8.35 -15.84 -2.41
C9A FAD F . -9.28 -15.64 -3.44
N10 FAD F . -10.52 -15.03 -3.23
C10 FAD F . -11.38 -14.87 -4.29
C1' FAD F . -11.05 -14.72 -1.85
C2' FAD F . -10.46 -13.45 -1.25
O2' FAD F . -10.34 -13.67 0.14
C3' FAD F . -11.33 -12.22 -1.43
O3' FAD F . -11.49 -11.99 -2.81
C4' FAD F . -10.72 -10.95 -0.85
O4' FAD F . -9.52 -10.69 -1.54
C5' FAD F . -10.46 -10.96 0.66
O5' FAD F . -10.43 -9.61 1.03
P FAD F . -9.83 -9.07 2.41
O1P FAD F . -9.60 -7.58 2.22
O2P FAD F . -10.71 -9.38 3.59
O3P FAD F . -8.46 -9.86 2.67
C1 GOL G . 2.53 5.55 1.75
O1 GOL G . 1.70 5.86 2.84
C2 GOL G . 2.18 6.39 0.52
O2 GOL G . 2.02 5.57 -0.62
C3 GOL G . 3.27 7.45 0.31
O3 GOL G . 3.70 7.50 -1.03
PA NAP H . -10.12 -24.38 1.71
O1A NAP H . -11.36 -24.22 0.91
O2A NAP H . -10.36 -24.17 3.16
O5B NAP H . -9.49 -25.83 1.43
C5B NAP H . -8.73 -26.57 2.36
C4B NAP H . -8.53 -27.93 1.72
O4B NAP H . -7.42 -28.57 2.32
C3B NAP H . -9.72 -28.88 1.89
O3B NAP H . -9.93 -29.60 0.68
C2B NAP H . -9.27 -29.81 2.98
O2B NAP H . -9.87 -31.09 2.91
C1B NAP H . -7.79 -29.91 2.64
N9A NAP H . -6.96 -30.44 3.74
C8A NAP H . -6.74 -29.86 4.97
N7A NAP H . -5.91 -30.66 5.68
C5A NAP H . -5.61 -31.74 4.92
C6A NAP H . -4.82 -32.86 5.15
N6A NAP H . -4.18 -33.01 6.30
N1A NAP H . -4.69 -33.83 4.16
C2A NAP H . -5.34 -33.67 2.96
N3A NAP H . -6.12 -32.56 2.74
C4A NAP H . -6.26 -31.61 3.70
O3 NAP H . -9.00 -23.40 1.07
PN NAP H . -8.45 -23.30 -0.45
O1N NAP H . -8.85 -24.47 -1.28
O2N NAP H . -7.01 -22.96 -0.37
O5D NAP H . -9.23 -21.99 -0.96
C5D NAP H . -9.54 -20.97 -0.05
C4D NAP H . -9.91 -19.71 -0.82
O4D NAP H . -8.99 -19.47 -1.86
C3D NAP H . -11.28 -19.84 -1.44
O3D NAP H . -12.00 -18.68 -1.11
C2D NAP H . -11.01 -19.91 -2.92
O2D NAP H . -11.97 -19.23 -3.69
C1D NAP H . -9.68 -19.20 -3.06
N1N NAP H . -8.93 -19.59 -4.25
C2N NAP H . -9.41 -19.22 -5.50
C3N NAP H . -8.72 -19.54 -6.65
C7N NAP H . -9.03 -18.83 -7.95
O7N NAP H . -8.75 -19.49 -9.18
N7N NAP H . -9.56 -17.61 -7.95
C4N NAP H . -7.54 -20.27 -6.54
C5N NAP H . -7.06 -20.65 -5.29
C6N NAP H . -7.77 -20.30 -4.14
P2B NAP H . -11.28 -31.42 3.63
O1X NAP H . -12.33 -30.59 2.93
O2X NAP H . -11.56 -32.89 3.45
O3X NAP H . -11.23 -31.03 5.10
PA FAD I . -10.70 34.86 -9.91
O1A FAD I . -9.78 33.74 -10.32
O2A FAD I . -11.24 35.61 -11.09
O5B FAD I . -9.98 35.90 -8.92
C5B FAD I . -9.13 35.50 -7.87
C4B FAD I . -8.19 36.66 -7.52
O4B FAD I . -7.53 36.38 -6.30
C3B FAD I . -7.13 36.89 -8.58
O3B FAD I . -7.05 38.26 -8.85
C2B FAD I . -5.85 36.37 -7.94
O2B FAD I . -4.70 37.07 -8.36
C1B FAD I . -6.14 36.59 -6.47
N9A FAD I . -5.36 35.70 -5.60
C8A FAD I . -5.34 34.33 -5.57
N7A FAD I . -4.48 33.95 -4.60
C5A FAD I . -3.95 35.05 -4.01
C6A FAD I . -3.04 35.24 -2.99
N6A FAD I . -2.34 34.23 -2.50
N1A FAD I . -2.70 36.52 -2.61
C2A FAD I . -3.25 37.61 -3.25
N3A FAD I . -4.16 37.42 -4.27
C4A FAD I . -4.51 36.16 -4.63
N1 FAD I . -17.22 32.80 -15.83
C2 FAD I . -18.29 33.37 -16.48
O2 FAD I . -19.30 33.69 -15.86
N3 FAD I . -18.19 33.59 -17.85
C4 FAD I . -17.06 33.24 -18.54
O4 FAD I . -16.99 33.44 -19.75
C4X FAD I . -15.99 32.65 -17.88
N5 FAD I . -14.84 32.29 -18.57
C5X FAD I . -13.79 31.71 -17.91
C6 FAD I . -12.67 31.36 -18.64
C7 FAD I . -11.57 30.77 -17.99
C7M FAD I . -10.36 30.41 -18.79
C8 FAD I . -11.63 30.53 -16.62
C8M FAD I . -10.46 29.89 -15.92
C9 FAD I . -12.77 30.89 -15.88
C9A FAD I . -13.87 31.49 -16.52
N10 FAD I . -15.02 31.87 -15.83
C10 FAD I . -16.07 32.44 -16.51
C1' FAD I . -15.28 31.53 -14.40
C2' FAD I . -14.57 32.47 -13.44
O2' FAD I . -14.31 31.69 -12.30
C3' FAD I . -15.39 33.69 -12.98
O3' FAD I . -15.83 34.48 -14.07
C4' FAD I . -14.57 34.65 -12.10
O4' FAD I . -13.34 34.94 -12.73
C5' FAD I . -14.33 34.12 -10.69
O5' FAD I . -14.11 35.24 -9.88
P FAD I . -13.14 35.15 -8.60
O1P FAD I . -12.68 36.56 -8.28
O2P FAD I . -13.81 34.52 -7.41
O3P FAD I . -11.92 34.23 -9.06
O1 MES J . 0.51 53.25 6.56
C2 MES J . -0.66 53.24 7.40
C3 MES J . -1.26 51.79 7.44
N4 MES J . -0.10 50.90 7.43
C5 MES J . 1.17 51.33 8.00
C6 MES J . 1.64 52.52 7.15
C7 MES J . -0.21 49.56 6.86
C8 MES J . 0.17 49.65 5.38
S MES J . 1.66 48.95 5.11
O1S MES J . 1.73 48.51 3.69
O2S MES J . 2.73 49.94 5.35
O3S MES J . 1.86 47.78 5.99
PA NAP K . -14.19 21.32 -15.72
O1A NAP K . -15.56 21.78 -16.05
O2A NAP K . -14.12 20.82 -14.32
O5B NAP K . -13.70 20.21 -16.78
C5B NAP K . -12.62 19.34 -16.54
C4B NAP K . -12.86 18.09 -17.35
O4B NAP K . -11.67 17.34 -17.50
C3B NAP K . -13.88 17.19 -16.69
O3B NAP K . -15.08 17.18 -17.43
C2B NAP K . -13.25 15.81 -16.72
O2B NAP K . -14.09 14.87 -17.33
C1B NAP K . -11.99 15.96 -17.53
N9A NAP K . -10.93 15.12 -16.93
C8A NAP K . -10.50 15.16 -15.62
N7A NAP K . -9.54 14.22 -15.46
C5A NAP K . -9.35 13.58 -16.64
C6A NAP K . -8.49 12.56 -17.02
N6A NAP K . -7.65 12.02 -16.14
N1A NAP K . -8.52 12.09 -18.32
C2A NAP K . -9.41 12.65 -19.24
N3A NAP K . -10.25 13.67 -18.85
C4A NAP K . -10.22 14.13 -17.58
O3 NAP K . -13.13 22.48 -15.99
PN NAP K . -12.83 23.34 -17.33
O1N NAP K . -13.48 22.66 -18.46
O2N NAP K . -11.37 23.60 -17.40
O5D NAP K . -13.60 24.71 -17.05
C5D NAP K . -13.95 25.14 -15.75
C4D NAP K . -14.52 26.56 -15.79
O4D NAP K . -13.76 27.36 -16.67
C3D NAP K . -15.96 26.56 -16.28
O3D NAP K . -16.77 27.18 -15.32
C2D NAP K . -15.94 27.37 -17.57
O2D NAP K . -16.99 28.30 -17.62
C1D NAP K . -14.62 28.11 -17.53
N1N NAP K . -14.05 28.29 -18.88
C2N NAP K . -14.73 29.03 -19.82
C3N NAP K . -14.22 29.24 -21.09
C7N NAP K . -14.64 30.49 -21.83
O7N NAP K . -14.11 30.76 -23.11
N7N NAP K . -15.50 31.33 -21.25
C4N NAP K . -12.98 28.68 -21.41
C5N NAP K . -12.29 27.93 -20.47
C6N NAP K . -12.83 27.75 -19.19
P2B NAP K . -15.01 13.94 -16.42
O1X NAP K . -16.34 13.80 -17.09
O2X NAP K . -14.34 12.60 -16.28
O3X NAP K . -15.21 14.57 -15.05
#